data_4KPE
#
_entry.id   4KPE
#
_cell.length_a   157.830
_cell.length_b   157.830
_cell.length_c   210.710
_cell.angle_alpha   90.00
_cell.angle_beta   90.00
_cell.angle_gamma   120.00
#
_symmetry.space_group_name_H-M   'P 31 2 1'
#
loop_
_entity.id
_entity.type
_entity.pdbx_description
1 polymer 'DNA topoisomerase 4 subunit A'
2 polymer 'DNA topoisomerase 4 subunit B'
3 polymer 'E-site DNA1'
4 polymer 'E-site DNA2'
5 polymer 'E-site DNA3'
6 polymer 'E-site DNA4'
7 non-polymer 'MAGNESIUM ION'
8 non-polymer "(7aR,8R)-8-amino-4-cyclopropyl-12-fluoro-1-oxo-4,7,7a,8,9,10-hexahydro-1H-pyrrolo[1',2':1,7]azepino[2,3-h]quinoline-2-carboxylic acid"
9 water water
#
loop_
_entity_poly.entity_id
_entity_poly.type
_entity_poly.pdbx_seq_one_letter_code
_entity_poly.pdbx_strand_id
1 'polypeptide(L)'
;MSNIQNMSLEDIMGERFGRYSKYIIQDRALPDIRDGLKPVQRRILYSMNKDSNTFDKSYRKSAKSVGNIMGNFHPHGDSS
IYDAMVRMSQNWKNREILVEMHGNNGSMDGDPPAAMRYTEARLSEIAGYLLQDIEKKTVPFAWNFDDTEKEPTVLPAAFP
NLLVNGSTGISAGYATDIPPHNLAEVIDAAVYMIDHPTAKIDKLMEFLPGPDFPTGAIIQGRDEIKKAYETGKGRVVVRS
KTEIEKLKGGKEQIVITEIPYEINKANLVKKIDDVRVNNKVAGIAEVRDESDRDGLRIAIELKKDANTELVLNYLFKYTD
LQINYNFNMVAIDNFTPRQVGIVPILSSYIAHRREVILARSRFDKEKAEKRLHIVEGLIRVISILDEVIALIRASENKAD
AKENLKVSYDFTEEQAEAIVTLQLYRLTNTDVVVLQEEEAELREKIAMLAAIIGDERTMYNLMKKELREVKKKFATPRLS
SLEDTAKALEHHHHHH
;
A,B
2 'polypeptide(L)'
;MGHHHHHHHHHHSSGHIDDDDKHMKNKKDKGLLSGKLTPAQSKNPAKNELYLVEGDSAGGSAKQGRDRKFQAILPLRGKV
INTAKAKMADILKNEEINTMIYTIGAGVGADFSIEDANYDKIIIMTDADTDGAHIQTLLLTFFYRYMRPLVEAGHVYIAL
PPLYKMSKGKGKKEEVAYAWTDGELEELRKQFGKGATLQRYKGLGEMNADQLWETTMNPETRTLIRVTIEDLARAERRVN
VLMGDKVEPRRKWIEDNVKFTLEEATVF
;
C,D
3 'polydeoxyribonucleotide' (DC)(DA)(DT)(DG)(DA)(DA)(DT) E
4 'polydeoxyribonucleotide' (DA)(DG)(DT)(DC)(DA)(DT)(DT)(DC)(DA)(DT)(DG) F
5 'polydeoxyribonucleotide' (DC)(DG)(DT)(DG)(DC)(DA)(DT) G
6 'polydeoxyribonucleotide' (DG)(DA)(DC)(DT)(DA)(DT)(DG)(DC)(DA)(DC)(DG) H
#
# COMPACT_ATOMS: atom_id res chain seq x y z
N ASN A 3 -16.08 10.85 35.81
CA ASN A 3 -14.65 11.11 35.66
C ASN A 3 -13.79 9.89 35.97
N ILE A 4 -14.36 8.92 36.69
CA ILE A 4 -13.62 7.69 37.01
C ILE A 4 -14.51 6.56 37.58
N GLN A 5 -14.40 5.37 36.99
CA GLN A 5 -15.22 4.23 37.37
C GLN A 5 -14.35 3.03 37.77
N ASN A 6 -14.64 2.45 38.93
CA ASN A 6 -13.90 1.26 39.36
C ASN A 6 -14.45 0.00 38.71
N MET A 7 -13.57 -0.96 38.47
CA MET A 7 -13.97 -2.27 37.96
C MET A 7 -13.03 -3.31 38.59
N SER A 8 -13.53 -4.52 38.82
CA SER A 8 -12.72 -5.55 39.43
C SER A 8 -11.66 -6.07 38.47
N LEU A 9 -10.49 -6.41 38.99
CA LEU A 9 -9.48 -7.09 38.18
C LEU A 9 -10.12 -8.33 37.54
N GLU A 10 -10.89 -9.08 38.33
CA GLU A 10 -11.57 -10.29 37.84
C GLU A 10 -12.54 -9.97 36.71
N ASP A 11 -13.27 -8.86 36.85
CA ASP A 11 -14.19 -8.41 35.82
C ASP A 11 -13.47 -7.82 34.59
N ILE A 12 -12.47 -6.97 34.82
CA ILE A 12 -11.77 -6.33 33.71
C ILE A 12 -11.06 -7.39 32.85
N MET A 13 -10.41 -8.36 33.50
CA MET A 13 -9.74 -9.45 32.77
C MET A 13 -10.76 -10.36 32.08
N GLY A 14 -12.01 -10.27 32.52
CA GLY A 14 -13.08 -11.07 31.93
C GLY A 14 -13.49 -10.53 30.57
N GLU A 15 -14.07 -9.32 30.55
CA GLU A 15 -14.47 -8.67 29.30
C GLU A 15 -13.32 -8.59 28.28
N ARG A 16 -12.11 -8.32 28.76
CA ARG A 16 -10.98 -8.23 27.85
C ARG A 16 -10.66 -9.55 27.16
N PHE A 17 -10.40 -10.60 27.93
CA PHE A 17 -10.01 -11.87 27.34
C PHE A 17 -11.10 -12.56 26.52
N GLY A 18 -12.34 -12.47 27.00
CA GLY A 18 -13.46 -12.97 26.24
C GLY A 18 -13.58 -12.26 24.90
N ARG A 19 -13.46 -10.93 24.93
CA ARG A 19 -13.57 -10.14 23.71
C ARG A 19 -12.57 -10.62 22.66
N TYR A 20 -11.32 -10.80 23.10
CA TYR A 20 -10.20 -11.17 22.21
C TYR A 20 -10.24 -12.63 21.84
N SER A 21 -10.42 -13.50 22.82
CA SER A 21 -10.54 -14.93 22.55
C SER A 21 -11.55 -15.16 21.41
N LYS A 22 -12.79 -14.74 21.62
CA LYS A 22 -13.83 -14.92 20.60
C LYS A 22 -13.41 -14.46 19.21
N TYR A 23 -12.67 -13.35 19.14
CA TYR A 23 -12.38 -12.72 17.86
C TYR A 23 -11.28 -13.47 17.12
N ILE A 24 -10.18 -13.71 17.82
CA ILE A 24 -9.03 -14.41 17.29
C ILE A 24 -9.41 -15.87 16.89
N ILE A 25 -10.47 -16.40 17.49
CA ILE A 25 -10.98 -17.73 17.12
C ILE A 25 -11.88 -17.70 15.89
N GLN A 26 -12.99 -16.97 16.01
CA GLN A 26 -13.95 -16.82 14.93
C GLN A 26 -13.43 -16.07 13.71
N ASP A 27 -12.51 -15.13 13.91
CA ASP A 27 -12.21 -14.11 12.91
C ASP A 27 -10.74 -13.89 12.60
N ARG A 28 -9.92 -14.93 12.79
CA ARG A 28 -8.49 -14.76 12.49
C ARG A 28 -7.71 -16.04 12.20
N ALA A 29 -7.50 -16.85 13.24
CA ALA A 29 -6.54 -17.94 13.16
C ALA A 29 -7.08 -19.22 12.54
N LEU A 30 -8.38 -19.44 12.64
CA LEU A 30 -8.95 -20.71 12.20
C LEU A 30 -9.83 -20.49 10.99
N PRO A 31 -9.74 -21.43 10.02
CA PRO A 31 -10.44 -21.47 8.73
C PRO A 31 -11.92 -21.81 8.88
N ASP A 32 -12.77 -21.23 8.04
CA ASP A 32 -14.15 -21.72 7.89
C ASP A 32 -14.04 -23.15 7.32
N ILE A 33 -14.93 -24.04 7.78
CA ILE A 33 -14.88 -25.45 7.41
C ILE A 33 -15.35 -25.71 5.98
N ARG A 34 -16.07 -24.76 5.39
CA ARG A 34 -16.59 -24.92 4.03
C ARG A 34 -15.63 -24.46 2.92
N ASP A 35 -15.17 -23.20 2.95
CA ASP A 35 -14.23 -22.74 1.92
C ASP A 35 -12.76 -22.87 2.32
N GLY A 36 -12.52 -23.12 3.60
CA GLY A 36 -11.19 -23.45 4.07
C GLY A 36 -10.27 -22.27 4.28
N LEU A 37 -10.86 -21.07 4.21
CA LEU A 37 -10.11 -19.84 4.30
C LEU A 37 -10.19 -19.24 5.70
N LYS A 38 -9.14 -18.53 6.09
CA LYS A 38 -9.18 -17.63 7.24
C LYS A 38 -9.61 -16.31 6.67
N PRO A 39 -10.26 -15.46 7.48
CA PRO A 39 -10.81 -14.19 6.98
C PRO A 39 -9.81 -13.35 6.15
N VAL A 40 -8.55 -13.24 6.58
CA VAL A 40 -7.55 -12.54 5.78
C VAL A 40 -7.45 -13.09 4.36
N GLN A 41 -7.37 -14.40 4.22
CA GLN A 41 -7.28 -14.99 2.89
C GLN A 41 -8.53 -14.71 2.03
N ARG A 42 -9.71 -14.80 2.64
CA ARG A 42 -10.96 -14.53 1.91
C ARG A 42 -10.96 -13.13 1.34
N ARG A 43 -10.62 -12.16 2.17
CA ARG A 43 -10.50 -10.76 1.76
C ARG A 43 -9.50 -10.53 0.66
N ILE A 44 -8.32 -11.11 0.79
CA ILE A 44 -7.39 -11.08 -0.32
C ILE A 44 -8.05 -11.55 -1.63
N LEU A 45 -8.62 -12.76 -1.63
CA LEU A 45 -9.21 -13.29 -2.87
C LEU A 45 -10.40 -12.48 -3.35
N TYR A 46 -11.27 -12.11 -2.43
CA TYR A 46 -12.46 -11.37 -2.81
C TYR A 46 -12.07 -9.99 -3.37
N SER A 47 -11.14 -9.31 -2.71
CA SER A 47 -10.71 -8.00 -3.20
C SER A 47 -10.06 -8.11 -4.58
N MET A 48 -8.98 -8.88 -4.68
CA MET A 48 -8.34 -9.03 -5.98
C MET A 48 -9.38 -9.38 -7.05
N ASN A 49 -10.34 -10.23 -6.68
CA ASN A 49 -11.36 -10.61 -7.63
C ASN A 49 -12.28 -9.44 -7.98
N LYS A 50 -12.69 -8.67 -6.97
CA LYS A 50 -13.54 -7.48 -7.21
C LYS A 50 -12.83 -6.59 -8.20
N ASP A 51 -11.51 -6.51 -8.05
CA ASP A 51 -10.68 -5.60 -8.83
C ASP A 51 -10.28 -6.15 -10.20
N SER A 52 -10.69 -7.38 -10.51
CA SER A 52 -10.50 -7.93 -11.86
C SER A 52 -9.08 -8.35 -12.09
N ASN A 53 -8.36 -8.55 -10.99
CA ASN A 53 -6.96 -8.94 -10.96
C ASN A 53 -6.86 -10.47 -11.07
N THR A 54 -7.18 -11.00 -12.25
CA THR A 54 -7.40 -12.43 -12.34
C THR A 54 -6.50 -13.12 -13.35
N PHE A 55 -6.43 -14.44 -13.28
CA PHE A 55 -5.40 -15.19 -14.00
C PHE A 55 -5.25 -14.80 -15.46
N ASP A 56 -6.31 -14.23 -16.06
CA ASP A 56 -6.34 -13.99 -17.50
C ASP A 56 -5.97 -12.56 -17.93
N LYS A 57 -5.49 -11.78 -16.97
CA LYS A 57 -5.25 -10.38 -17.16
C LYS A 57 -3.90 -10.02 -16.56
N SER A 58 -3.33 -8.87 -16.91
CA SER A 58 -1.97 -8.58 -16.49
C SER A 58 -1.86 -8.67 -14.99
N TYR A 59 -0.65 -8.87 -14.49
CA TYR A 59 -0.40 -8.77 -13.05
C TYR A 59 -0.50 -7.29 -12.61
N ARG A 60 -1.03 -7.08 -11.41
CA ARG A 60 -0.98 -5.79 -10.74
C ARG A 60 0.19 -5.75 -9.77
N LYS A 61 0.66 -4.55 -9.47
CA LYS A 61 1.64 -4.38 -8.41
C LYS A 61 1.03 -4.84 -7.08
N SER A 62 1.76 -5.71 -6.37
CA SER A 62 1.28 -6.20 -5.08
C SER A 62 0.81 -5.08 -4.16
N ALA A 63 1.51 -3.96 -4.16
CA ALA A 63 1.13 -2.90 -3.25
C ALA A 63 -0.25 -2.33 -3.57
N LYS A 64 -0.67 -2.39 -4.83
CA LYS A 64 -1.97 -1.84 -5.20
C LYS A 64 -3.02 -2.69 -4.57
N SER A 65 -2.84 -3.98 -4.73
CA SER A 65 -3.73 -4.99 -4.18
C SER A 65 -3.81 -4.87 -2.68
N VAL A 66 -2.65 -4.97 -2.03
CA VAL A 66 -2.56 -4.88 -0.59
C VAL A 66 -3.30 -3.65 -0.05
N GLY A 67 -3.03 -2.48 -0.64
CA GLY A 67 -3.63 -1.24 -0.19
C GLY A 67 -5.14 -1.23 -0.34
N ASN A 68 -5.65 -1.88 -1.38
CA ASN A 68 -7.08 -1.96 -1.59
C ASN A 68 -7.77 -2.86 -0.59
N ILE A 69 -7.13 -3.98 -0.29
CA ILE A 69 -7.59 -4.91 0.72
C ILE A 69 -7.68 -4.22 2.07
N MET A 70 -6.66 -3.42 2.34
CA MET A 70 -6.53 -2.76 3.63
C MET A 70 -7.56 -1.65 3.81
N GLY A 71 -8.00 -1.06 2.71
CA GLY A 71 -8.89 0.08 2.80
C GLY A 71 -10.34 -0.29 2.70
N ASN A 72 -10.62 -1.46 2.15
CA ASN A 72 -12.03 -1.84 1.97
C ASN A 72 -12.49 -2.92 2.91
N PHE A 73 -11.60 -3.84 3.25
CA PHE A 73 -12.03 -5.04 3.94
C PHE A 73 -11.31 -5.41 5.22
N HIS A 74 -9.98 -5.46 5.16
CA HIS A 74 -9.20 -6.00 6.24
C HIS A 74 -8.41 -4.91 6.92
N PRO A 75 -8.85 -4.45 8.10
CA PRO A 75 -8.21 -3.28 8.72
C PRO A 75 -6.98 -3.64 9.58
N HIS A 76 -5.84 -3.93 8.96
CA HIS A 76 -4.67 -4.42 9.70
C HIS A 76 -3.34 -4.13 9.00
N GLY A 77 -2.27 -4.78 9.46
CA GLY A 77 -0.96 -4.58 8.87
C GLY A 77 -0.92 -4.78 7.36
N ASP A 78 -0.37 -3.80 6.64
CA ASP A 78 -0.16 -4.00 5.21
C ASP A 78 0.86 -5.14 5.03
N SER A 79 1.73 -5.33 6.02
CA SER A 79 2.68 -6.43 6.03
C SER A 79 2.00 -7.81 6.16
N SER A 80 1.16 -7.99 7.19
CA SER A 80 0.42 -9.24 7.38
C SER A 80 -0.36 -9.59 6.12
N ILE A 81 -1.16 -8.64 5.63
CA ILE A 81 -1.84 -8.83 4.36
C ILE A 81 -0.87 -9.31 3.29
N TYR A 82 0.17 -8.54 2.99
CA TYR A 82 1.14 -9.02 2.00
C TYR A 82 1.67 -10.42 2.33
N ASP A 83 2.23 -10.60 3.53
CA ASP A 83 2.77 -11.90 3.95
C ASP A 83 1.80 -13.04 3.67
N ALA A 84 0.53 -12.81 3.96
CA ALA A 84 -0.53 -13.78 3.67
C ALA A 84 -0.70 -14.03 2.17
N MET A 85 -0.66 -12.94 1.40
CA MET A 85 -0.78 -12.99 -0.04
C MET A 85 0.43 -13.72 -0.65
N VAL A 86 1.62 -13.45 -0.13
CA VAL A 86 2.81 -14.15 -0.60
C VAL A 86 2.68 -15.64 -0.35
N ARG A 87 2.19 -16.00 0.83
CA ARG A 87 2.12 -17.40 1.17
C ARG A 87 1.20 -18.15 0.20
N MET A 88 0.06 -17.54 -0.15
CA MET A 88 -0.89 -18.22 -1.04
C MET A 88 -0.32 -18.32 -2.45
N SER A 89 0.96 -18.02 -2.62
CA SER A 89 1.58 -18.08 -3.94
C SER A 89 2.78 -19.00 -3.94
N GLN A 90 3.17 -19.49 -2.77
CA GLN A 90 4.35 -20.36 -2.67
C GLN A 90 3.92 -21.79 -2.91
N ASN A 91 4.43 -22.41 -3.97
CA ASN A 91 3.90 -23.69 -4.38
C ASN A 91 4.46 -24.85 -3.57
N TRP A 92 5.29 -24.54 -2.57
CA TRP A 92 5.83 -25.54 -1.66
C TRP A 92 5.15 -25.44 -0.29
N LYS A 93 4.13 -24.58 -0.20
CA LYS A 93 3.31 -24.46 1.00
C LYS A 93 1.84 -24.75 0.69
N ASN A 94 1.43 -24.47 -0.54
CA ASN A 94 0.07 -24.76 -0.98
C ASN A 94 0.04 -25.81 -2.07
N ARG A 95 -0.78 -26.85 -1.88
CA ARG A 95 -0.86 -27.95 -2.83
C ARG A 95 -1.31 -27.41 -4.15
N GLU A 96 -2.33 -26.56 -4.08
CA GLU A 96 -2.80 -25.85 -5.25
C GLU A 96 -2.87 -24.32 -4.99
N ILE A 97 -1.83 -23.58 -5.41
CA ILE A 97 -1.74 -22.13 -5.15
C ILE A 97 -2.88 -21.32 -5.73
N LEU A 98 -3.40 -20.40 -4.92
CA LEU A 98 -4.46 -19.47 -5.30
C LEU A 98 -3.97 -18.09 -5.75
N VAL A 99 -2.69 -17.81 -5.60
CA VAL A 99 -2.18 -16.53 -6.08
C VAL A 99 -0.95 -16.77 -6.90
N GLU A 100 -0.90 -16.15 -8.07
CA GLU A 100 0.28 -16.17 -8.90
C GLU A 100 1.06 -14.87 -8.69
N MET A 101 2.35 -15.00 -8.37
CA MET A 101 3.19 -13.85 -8.06
C MET A 101 4.46 -13.81 -8.92
N HIS A 102 4.63 -12.69 -9.63
CA HIS A 102 5.84 -12.37 -10.37
C HIS A 102 6.84 -11.71 -9.43
N GLY A 103 8.06 -12.25 -9.38
CA GLY A 103 9.10 -11.67 -8.55
C GLY A 103 9.56 -12.62 -7.47
N ASN A 104 10.65 -12.27 -6.80
CA ASN A 104 11.12 -13.07 -5.68
C ASN A 104 10.04 -13.21 -4.59
N ASN A 105 9.43 -14.37 -4.50
CA ASN A 105 8.41 -14.54 -3.46
C ASN A 105 8.83 -15.56 -2.44
N GLY A 106 10.11 -15.91 -2.45
CA GLY A 106 10.66 -16.85 -1.49
C GLY A 106 11.20 -18.10 -2.13
N SER A 107 11.58 -19.04 -1.27
CA SER A 107 12.07 -20.33 -1.70
C SER A 107 11.90 -21.29 -0.52
N MET A 108 12.20 -22.57 -0.74
CA MET A 108 12.21 -23.54 0.34
C MET A 108 13.37 -23.28 1.29
N ASP A 109 14.34 -22.49 0.84
CA ASP A 109 15.48 -22.07 1.66
C ASP A 109 15.02 -21.02 2.66
N GLY A 110 13.79 -20.54 2.46
CA GLY A 110 13.11 -19.73 3.45
C GLY A 110 13.65 -18.33 3.54
N ASP A 111 14.25 -17.87 2.46
CA ASP A 111 14.73 -16.50 2.41
C ASP A 111 13.53 -15.59 2.14
N PRO A 112 13.63 -14.32 2.56
CA PRO A 112 12.54 -13.34 2.45
C PRO A 112 12.08 -13.20 1.01
N PRO A 113 10.77 -13.00 0.81
CA PRO A 113 10.32 -12.55 -0.52
C PRO A 113 10.69 -11.08 -0.75
N ALA A 114 10.78 -10.68 -2.02
CA ALA A 114 10.90 -9.27 -2.38
C ALA A 114 9.82 -8.49 -1.64
N ALA A 115 10.12 -7.25 -1.28
CA ALA A 115 9.15 -6.45 -0.56
C ALA A 115 8.02 -6.00 -1.49
N MET A 116 6.84 -5.83 -0.89
CA MET A 116 5.62 -5.45 -1.60
C MET A 116 5.80 -4.49 -2.81
N ARG A 117 6.79 -3.61 -2.73
CA ARG A 117 7.02 -2.62 -3.78
CA ARG A 117 7.00 -2.63 -3.79
C ARG A 117 7.53 -3.25 -5.10
N TYR A 118 8.07 -4.47 -5.02
CA TYR A 118 8.71 -5.12 -6.17
C TYR A 118 7.82 -6.13 -6.90
N THR A 119 6.98 -6.83 -6.16
CA THR A 119 6.30 -7.98 -6.71
C THR A 119 5.01 -7.63 -7.44
N GLU A 120 4.49 -8.59 -8.22
CA GLU A 120 3.23 -8.45 -8.92
C GLU A 120 2.40 -9.70 -8.73
N ALA A 121 1.09 -9.56 -8.63
CA ALA A 121 0.24 -10.70 -8.36
C ALA A 121 -1.01 -10.67 -9.21
N ARG A 122 -1.70 -11.79 -9.20
CA ARG A 122 -3.03 -11.91 -9.76
C ARG A 122 -3.52 -13.22 -9.23
N LEU A 123 -4.83 -13.44 -9.27
CA LEU A 123 -5.39 -14.71 -8.83
C LEU A 123 -4.97 -15.80 -9.82
N SER A 124 -4.88 -17.03 -9.33
CA SER A 124 -4.61 -18.16 -10.20
C SER A 124 -5.93 -18.58 -10.80
N GLU A 125 -5.89 -19.40 -11.84
CA GLU A 125 -7.14 -19.87 -12.44
C GLU A 125 -7.98 -20.67 -11.44
N ILE A 126 -7.33 -21.52 -10.65
CA ILE A 126 -8.05 -22.33 -9.70
C ILE A 126 -8.76 -21.47 -8.66
N ALA A 127 -8.10 -20.41 -8.21
CA ALA A 127 -8.69 -19.46 -7.25
C ALA A 127 -10.02 -18.95 -7.77
N GLY A 128 -10.12 -18.80 -9.08
CA GLY A 128 -11.34 -18.31 -9.67
C GLY A 128 -12.47 -19.24 -9.34
N TYR A 129 -12.12 -20.52 -9.26
CA TYR A 129 -13.10 -21.52 -8.94
C TYR A 129 -13.62 -21.44 -7.50
N LEU A 130 -12.77 -21.03 -6.57
CA LEU A 130 -13.22 -20.65 -5.23
C LEU A 130 -14.22 -19.48 -5.24
N LEU A 131 -14.13 -18.60 -6.23
CA LEU A 131 -14.97 -17.41 -6.26
C LEU A 131 -16.19 -17.56 -7.15
N GLN A 132 -16.21 -18.66 -7.91
CA GLN A 132 -17.26 -18.91 -8.89
C GLN A 132 -18.67 -18.61 -8.40
N ASP A 133 -19.39 -17.81 -9.18
CA ASP A 133 -20.79 -17.53 -8.90
C ASP A 133 -21.03 -16.60 -7.71
N ILE A 134 -19.95 -16.01 -7.17
CA ILE A 134 -20.04 -15.01 -6.07
C ILE A 134 -21.02 -13.87 -6.39
N GLU A 135 -21.18 -13.59 -7.68
CA GLU A 135 -21.96 -12.43 -8.12
C GLU A 135 -23.43 -12.76 -8.27
N LYS A 136 -23.81 -14.00 -7.96
CA LYS A 136 -25.18 -14.44 -8.10
C LYS A 136 -25.86 -14.64 -6.75
N LYS A 137 -25.48 -13.85 -5.75
CA LYS A 137 -26.12 -13.91 -4.45
C LYS A 137 -26.22 -15.35 -3.99
N THR A 138 -25.07 -16.03 -3.93
CA THR A 138 -24.99 -17.45 -3.55
C THR A 138 -24.42 -17.68 -2.15
N VAL A 139 -24.01 -16.60 -1.49
CA VAL A 139 -23.31 -16.68 -0.21
C VAL A 139 -23.66 -15.44 0.62
N PRO A 140 -23.83 -15.61 1.93
CA PRO A 140 -24.15 -14.48 2.81
C PRO A 140 -23.04 -13.40 2.92
N PHE A 141 -23.45 -12.15 2.72
CA PHE A 141 -22.55 -11.01 2.85
C PHE A 141 -22.81 -10.25 4.15
N ALA A 142 -21.77 -9.64 4.71
CA ALA A 142 -21.96 -8.71 5.83
C ALA A 142 -21.34 -7.36 5.51
N TRP A 143 -21.39 -6.43 6.45
CA TRP A 143 -20.75 -5.14 6.28
C TRP A 143 -19.29 -5.20 6.65
N ASN A 144 -18.47 -4.45 5.90
CA ASN A 144 -17.07 -4.30 6.27
C ASN A 144 -16.95 -3.42 7.53
N PHE A 145 -15.76 -3.41 8.12
CA PHE A 145 -15.51 -2.61 9.32
C PHE A 145 -16.06 -1.19 9.21
N ASP A 146 -16.41 -0.79 7.99
CA ASP A 146 -16.76 0.59 7.69
C ASP A 146 -18.25 0.81 7.74
N ASP A 147 -19.00 -0.27 7.49
CA ASP A 147 -20.42 -0.19 7.14
C ASP A 147 -20.61 0.58 5.83
N THR A 148 -19.61 0.50 4.96
CA THR A 148 -19.61 1.22 3.69
C THR A 148 -19.65 0.27 2.48
N GLU A 149 -19.26 -0.99 2.70
CA GLU A 149 -19.32 -1.98 1.62
C GLU A 149 -19.54 -3.36 2.21
N LYS A 150 -20.34 -4.17 1.51
CA LYS A 150 -20.58 -5.57 1.90
C LYS A 150 -19.45 -6.50 1.41
N GLU A 151 -19.02 -7.40 2.28
CA GLU A 151 -18.04 -8.43 1.93
C GLU A 151 -18.65 -9.80 2.21
N PRO A 152 -18.19 -10.82 1.49
CA PRO A 152 -18.68 -12.19 1.69
C PRO A 152 -18.11 -12.81 2.96
N THR A 153 -18.89 -13.65 3.64
CA THR A 153 -18.49 -14.32 4.87
C THR A 153 -17.88 -15.70 4.62
N VAL A 154 -18.32 -16.34 3.52
CA VAL A 154 -17.76 -17.60 3.04
C VAL A 154 -17.73 -17.52 1.51
N LEU A 155 -16.85 -18.26 0.85
CA LEU A 155 -16.88 -18.22 -0.62
C LEU A 155 -17.63 -19.43 -1.17
N PRO A 156 -18.12 -19.33 -2.41
CA PRO A 156 -18.88 -20.42 -3.02
C PRO A 156 -18.14 -21.74 -3.12
N ALA A 157 -16.81 -21.70 -3.12
CA ALA A 157 -15.98 -22.91 -3.04
C ALA A 157 -16.42 -24.06 -3.98
N ALA A 158 -16.21 -23.87 -5.27
CA ALA A 158 -16.45 -24.90 -6.25
C ALA A 158 -15.44 -26.04 -6.16
N PHE A 159 -14.54 -25.99 -5.19
CA PHE A 159 -13.78 -27.18 -4.80
C PHE A 159 -13.47 -27.12 -3.31
N PRO A 160 -13.24 -28.30 -2.68
CA PRO A 160 -13.06 -28.48 -1.23
C PRO A 160 -11.68 -28.03 -0.75
N ASN A 161 -11.48 -26.71 -0.76
CA ASN A 161 -10.19 -26.11 -0.51
C ASN A 161 -9.58 -26.49 0.84
N LEU A 162 -10.43 -26.63 1.86
CA LEU A 162 -9.96 -26.86 3.22
C LEU A 162 -9.06 -28.09 3.30
N LEU A 163 -9.39 -29.13 2.53
CA LEU A 163 -8.57 -30.33 2.54
C LEU A 163 -7.48 -30.27 1.51
N VAL A 164 -7.82 -29.76 0.32
CA VAL A 164 -6.85 -29.62 -0.75
C VAL A 164 -5.64 -28.82 -0.31
N ASN A 165 -5.87 -27.70 0.39
CA ASN A 165 -4.78 -26.78 0.70
C ASN A 165 -4.31 -26.78 2.13
N GLY A 166 -5.21 -27.15 3.02
CA GLY A 166 -4.87 -27.24 4.42
C GLY A 166 -5.05 -25.92 5.11
N SER A 167 -4.62 -25.87 6.35
CA SER A 167 -4.78 -24.70 7.20
C SER A 167 -3.93 -24.94 8.43
N THR A 168 -3.63 -23.87 9.16
CA THR A 168 -2.66 -23.92 10.25
C THR A 168 -2.40 -22.48 10.62
N GLY A 169 -2.74 -22.02 11.82
CA GLY A 169 -3.46 -22.74 12.84
C GLY A 169 -3.03 -22.46 14.28
N ILE A 170 -3.01 -21.19 14.74
CA ILE A 170 -2.84 -20.94 16.20
C ILE A 170 -3.71 -19.84 16.79
N SER A 171 -4.57 -20.23 17.72
CA SER A 171 -5.60 -19.35 18.24
C SER A 171 -5.45 -19.21 19.76
N ALA A 172 -6.59 -19.23 20.47
CA ALA A 172 -6.59 -19.23 21.93
C ALA A 172 -7.56 -20.30 22.36
N GLY A 173 -7.07 -21.26 23.16
CA GLY A 173 -7.87 -22.41 23.53
C GLY A 173 -7.90 -23.44 22.42
N TYR A 174 -7.50 -23.04 21.22
CA TYR A 174 -7.57 -23.95 20.06
C TYR A 174 -6.43 -23.67 19.09
N ALA A 175 -5.96 -24.73 18.42
CA ALA A 175 -5.04 -24.57 17.31
C ALA A 175 -5.53 -25.43 16.13
N THR A 176 -4.85 -25.33 15.00
CA THR A 176 -5.21 -26.19 13.86
C THR A 176 -4.01 -26.59 13.00
N ASP A 177 -4.00 -27.85 12.61
CA ASP A 177 -3.11 -28.35 11.56
C ASP A 177 -3.84 -29.31 10.66
N ILE A 178 -4.14 -28.85 9.45
CA ILE A 178 -4.75 -29.71 8.44
C ILE A 178 -3.83 -29.84 7.25
N PRO A 179 -3.38 -31.06 6.93
CA PRO A 179 -2.41 -31.11 5.82
C PRO A 179 -3.12 -30.98 4.47
N PRO A 180 -2.37 -30.70 3.40
CA PRO A 180 -3.01 -30.64 2.08
C PRO A 180 -3.23 -32.02 1.46
N HIS A 181 -4.21 -32.12 0.56
CA HIS A 181 -4.48 -33.36 -0.13
C HIS A 181 -4.58 -33.21 -1.64
N ASN A 182 -4.48 -34.32 -2.35
CA ASN A 182 -4.70 -34.33 -3.79
C ASN A 182 -6.13 -33.94 -4.20
N LEU A 183 -6.25 -32.89 -5.03
CA LEU A 183 -7.55 -32.41 -5.50
C LEU A 183 -8.40 -33.54 -6.08
N ALA A 184 -7.81 -34.41 -6.88
CA ALA A 184 -8.57 -35.50 -7.48
C ALA A 184 -9.12 -36.48 -6.43
N GLU A 185 -8.27 -36.93 -5.51
CA GLU A 185 -8.72 -37.80 -4.43
C GLU A 185 -9.85 -37.19 -3.60
N VAL A 186 -9.64 -35.98 -3.10
CA VAL A 186 -10.65 -35.32 -2.30
C VAL A 186 -12.00 -35.30 -3.00
N ILE A 187 -11.99 -34.98 -4.29
CA ILE A 187 -13.24 -34.87 -5.04
C ILE A 187 -13.91 -36.23 -5.20
N ASP A 188 -13.11 -37.25 -5.48
CA ASP A 188 -13.64 -38.60 -5.54
C ASP A 188 -14.43 -38.99 -4.28
N ALA A 189 -13.85 -38.72 -3.11
CA ALA A 189 -14.55 -38.94 -1.84
C ALA A 189 -15.81 -38.12 -1.73
N ALA A 190 -15.71 -36.82 -2.01
CA ALA A 190 -16.89 -35.96 -1.93
C ALA A 190 -17.99 -36.50 -2.85
N VAL A 191 -17.61 -36.94 -4.04
CA VAL A 191 -18.59 -37.50 -4.95
C VAL A 191 -19.18 -38.79 -4.36
N TYR A 192 -18.34 -39.61 -3.76
CA TYR A 192 -18.84 -40.87 -3.21
C TYR A 192 -19.80 -40.60 -2.07
N MET A 193 -19.50 -39.57 -1.27
CA MET A 193 -20.34 -39.23 -0.15
C MET A 193 -21.66 -38.56 -0.58
N ILE A 194 -21.63 -37.85 -1.70
CA ILE A 194 -22.86 -37.30 -2.21
C ILE A 194 -23.84 -38.45 -2.40
N ASP A 195 -23.34 -39.54 -2.96
CA ASP A 195 -24.15 -40.72 -3.29
C ASP A 195 -24.50 -41.51 -2.04
N HIS A 196 -23.51 -41.67 -1.16
CA HIS A 196 -23.67 -42.48 0.02
C HIS A 196 -23.40 -41.65 1.28
N PRO A 197 -24.39 -40.85 1.71
CA PRO A 197 -24.25 -39.93 2.83
C PRO A 197 -23.66 -40.57 4.07
N THR A 198 -23.93 -41.84 4.24
CA THR A 198 -23.57 -42.59 5.45
C THR A 198 -22.24 -43.32 5.31
N ALA A 199 -21.40 -42.88 4.39
CA ALA A 199 -20.16 -43.59 4.11
C ALA A 199 -19.26 -43.67 5.35
N LYS A 200 -18.66 -44.83 5.55
CA LYS A 200 -17.75 -45.04 6.67
C LYS A 200 -16.30 -44.63 6.29
N ILE A 201 -15.50 -44.20 7.27
CA ILE A 201 -14.12 -43.75 6.98
C ILE A 201 -13.34 -44.75 6.15
N ASP A 202 -13.55 -46.04 6.42
CA ASP A 202 -12.80 -47.11 5.76
C ASP A 202 -12.98 -47.09 4.26
N LYS A 203 -14.21 -46.86 3.83
CA LYS A 203 -14.58 -46.82 2.42
C LYS A 203 -14.07 -45.52 1.78
N LEU A 204 -14.31 -44.39 2.45
CA LEU A 204 -13.84 -43.11 1.96
C LEU A 204 -12.34 -43.15 1.68
N MET A 205 -11.59 -43.87 2.53
CA MET A 205 -10.14 -43.95 2.33
C MET A 205 -9.69 -44.75 1.12
N GLU A 206 -10.63 -45.40 0.46
CA GLU A 206 -10.33 -46.10 -0.79
C GLU A 206 -10.12 -45.04 -1.87
N PHE A 207 -10.60 -43.83 -1.57
CA PHE A 207 -10.56 -42.74 -2.53
C PHE A 207 -9.59 -41.66 -2.08
N LEU A 208 -9.53 -41.48 -0.76
CA LEU A 208 -8.76 -40.43 -0.09
C LEU A 208 -7.87 -41.11 0.93
N PRO A 209 -6.78 -41.72 0.45
CA PRO A 209 -5.91 -42.60 1.22
C PRO A 209 -4.99 -41.86 2.18
N GLY A 210 -4.88 -40.55 2.03
CA GLY A 210 -4.05 -39.78 2.93
C GLY A 210 -3.64 -38.46 2.32
N PRO A 211 -2.93 -37.64 3.11
CA PRO A 211 -2.54 -36.30 2.69
C PRO A 211 -1.59 -36.38 1.52
N ASP A 212 -1.44 -35.30 0.76
CA ASP A 212 -0.50 -35.24 -0.35
C ASP A 212 0.17 -33.90 -0.26
N PHE A 213 1.37 -33.91 0.31
CA PHE A 213 2.16 -32.70 0.41
C PHE A 213 2.65 -32.26 -0.97
N PRO A 214 2.70 -30.95 -1.19
CA PRO A 214 3.23 -30.41 -2.44
C PRO A 214 4.74 -30.64 -2.53
N THR A 215 5.36 -30.90 -1.38
CA THR A 215 6.78 -31.20 -1.32
C THR A 215 7.05 -32.71 -1.36
N GLY A 216 6.04 -33.48 -1.72
CA GLY A 216 6.16 -34.92 -1.79
C GLY A 216 6.67 -35.61 -0.53
N ALA A 217 7.63 -36.51 -0.72
CA ALA A 217 8.17 -37.27 0.39
C ALA A 217 7.35 -38.53 0.73
N ILE A 218 7.72 -39.18 1.83
CA ILE A 218 7.06 -40.39 2.27
C ILE A 218 6.24 -40.19 3.55
N ILE A 219 4.95 -40.53 3.48
CA ILE A 219 4.09 -40.50 4.66
C ILE A 219 3.83 -41.91 5.18
N GLN A 220 4.33 -42.21 6.38
CA GLN A 220 4.15 -43.51 7.02
C GLN A 220 3.12 -43.46 8.15
N GLY A 221 2.18 -44.41 8.14
CA GLY A 221 1.23 -44.53 9.22
C GLY A 221 -0.24 -44.70 8.87
N ARG A 222 -0.57 -45.63 7.99
CA ARG A 222 -1.98 -45.87 7.64
C ARG A 222 -2.88 -45.90 8.89
N ASP A 223 -2.44 -46.57 9.94
CA ASP A 223 -3.28 -46.66 11.15
C ASP A 223 -3.63 -45.27 11.71
N GLU A 224 -2.63 -44.39 11.77
CA GLU A 224 -2.84 -43.04 12.31
C GLU A 224 -3.54 -42.08 11.34
N ILE A 225 -3.28 -42.24 10.05
CA ILE A 225 -4.04 -41.49 9.04
C ILE A 225 -5.54 -41.75 9.26
N LYS A 226 -5.90 -43.02 9.43
CA LYS A 226 -7.28 -43.40 9.73
C LYS A 226 -7.72 -42.73 11.02
N LYS A 227 -6.93 -42.90 12.06
CA LYS A 227 -7.26 -42.34 13.37
C LYS A 227 -7.58 -40.87 13.19
N ALA A 228 -6.76 -40.21 12.39
CA ALA A 228 -6.87 -38.77 12.23
C ALA A 228 -8.15 -38.41 11.48
N TYR A 229 -8.46 -39.18 10.45
CA TYR A 229 -9.64 -38.95 9.65
C TYR A 229 -10.90 -39.23 10.45
N GLU A 230 -10.76 -39.91 11.59
CA GLU A 230 -11.92 -40.27 12.43
C GLU A 230 -12.19 -39.25 13.52
N THR A 231 -11.13 -38.67 14.06
CA THR A 231 -11.24 -37.82 15.22
C THR A 231 -10.63 -36.44 15.00
N GLY A 232 -9.89 -36.28 13.92
CA GLY A 232 -9.26 -35.00 13.66
C GLY A 232 -7.87 -34.91 14.26
N LYS A 233 -7.52 -35.81 15.17
CA LYS A 233 -6.15 -35.87 15.67
C LYS A 233 -5.49 -37.20 15.31
N GLY A 234 -4.19 -37.15 15.04
CA GLY A 234 -3.40 -38.31 14.69
C GLY A 234 -1.97 -37.87 14.43
N ARG A 235 -1.00 -38.76 14.62
CA ARG A 235 0.41 -38.44 14.41
C ARG A 235 1.01 -39.36 13.37
N VAL A 236 1.67 -38.76 12.38
CA VAL A 236 2.13 -39.52 11.23
C VAL A 236 3.62 -39.23 10.98
N VAL A 237 4.31 -40.10 10.25
CA VAL A 237 5.71 -39.83 9.98
C VAL A 237 5.87 -39.36 8.54
N VAL A 238 6.76 -38.39 8.33
CA VAL A 238 7.04 -37.93 6.98
C VAL A 238 8.53 -38.00 6.76
N ARG A 239 8.94 -38.76 5.74
CA ARG A 239 10.35 -39.03 5.55
C ARG A 239 10.79 -38.75 4.13
N SER A 240 12.02 -38.26 4.00
CA SER A 240 12.50 -37.72 2.74
C SER A 240 12.76 -38.80 1.71
N LYS A 241 12.53 -38.48 0.42
CA LYS A 241 12.83 -39.43 -0.64
C LYS A 241 14.34 -39.50 -0.77
N THR A 242 14.89 -40.71 -0.65
CA THR A 242 16.33 -40.88 -0.75
C THR A 242 16.74 -41.96 -1.74
N GLU A 243 18.03 -41.96 -2.07
CA GLU A 243 18.60 -42.88 -3.04
C GLU A 243 20.05 -43.05 -2.63
N ILE A 244 20.66 -44.15 -3.04
CA ILE A 244 22.08 -44.30 -2.78
C ILE A 244 22.82 -44.33 -4.09
N GLU A 245 23.84 -43.48 -4.22
CA GLU A 245 24.68 -43.47 -5.41
C GLU A 245 26.10 -43.93 -5.12
N LYS A 246 26.55 -44.95 -5.82
CA LYS A 246 27.91 -45.45 -5.63
C LYS A 246 28.89 -44.51 -6.34
N LEU A 247 29.89 -44.02 -5.61
CA LEU A 247 30.88 -43.12 -6.18
C LEU A 247 32.21 -43.84 -6.39
N LYS A 248 33.13 -43.19 -7.11
CA LYS A 248 34.40 -43.80 -7.52
C LYS A 248 35.17 -44.50 -6.39
N GLY A 249 35.09 -45.83 -6.38
CA GLY A 249 35.89 -46.65 -5.48
C GLY A 249 35.57 -46.59 -3.99
N GLY A 250 34.60 -47.39 -3.55
CA GLY A 250 34.37 -47.62 -2.14
C GLY A 250 33.36 -46.71 -1.46
N LYS A 251 33.33 -45.45 -1.86
CA LYS A 251 32.49 -44.45 -1.21
C LYS A 251 31.05 -44.47 -1.75
N GLU A 252 30.10 -44.17 -0.87
CA GLU A 252 28.69 -44.08 -1.28
C GLU A 252 28.17 -42.67 -1.02
N GLN A 253 27.04 -42.34 -1.62
CA GLN A 253 26.44 -41.02 -1.48
C GLN A 253 24.93 -41.14 -1.25
N ILE A 254 24.45 -40.60 -0.12
CA ILE A 254 23.01 -40.47 0.12
C ILE A 254 22.49 -39.24 -0.62
N VAL A 255 21.50 -39.43 -1.49
CA VAL A 255 21.00 -38.31 -2.29
C VAL A 255 19.53 -38.04 -2.03
N ILE A 256 19.26 -36.85 -1.50
CA ILE A 256 17.92 -36.47 -1.07
C ILE A 256 17.24 -35.65 -2.14
N THR A 257 15.97 -35.96 -2.43
CA THR A 257 15.26 -35.35 -3.55
C THR A 257 13.91 -34.77 -3.16
N GLU A 258 13.38 -35.21 -2.02
CA GLU A 258 12.13 -34.66 -1.48
C GLU A 258 12.27 -34.60 0.04
N ILE A 259 11.87 -33.49 0.64
CA ILE A 259 11.94 -33.37 2.09
C ILE A 259 10.57 -33.07 2.69
N PRO A 260 10.44 -33.17 4.02
CA PRO A 260 9.13 -33.07 4.65
C PRO A 260 8.52 -31.69 4.59
N TYR A 261 7.23 -31.62 4.34
CA TYR A 261 6.45 -30.38 4.33
C TYR A 261 6.72 -29.52 5.55
N GLU A 262 6.75 -28.21 5.31
CA GLU A 262 6.99 -27.20 6.36
C GLU A 262 8.43 -27.21 6.84
N ILE A 263 9.33 -27.78 6.04
CA ILE A 263 10.74 -27.87 6.44
C ILE A 263 11.60 -27.02 5.54
N ASN A 264 12.45 -26.21 6.18
CA ASN A 264 13.33 -25.26 5.52
C ASN A 264 14.60 -25.93 4.95
N LYS A 265 14.73 -25.97 3.62
CA LYS A 265 15.84 -26.72 3.01
C LYS A 265 17.20 -26.24 3.55
N ALA A 266 17.39 -24.92 3.58
CA ALA A 266 18.65 -24.32 4.04
C ALA A 266 19.04 -24.72 5.47
N ASN A 267 18.11 -24.56 6.41
CA ASN A 267 18.33 -24.96 7.81
C ASN A 267 18.54 -26.46 8.00
N LEU A 268 17.95 -27.27 7.13
CA LEU A 268 18.19 -28.70 7.18
C LEU A 268 19.62 -28.96 6.79
N VAL A 269 20.01 -28.47 5.61
CA VAL A 269 21.34 -28.70 5.08
C VAL A 269 22.39 -28.27 6.09
N LYS A 270 22.16 -27.13 6.74
CA LYS A 270 23.03 -26.70 7.85
C LYS A 270 23.12 -27.76 8.95
N LYS A 271 21.97 -28.22 9.44
CA LYS A 271 21.95 -29.13 10.59
C LYS A 271 22.57 -30.50 10.27
N ILE A 272 22.39 -30.97 9.05
CA ILE A 272 23.03 -32.18 8.57
C ILE A 272 24.56 -32.00 8.54
N ASP A 273 25.01 -30.85 8.06
CA ASP A 273 26.44 -30.53 8.10
C ASP A 273 26.98 -30.37 9.53
N ASP A 274 26.15 -29.86 10.45
CA ASP A 274 26.55 -29.73 11.85
C ASP A 274 26.80 -31.11 12.47
N VAL A 275 26.08 -32.10 11.98
CA VAL A 275 26.35 -33.47 12.35
C VAL A 275 27.76 -33.87 11.87
N ARG A 276 28.05 -33.58 10.60
CA ARG A 276 29.37 -33.86 10.06
C ARG A 276 30.48 -33.14 10.85
N VAL A 277 30.24 -31.87 11.16
CA VAL A 277 31.25 -31.07 11.84
C VAL A 277 31.48 -31.52 13.29
N ASN A 278 30.42 -32.00 13.94
CA ASN A 278 30.52 -32.47 15.31
C ASN A 278 30.88 -33.95 15.43
N ASN A 279 30.81 -34.64 14.30
CA ASN A 279 31.05 -36.07 14.28
C ASN A 279 30.27 -36.80 15.39
N LYS A 280 28.99 -36.46 15.51
CA LYS A 280 28.06 -37.11 16.45
C LYS A 280 27.91 -38.54 16.04
N VAL A 281 27.90 -38.72 14.73
CA VAL A 281 27.90 -40.04 14.15
C VAL A 281 29.08 -40.08 13.20
N ALA A 282 29.75 -41.22 13.09
CA ALA A 282 30.94 -41.28 12.23
C ALA A 282 30.57 -41.55 10.78
N GLY A 283 31.28 -40.94 9.84
CA GLY A 283 31.12 -41.33 8.45
C GLY A 283 30.88 -40.30 7.38
N ILE A 284 30.46 -39.09 7.75
CA ILE A 284 30.14 -38.07 6.74
C ILE A 284 31.38 -37.33 6.23
N ALA A 285 31.49 -37.30 4.90
CA ALA A 285 32.63 -36.70 4.23
C ALA A 285 32.31 -35.27 3.88
N GLU A 286 31.18 -35.05 3.21
CA GLU A 286 30.74 -33.71 2.86
C GLU A 286 29.23 -33.62 2.69
N VAL A 287 28.68 -32.43 2.90
CA VAL A 287 27.26 -32.19 2.63
C VAL A 287 27.11 -31.07 1.61
N ARG A 288 26.44 -31.35 0.50
CA ARG A 288 26.32 -30.41 -0.61
C ARG A 288 24.90 -30.17 -1.04
N ASP A 289 24.35 -28.99 -0.77
CA ASP A 289 23.09 -28.63 -1.41
C ASP A 289 23.41 -28.40 -2.87
N GLU A 290 22.75 -29.15 -3.74
CA GLU A 290 23.04 -29.10 -5.18
C GLU A 290 21.78 -28.73 -5.94
N SER A 291 20.74 -28.37 -5.18
CA SER A 291 19.50 -27.89 -5.76
C SER A 291 19.72 -26.68 -6.67
N ASP A 292 19.40 -26.84 -7.95
CA ASP A 292 19.42 -25.71 -8.86
C ASP A 292 18.03 -25.13 -8.97
N ARG A 293 17.79 -24.36 -10.05
CA ARG A 293 16.52 -23.65 -10.23
C ARG A 293 15.35 -24.56 -10.65
N ASP A 294 15.64 -25.84 -10.90
CA ASP A 294 14.63 -26.76 -11.41
C ASP A 294 14.83 -28.20 -10.92
N GLY A 295 15.41 -28.34 -9.75
CA GLY A 295 15.56 -29.65 -9.14
C GLY A 295 15.95 -29.47 -7.70
N LEU A 296 15.53 -30.40 -6.85
CA LEU A 296 16.01 -30.44 -5.47
C LEU A 296 17.00 -31.60 -5.34
N ARG A 297 18.16 -31.33 -4.75
CA ARG A 297 19.21 -32.34 -4.64
C ARG A 297 20.22 -32.01 -3.56
N ILE A 298 20.29 -32.86 -2.54
CA ILE A 298 21.29 -32.72 -1.50
C ILE A 298 22.10 -33.99 -1.45
N ALA A 299 23.38 -33.88 -1.80
CA ALA A 299 24.30 -34.99 -1.76
C ALA A 299 24.89 -35.04 -0.36
N ILE A 300 24.79 -36.19 0.30
CA ILE A 300 25.55 -36.43 1.52
C ILE A 300 26.62 -37.48 1.23
N GLU A 301 27.79 -37.01 0.85
CA GLU A 301 28.92 -37.86 0.50
C GLU A 301 29.46 -38.55 1.75
N LEU A 302 29.55 -39.88 1.70
CA LEU A 302 30.07 -40.64 2.84
C LEU A 302 31.53 -41.02 2.64
N LYS A 303 32.21 -41.29 3.76
CA LYS A 303 33.58 -41.77 3.72
C LYS A 303 33.65 -43.24 3.29
N LYS A 304 34.83 -43.70 2.90
CA LYS A 304 35.05 -45.13 2.65
C LYS A 304 34.82 -45.89 3.95
N ASP A 305 34.25 -47.09 3.83
CA ASP A 305 34.05 -47.96 5.00
C ASP A 305 33.18 -47.27 6.07
N ALA A 306 32.17 -46.54 5.61
CA ALA A 306 31.25 -45.85 6.49
C ALA A 306 29.93 -46.59 6.48
N ASN A 307 29.43 -46.92 7.66
CA ASN A 307 28.18 -47.67 7.75
C ASN A 307 27.00 -46.81 7.30
N THR A 308 26.62 -46.96 6.04
CA THR A 308 25.66 -46.05 5.45
C THR A 308 24.21 -46.22 5.94
N GLU A 309 23.90 -47.33 6.58
CA GLU A 309 22.59 -47.41 7.25
C GLU A 309 22.66 -46.63 8.55
N LEU A 310 23.75 -46.79 9.30
CA LEU A 310 23.90 -46.13 10.60
C LEU A 310 23.71 -44.62 10.46
N VAL A 311 24.30 -44.05 9.41
CA VAL A 311 24.24 -42.61 9.19
C VAL A 311 22.81 -42.18 8.81
N LEU A 312 22.24 -42.87 7.85
CA LEU A 312 20.90 -42.54 7.38
C LEU A 312 19.88 -42.67 8.51
N ASN A 313 20.07 -43.63 9.39
CA ASN A 313 19.15 -43.78 10.50
C ASN A 313 19.32 -42.64 11.48
N TYR A 314 20.56 -42.25 11.72
CA TYR A 314 20.86 -41.17 12.64
C TYR A 314 20.31 -39.83 12.16
N LEU A 315 20.45 -39.54 10.87
CA LEU A 315 19.88 -38.31 10.32
C LEU A 315 18.36 -38.32 10.37
N PHE A 316 17.75 -39.49 10.18
CA PHE A 316 16.29 -39.61 10.27
C PHE A 316 15.80 -39.30 11.69
N LYS A 317 16.56 -39.74 12.68
CA LYS A 317 16.14 -39.56 14.07
C LYS A 317 16.40 -38.13 14.55
N TYR A 318 17.63 -37.69 14.38
CA TYR A 318 18.13 -36.46 15.01
C TYR A 318 18.11 -35.19 14.12
N THR A 319 17.61 -35.32 12.89
CA THR A 319 17.35 -34.13 12.10
C THR A 319 15.93 -34.14 11.58
N ASP A 320 15.67 -33.22 10.65
CA ASP A 320 14.35 -33.08 10.08
C ASP A 320 14.30 -33.78 8.73
N LEU A 321 15.33 -34.56 8.44
CA LEU A 321 15.30 -35.46 7.29
C LEU A 321 14.03 -36.29 7.43
N GLN A 322 13.56 -36.41 8.66
CA GLN A 322 12.29 -37.04 8.98
C GLN A 322 11.72 -36.46 10.25
N ILE A 323 10.41 -36.23 10.21
CA ILE A 323 9.67 -35.48 11.21
C ILE A 323 8.31 -36.13 11.42
N ASN A 324 7.64 -35.78 12.53
CA ASN A 324 6.29 -36.28 12.75
C ASN A 324 5.32 -35.17 12.46
N TYR A 325 4.36 -35.41 11.59
CA TYR A 325 3.29 -34.45 11.34
C TYR A 325 2.08 -34.76 12.22
N ASN A 326 1.55 -33.75 12.89
CA ASN A 326 0.38 -33.94 13.74
C ASN A 326 -0.90 -33.31 13.20
N PHE A 327 -1.80 -34.15 12.70
CA PHE A 327 -3.16 -33.71 12.41
C PHE A 327 -3.72 -33.11 13.68
N ASN A 328 -4.32 -31.94 13.58
CA ASN A 328 -5.17 -31.37 14.63
C ASN A 328 -6.27 -30.55 13.94
N MET A 329 -7.04 -31.22 13.10
CA MET A 329 -8.06 -30.57 12.28
C MET A 329 -9.19 -29.90 13.08
N VAL A 330 -9.04 -28.61 13.29
CA VAL A 330 -10.08 -27.79 13.86
C VAL A 330 -10.46 -26.70 12.87
N ALA A 331 -11.76 -26.53 12.62
CA ALA A 331 -12.24 -25.52 11.70
C ALA A 331 -13.40 -24.80 12.34
N ILE A 332 -13.91 -23.75 11.69
CA ILE A 332 -15.10 -23.07 12.17
C ILE A 332 -16.36 -23.60 11.47
N ASP A 333 -17.22 -24.22 12.26
CA ASP A 333 -18.52 -24.71 11.79
C ASP A 333 -19.57 -24.05 12.67
N ASN A 334 -20.58 -23.47 12.05
CA ASN A 334 -21.57 -22.67 12.78
C ASN A 334 -20.99 -21.62 13.76
N PHE A 335 -19.99 -20.87 13.30
CA PHE A 335 -19.41 -19.78 14.09
C PHE A 335 -18.63 -20.26 15.29
N THR A 336 -18.44 -21.57 15.36
CA THR A 336 -17.87 -22.21 16.53
C THR A 336 -16.62 -22.99 16.14
N PRO A 337 -15.58 -22.93 16.96
CA PRO A 337 -14.47 -23.85 16.74
C PRO A 337 -14.95 -25.30 16.93
N ARG A 338 -14.34 -26.23 16.19
CA ARG A 338 -14.80 -27.61 16.20
C ARG A 338 -13.71 -28.54 15.68
N GLN A 339 -13.38 -29.57 16.45
CA GLN A 339 -12.46 -30.56 15.96
C GLN A 339 -13.28 -31.52 15.12
N VAL A 340 -12.74 -31.88 13.97
CA VAL A 340 -13.51 -32.62 12.97
C VAL A 340 -12.61 -33.56 12.21
N GLY A 341 -13.19 -34.63 11.69
CA GLY A 341 -12.43 -35.55 10.88
C GLY A 341 -12.91 -35.44 9.45
N ILE A 342 -12.47 -36.40 8.64
CA ILE A 342 -12.80 -36.41 7.23
C ILE A 342 -14.31 -36.36 6.99
N VAL A 343 -15.11 -36.97 7.87
CA VAL A 343 -16.55 -37.02 7.61
C VAL A 343 -17.28 -35.68 7.71
N PRO A 344 -17.40 -35.13 8.93
CA PRO A 344 -18.08 -33.82 9.03
C PRO A 344 -17.51 -32.77 8.05
N ILE A 345 -16.22 -32.87 7.73
CA ILE A 345 -15.62 -31.95 6.75
C ILE A 345 -16.30 -32.01 5.38
N LEU A 346 -16.45 -33.20 4.83
CA LEU A 346 -17.13 -33.36 3.55
C LEU A 346 -18.64 -33.18 3.65
N SER A 347 -19.21 -33.42 4.82
CA SER A 347 -20.62 -33.16 5.03
C SER A 347 -20.83 -31.69 4.85
N SER A 348 -19.98 -30.92 5.53
CA SER A 348 -20.07 -29.47 5.55
C SER A 348 -19.87 -28.94 4.15
N TYR A 349 -18.86 -29.46 3.48
CA TYR A 349 -18.59 -29.03 2.13
C TYR A 349 -19.83 -29.23 1.28
N ILE A 350 -20.30 -30.47 1.25
CA ILE A 350 -21.46 -30.82 0.45
C ILE A 350 -22.70 -30.02 0.82
N ALA A 351 -22.99 -29.91 2.11
CA ALA A 351 -24.08 -29.05 2.55
C ALA A 351 -23.95 -27.64 1.96
N HIS A 352 -22.72 -27.12 2.02
CA HIS A 352 -22.39 -25.81 1.51
C HIS A 352 -22.62 -25.70 0.02
N ARG A 353 -21.96 -26.55 -0.76
CA ARG A 353 -22.22 -26.56 -2.21
C ARG A 353 -23.71 -26.68 -2.52
N ARG A 354 -24.45 -27.46 -1.74
CA ARG A 354 -25.91 -27.49 -1.88
C ARG A 354 -26.52 -26.08 -1.76
N GLU A 355 -26.22 -25.37 -0.68
CA GLU A 355 -26.70 -23.99 -0.50
C GLU A 355 -26.33 -23.13 -1.68
N VAL A 356 -25.06 -23.13 -2.05
CA VAL A 356 -24.60 -22.35 -3.18
C VAL A 356 -25.40 -22.68 -4.44
N ILE A 357 -25.50 -23.96 -4.80
CA ILE A 357 -26.21 -24.36 -6.02
C ILE A 357 -27.71 -24.02 -5.95
N LEU A 358 -28.28 -24.15 -4.78
CA LEU A 358 -29.67 -23.75 -4.65
C LEU A 358 -29.78 -22.26 -4.88
N ALA A 359 -28.98 -21.50 -4.14
CA ALA A 359 -29.02 -20.06 -4.18
C ALA A 359 -28.77 -19.56 -5.60
N ARG A 360 -27.77 -20.14 -6.23
CA ARG A 360 -27.38 -19.74 -7.54
C ARG A 360 -28.54 -19.93 -8.52
N SER A 361 -29.26 -21.03 -8.37
CA SER A 361 -30.30 -21.36 -9.32
C SER A 361 -31.53 -20.48 -9.11
N ARG A 362 -31.71 -20.01 -7.88
CA ARG A 362 -32.82 -19.11 -7.55
C ARG A 362 -32.58 -17.78 -8.22
N PHE A 363 -31.32 -17.36 -8.19
CA PHE A 363 -30.89 -16.10 -8.77
C PHE A 363 -31.08 -16.06 -10.27
N ASP A 364 -30.55 -17.07 -10.96
CA ASP A 364 -30.67 -17.15 -12.41
C ASP A 364 -32.11 -17.27 -12.86
N LYS A 365 -32.91 -17.92 -12.01
CA LYS A 365 -34.29 -18.18 -12.34
C LYS A 365 -35.05 -16.87 -12.19
N GLU A 366 -34.67 -16.09 -11.19
CA GLU A 366 -35.36 -14.81 -11.01
C GLU A 366 -35.08 -13.87 -12.20
N LYS A 367 -33.85 -13.92 -12.70
CA LYS A 367 -33.48 -13.17 -13.87
C LYS A 367 -34.25 -13.66 -15.08
N ALA A 368 -34.25 -14.96 -15.34
CA ALA A 368 -34.96 -15.48 -16.51
C ALA A 368 -36.43 -15.10 -16.44
N GLU A 369 -36.97 -15.11 -15.23
CA GLU A 369 -38.37 -14.78 -15.03
C GLU A 369 -38.67 -13.30 -15.27
N LYS A 370 -37.89 -12.41 -14.63
CA LYS A 370 -38.09 -10.96 -14.78
C LYS A 370 -38.16 -10.61 -16.27
N ARG A 371 -37.26 -11.22 -17.04
CA ARG A 371 -37.26 -10.97 -18.47
C ARG A 371 -38.43 -11.62 -19.21
N LEU A 372 -38.64 -12.92 -18.97
CA LEU A 372 -39.74 -13.66 -19.60
C LEU A 372 -41.02 -12.85 -19.40
N HIS A 373 -41.15 -12.22 -18.24
CA HIS A 373 -42.28 -11.35 -17.96
C HIS A 373 -42.35 -10.15 -18.91
N ILE A 374 -41.22 -9.43 -19.05
CA ILE A 374 -41.12 -8.28 -19.96
C ILE A 374 -41.41 -8.75 -21.38
N VAL A 375 -40.82 -9.90 -21.74
CA VAL A 375 -40.91 -10.41 -23.10
C VAL A 375 -42.33 -10.75 -23.47
N GLU A 376 -43.10 -11.26 -22.50
CA GLU A 376 -44.54 -11.47 -22.71
C GLU A 376 -45.26 -10.16 -23.05
N GLY A 377 -45.11 -9.16 -22.19
CA GLY A 377 -45.64 -7.83 -22.44
C GLY A 377 -45.33 -7.22 -23.82
N LEU A 378 -44.08 -7.38 -24.27
CA LEU A 378 -43.68 -6.81 -25.55
C LEU A 378 -44.44 -7.46 -26.68
N ILE A 379 -44.60 -8.77 -26.60
CA ILE A 379 -45.33 -9.50 -27.61
C ILE A 379 -46.76 -8.94 -27.69
N ARG A 380 -47.30 -8.54 -26.54
CA ARG A 380 -48.64 -7.97 -26.51
C ARG A 380 -48.67 -6.63 -27.19
N VAL A 381 -47.69 -5.80 -26.83
CA VAL A 381 -47.63 -4.44 -27.34
C VAL A 381 -47.74 -4.45 -28.86
N ILE A 382 -47.03 -5.36 -29.53
CA ILE A 382 -47.03 -5.38 -30.98
C ILE A 382 -48.44 -5.56 -31.52
N SER A 383 -49.21 -6.41 -30.85
CA SER A 383 -50.61 -6.61 -31.19
C SER A 383 -51.44 -5.33 -31.07
N ILE A 384 -50.91 -4.33 -30.36
CA ILE A 384 -51.66 -3.10 -30.14
C ILE A 384 -50.79 -1.85 -30.14
N LEU A 385 -49.78 -1.84 -31.02
CA LEU A 385 -48.82 -0.74 -31.08
C LEU A 385 -49.47 0.61 -31.21
N ASP A 386 -50.37 0.74 -32.19
CA ASP A 386 -50.94 2.04 -32.52
C ASP A 386 -51.66 2.67 -31.33
N GLU A 387 -52.37 1.85 -30.56
CA GLU A 387 -53.07 2.38 -29.40
C GLU A 387 -52.19 2.55 -28.16
N VAL A 388 -51.06 1.85 -28.11
CA VAL A 388 -50.16 2.05 -26.99
C VAL A 388 -49.37 3.33 -27.18
N ILE A 389 -48.98 3.60 -28.42
CA ILE A 389 -48.32 4.86 -28.75
C ILE A 389 -49.27 6.01 -28.50
N ALA A 390 -50.55 5.76 -28.82
CA ALA A 390 -51.61 6.74 -28.71
C ALA A 390 -51.87 7.15 -27.25
N LEU A 391 -51.71 6.19 -26.36
CA LEU A 391 -51.93 6.36 -24.93
C LEU A 391 -50.79 7.15 -24.28
N ILE A 392 -49.58 6.91 -24.77
CA ILE A 392 -48.41 7.63 -24.32
C ILE A 392 -48.49 9.06 -24.83
N ARG A 393 -48.82 9.20 -26.11
CA ARG A 393 -49.12 10.50 -26.67
C ARG A 393 -50.13 11.25 -25.79
N ALA A 394 -51.10 10.53 -25.27
CA ALA A 394 -52.18 11.12 -24.51
C ALA A 394 -51.85 11.24 -23.03
N SER A 395 -50.75 10.62 -22.61
CA SER A 395 -50.41 10.61 -21.18
C SER A 395 -49.67 11.90 -20.77
N GLU A 396 -49.78 12.28 -19.49
CA GLU A 396 -49.19 13.55 -19.02
C GLU A 396 -47.69 13.47 -18.78
N ASN A 397 -47.23 12.30 -18.37
CA ASN A 397 -45.82 12.11 -18.07
C ASN A 397 -45.47 10.64 -17.97
N LYS A 398 -44.25 10.33 -17.57
CA LYS A 398 -43.84 8.94 -17.48
C LYS A 398 -44.71 8.22 -16.46
N ALA A 399 -44.78 8.77 -15.27
CA ALA A 399 -45.69 8.26 -14.24
C ALA A 399 -47.07 7.93 -14.80
N ASP A 400 -47.72 8.93 -15.40
CA ASP A 400 -49.08 8.78 -15.88
C ASP A 400 -49.19 7.72 -16.96
N ALA A 401 -48.25 7.77 -17.91
CA ALA A 401 -48.22 6.81 -18.99
C ALA A 401 -48.25 5.40 -18.41
N LYS A 402 -47.33 5.11 -17.49
CA LYS A 402 -47.32 3.82 -16.85
C LYS A 402 -48.68 3.51 -16.22
N GLU A 403 -49.23 4.43 -15.44
CA GLU A 403 -50.56 4.19 -14.88
C GLU A 403 -51.59 3.76 -15.94
N ASN A 404 -51.69 4.51 -17.03
CA ASN A 404 -52.64 4.18 -18.09
C ASN A 404 -52.41 2.82 -18.73
N LEU A 405 -51.13 2.44 -18.92
CA LEU A 405 -50.81 1.15 -19.48
C LEU A 405 -51.36 0.06 -18.57
N LYS A 406 -51.08 0.17 -17.28
CA LYS A 406 -51.68 -0.74 -16.30
C LYS A 406 -53.20 -0.76 -16.43
N VAL A 407 -53.82 0.39 -16.18
CA VAL A 407 -55.29 0.47 -16.14
C VAL A 407 -55.97 0.08 -17.45
N SER A 408 -55.53 0.65 -18.56
CA SER A 408 -56.23 0.40 -19.79
C SER A 408 -55.90 -1.00 -20.39
N TYR A 409 -54.68 -1.50 -20.19
CA TYR A 409 -54.34 -2.77 -20.83
C TYR A 409 -53.73 -3.83 -19.91
N ASP A 410 -53.83 -3.63 -18.60
CA ASP A 410 -53.44 -4.67 -17.64
C ASP A 410 -51.98 -5.02 -17.71
N PHE A 411 -51.16 -4.10 -18.17
CA PHE A 411 -49.74 -4.35 -18.05
C PHE A 411 -49.35 -4.19 -16.59
N THR A 412 -48.22 -4.76 -16.22
CA THR A 412 -47.79 -4.66 -14.84
C THR A 412 -46.77 -3.54 -14.75
N GLU A 413 -46.53 -3.03 -13.56
CA GLU A 413 -45.52 -2.00 -13.38
C GLU A 413 -44.28 -2.34 -14.22
N GLU A 414 -43.74 -3.54 -14.03
CA GLU A 414 -42.48 -3.90 -14.67
C GLU A 414 -42.53 -3.87 -16.20
N GLN A 415 -43.68 -4.21 -16.77
CA GLN A 415 -43.86 -4.16 -18.22
C GLN A 415 -44.09 -2.72 -18.65
N ALA A 416 -44.90 -2.02 -17.86
CA ALA A 416 -45.20 -0.65 -18.16
C ALA A 416 -43.90 0.15 -18.15
N GLU A 417 -42.97 -0.23 -17.28
CA GLU A 417 -41.68 0.45 -17.27
C GLU A 417 -40.83 0.07 -18.49
N ALA A 418 -40.76 -1.21 -18.81
CA ALA A 418 -40.08 -1.60 -20.03
C ALA A 418 -40.62 -0.85 -21.25
N ILE A 419 -41.94 -0.93 -21.44
CA ILE A 419 -42.61 -0.37 -22.60
C ILE A 419 -42.30 1.11 -22.79
N VAL A 420 -42.60 1.86 -21.74
CA VAL A 420 -42.44 3.29 -21.69
C VAL A 420 -40.98 3.79 -21.85
N THR A 421 -40.00 2.91 -21.63
CA THR A 421 -38.60 3.32 -21.75
C THR A 421 -37.93 2.72 -22.99
N LEU A 422 -38.73 2.17 -23.91
CA LEU A 422 -38.21 1.74 -25.20
C LEU A 422 -37.77 2.98 -25.98
N GLN A 423 -36.68 2.85 -26.75
CA GLN A 423 -36.25 3.91 -27.63
C GLN A 423 -37.17 3.94 -28.85
N LEU A 424 -37.38 5.12 -29.44
CA LEU A 424 -38.37 5.27 -30.51
C LEU A 424 -38.21 4.27 -31.65
N TYR A 425 -36.98 4.02 -32.07
CA TYR A 425 -36.76 3.18 -33.23
C TYR A 425 -37.31 1.75 -33.06
N ARG A 426 -37.68 1.38 -31.85
CA ARG A 426 -38.28 0.07 -31.62
C ARG A 426 -39.62 -0.05 -32.34
N LEU A 427 -40.27 1.07 -32.55
CA LEU A 427 -41.56 1.10 -33.26
C LEU A 427 -41.43 0.61 -34.70
N THR A 428 -40.19 0.48 -35.17
CA THR A 428 -39.97 0.01 -36.53
C THR A 428 -40.32 -1.46 -36.62
N ASN A 429 -39.95 -2.20 -35.58
CA ASN A 429 -40.15 -3.65 -35.54
C ASN A 429 -41.60 -4.16 -35.42
N THR A 430 -41.85 -5.31 -36.05
CA THR A 430 -43.16 -5.96 -35.98
C THR A 430 -43.01 -7.47 -35.79
N ASP A 431 -41.76 -7.92 -35.63
CA ASP A 431 -41.46 -9.34 -35.55
C ASP A 431 -41.72 -9.92 -34.17
N VAL A 432 -42.77 -10.71 -34.10
CA VAL A 432 -43.12 -11.38 -32.88
C VAL A 432 -42.33 -12.69 -32.73
N VAL A 433 -41.79 -13.19 -33.83
CA VAL A 433 -41.17 -14.52 -33.82
C VAL A 433 -39.91 -14.59 -32.97
N VAL A 434 -38.96 -13.70 -33.23
CA VAL A 434 -37.76 -13.62 -32.43
C VAL A 434 -38.11 -13.59 -30.95
N LEU A 435 -39.03 -12.71 -30.57
CA LEU A 435 -39.53 -12.63 -29.20
C LEU A 435 -40.08 -13.98 -28.72
N GLN A 436 -40.88 -14.64 -29.56
CA GLN A 436 -41.42 -15.94 -29.21
C GLN A 436 -40.33 -16.99 -29.03
N GLU A 437 -39.31 -16.99 -29.89
CA GLU A 437 -38.14 -17.84 -29.72
C GLU A 437 -37.53 -17.55 -28.36
N GLU A 438 -37.30 -16.27 -28.04
CA GLU A 438 -36.75 -15.93 -26.73
C GLU A 438 -37.65 -16.42 -25.57
N GLU A 439 -38.96 -16.30 -25.73
CA GLU A 439 -39.93 -16.77 -24.74
C GLU A 439 -39.72 -18.26 -24.49
N ALA A 440 -39.56 -19.00 -25.57
CA ALA A 440 -39.35 -20.43 -25.46
C ALA A 440 -38.03 -20.76 -24.74
N GLU A 441 -36.91 -20.25 -25.25
CA GLU A 441 -35.64 -20.49 -24.59
C GLU A 441 -35.74 -20.18 -23.08
N LEU A 442 -36.54 -19.17 -22.71
CA LEU A 442 -36.60 -18.72 -21.32
C LEU A 442 -37.41 -19.67 -20.46
N ARG A 443 -38.53 -20.10 -21.02
CA ARG A 443 -39.37 -21.09 -20.39
C ARG A 443 -38.58 -22.38 -20.07
N GLU A 444 -37.90 -22.93 -21.07
CA GLU A 444 -37.06 -24.12 -20.85
C GLU A 444 -36.05 -23.91 -19.73
N LYS A 445 -35.37 -22.78 -19.74
CA LYS A 445 -34.34 -22.48 -18.75
C LYS A 445 -34.93 -22.46 -17.33
N ILE A 446 -36.17 -21.99 -17.20
CA ILE A 446 -36.78 -21.86 -15.89
C ILE A 446 -37.21 -23.21 -15.35
N ALA A 447 -37.72 -24.06 -16.26
CA ALA A 447 -38.08 -25.41 -15.92
C ALA A 447 -36.86 -26.11 -15.35
N MET A 448 -35.74 -26.05 -16.09
CA MET A 448 -34.54 -26.75 -15.65
C MET A 448 -34.14 -26.23 -14.29
N LEU A 449 -34.19 -24.93 -14.10
CA LEU A 449 -33.77 -24.36 -12.83
C LEU A 449 -34.75 -24.71 -11.73
N ALA A 450 -36.04 -24.66 -12.03
CA ALA A 450 -37.03 -24.95 -11.02
C ALA A 450 -36.84 -26.38 -10.50
N ALA A 451 -36.53 -27.31 -11.40
CA ALA A 451 -36.33 -28.72 -11.04
C ALA A 451 -35.18 -28.92 -10.07
N ILE A 452 -34.05 -28.28 -10.34
CA ILE A 452 -32.92 -28.35 -9.44
C ILE A 452 -33.37 -27.89 -8.07
N ILE A 453 -34.15 -26.82 -8.06
CA ILE A 453 -34.51 -26.23 -6.79
C ILE A 453 -35.47 -27.15 -6.05
N GLY A 454 -36.25 -27.91 -6.82
CA GLY A 454 -37.32 -28.72 -6.25
C GLY A 454 -37.12 -30.22 -6.17
N ASP A 455 -35.93 -30.71 -6.56
CA ASP A 455 -35.61 -32.13 -6.49
C ASP A 455 -34.20 -32.37 -5.95
N GLU A 456 -34.11 -32.84 -4.70
CA GLU A 456 -32.79 -33.11 -4.10
C GLU A 456 -31.88 -33.89 -5.05
N ARG A 457 -32.40 -34.87 -5.76
CA ARG A 457 -31.55 -35.68 -6.63
C ARG A 457 -31.02 -34.88 -7.83
N THR A 458 -31.90 -34.15 -8.49
CA THR A 458 -31.50 -33.36 -9.63
C THR A 458 -30.36 -32.45 -9.21
N MET A 459 -30.57 -31.80 -8.07
CA MET A 459 -29.58 -30.92 -7.47
C MET A 459 -28.24 -31.62 -7.22
N TYR A 460 -28.28 -32.79 -6.58
CA TYR A 460 -27.05 -33.51 -6.29
C TYR A 460 -26.34 -34.00 -7.55
N ASN A 461 -27.07 -34.27 -8.62
CA ASN A 461 -26.37 -34.74 -9.80
C ASN A 461 -25.63 -33.60 -10.45
N LEU A 462 -26.20 -32.40 -10.29
CA LEU A 462 -25.51 -31.18 -10.68
C LEU A 462 -24.22 -31.04 -9.90
N MET A 463 -24.32 -31.08 -8.57
CA MET A 463 -23.14 -31.05 -7.71
C MET A 463 -22.05 -32.01 -8.19
N LYS A 464 -22.44 -33.25 -8.45
CA LYS A 464 -21.49 -34.26 -8.89
C LYS A 464 -20.87 -33.89 -10.24
N LYS A 465 -21.72 -33.45 -11.17
CA LYS A 465 -21.31 -33.11 -12.53
C LYS A 465 -20.23 -32.06 -12.49
N GLU A 466 -20.50 -30.99 -11.73
CA GLU A 466 -19.60 -29.85 -11.62
C GLU A 466 -18.28 -30.23 -10.98
N LEU A 467 -18.34 -30.90 -9.84
CA LEU A 467 -17.15 -31.41 -9.17
C LEU A 467 -16.25 -32.23 -10.13
N ARG A 468 -16.87 -33.04 -10.96
CA ARG A 468 -16.11 -33.90 -11.87
C ARG A 468 -15.40 -33.05 -12.93
N GLU A 469 -16.06 -32.00 -13.38
CA GLU A 469 -15.45 -31.04 -14.29
C GLU A 469 -14.22 -30.40 -13.62
N VAL A 470 -14.37 -29.96 -12.38
CA VAL A 470 -13.24 -29.39 -11.64
C VAL A 470 -12.06 -30.34 -11.59
N LYS A 471 -12.33 -31.59 -11.20
CA LYS A 471 -11.32 -32.63 -11.22
C LYS A 471 -10.71 -32.81 -12.61
N LYS A 472 -11.54 -32.94 -13.65
CA LYS A 472 -10.97 -33.23 -14.97
C LYS A 472 -9.97 -32.17 -15.36
N LYS A 473 -10.20 -30.96 -14.85
CA LYS A 473 -9.49 -29.78 -15.28
C LYS A 473 -8.24 -29.51 -14.47
N PHE A 474 -8.32 -29.72 -13.16
CA PHE A 474 -7.25 -29.32 -12.26
C PHE A 474 -6.47 -30.48 -11.66
N ALA A 475 -6.87 -31.70 -12.00
CA ALA A 475 -6.32 -32.91 -11.39
C ALA A 475 -4.85 -33.04 -11.68
N THR A 476 -4.10 -33.44 -10.66
CA THR A 476 -2.66 -33.68 -10.83
C THR A 476 -2.21 -34.86 -9.98
N PRO A 477 -1.15 -35.54 -10.42
CA PRO A 477 -0.69 -36.77 -9.79
C PRO A 477 -0.20 -36.55 -8.36
N ARG A 478 -0.17 -37.64 -7.59
CA ARG A 478 0.40 -37.60 -6.23
C ARG A 478 1.88 -37.26 -6.25
N LEU A 479 2.30 -36.59 -5.20
CA LEU A 479 3.70 -36.26 -5.02
C LEU A 479 4.20 -37.07 -3.86
N SER A 480 3.37 -37.16 -2.82
CA SER A 480 3.71 -37.89 -1.62
C SER A 480 3.25 -39.33 -1.74
N SER A 481 4.16 -40.27 -1.47
CA SER A 481 3.86 -41.69 -1.45
C SER A 481 3.39 -42.15 -0.06
N LEU A 482 2.55 -43.18 -0.02
CA LEU A 482 2.07 -43.71 1.25
C LEU A 482 2.59 -45.12 1.59
N GLU A 483 2.90 -45.32 2.88
CA GLU A 483 3.46 -46.55 3.40
C GLU A 483 2.79 -46.87 4.74
N ASP A 484 3.09 -48.03 5.32
CA ASP A 484 2.66 -48.32 6.69
C ASP A 484 3.72 -49.12 7.47
N ASN B 3 28.20 -13.38 -27.35
CA ASN B 3 28.11 -13.44 -25.89
C ASN B 3 28.77 -12.25 -25.17
N ILE B 4 29.37 -11.33 -25.93
CA ILE B 4 30.00 -10.15 -25.34
C ILE B 4 30.17 -9.00 -26.35
N GLN B 5 30.47 -7.82 -25.83
CA GLN B 5 30.60 -6.61 -26.65
C GLN B 5 31.22 -5.52 -25.79
N ASN B 6 32.40 -5.05 -26.16
CA ASN B 6 33.14 -4.11 -25.32
C ASN B 6 32.73 -2.66 -25.51
N MET B 7 32.91 -1.86 -24.47
CA MET B 7 32.54 -0.46 -24.49
C MET B 7 33.61 0.33 -23.73
N SER B 8 33.90 1.54 -24.19
CA SER B 8 34.87 2.41 -23.52
C SER B 8 34.38 2.87 -22.14
N LEU B 9 35.29 3.01 -21.18
CA LEU B 9 34.93 3.53 -19.86
C LEU B 9 34.43 4.96 -19.97
N GLU B 10 34.98 5.73 -20.92
CA GLU B 10 34.54 7.10 -21.16
C GLU B 10 33.17 7.09 -21.84
N ASP B 11 33.08 6.44 -22.99
CA ASP B 11 31.83 6.41 -23.73
C ASP B 11 30.68 5.75 -22.92
N ILE B 12 30.97 5.29 -21.71
CA ILE B 12 29.96 4.56 -20.93
C ILE B 12 29.49 5.26 -19.66
N MET B 13 30.41 5.87 -18.93
CA MET B 13 30.02 6.78 -17.85
C MET B 13 29.29 7.95 -18.48
N GLY B 14 29.73 8.31 -19.67
CA GLY B 14 29.04 9.33 -20.44
C GLY B 14 27.57 9.03 -20.58
N GLU B 15 27.24 7.86 -21.15
CA GLU B 15 25.86 7.51 -21.45
C GLU B 15 25.06 7.23 -20.18
N ARG B 16 25.66 6.47 -19.28
CA ARG B 16 25.01 6.15 -18.02
C ARG B 16 24.68 7.40 -17.22
N PHE B 17 25.66 8.28 -17.01
CA PHE B 17 25.45 9.46 -16.18
C PHE B 17 24.53 10.52 -16.81
N GLY B 18 24.65 10.69 -18.12
CA GLY B 18 23.74 11.56 -18.84
C GLY B 18 22.29 11.15 -18.67
N ARG B 19 22.03 9.84 -18.67
CA ARG B 19 20.69 9.32 -18.44
C ARG B 19 20.19 9.70 -17.04
N TYR B 20 21.00 9.46 -16.02
CA TYR B 20 20.60 9.74 -14.64
C TYR B 20 20.43 11.24 -14.46
N SER B 21 21.42 11.99 -14.92
CA SER B 21 21.38 13.45 -14.93
C SER B 21 20.03 13.98 -15.44
N LYS B 22 19.79 13.81 -16.73
CA LYS B 22 18.56 14.29 -17.35
C LYS B 22 17.30 13.90 -16.59
N TYR B 23 17.15 12.61 -16.29
CA TYR B 23 15.95 12.12 -15.61
C TYR B 23 15.75 12.79 -14.25
N ILE B 24 16.77 12.75 -13.41
CA ILE B 24 16.63 13.28 -12.05
C ILE B 24 16.45 14.82 -12.05
N ILE B 25 16.78 15.46 -13.17
CA ILE B 25 16.55 16.91 -13.34
C ILE B 25 15.16 17.24 -13.83
N GLN B 26 14.73 16.57 -14.91
CA GLN B 26 13.41 16.81 -15.48
C GLN B 26 12.26 16.23 -14.66
N ASP B 27 12.45 14.99 -14.17
CA ASP B 27 11.37 14.19 -13.61
C ASP B 27 11.61 13.69 -12.20
N ARG B 28 12.28 14.47 -11.35
CA ARG B 28 12.35 14.06 -9.95
C ARG B 28 12.45 15.21 -8.95
N ALA B 29 13.57 15.93 -9.01
CA ALA B 29 13.95 16.83 -7.92
C ALA B 29 13.55 18.30 -8.08
N LEU B 30 13.18 18.71 -9.29
CA LEU B 30 12.84 20.10 -9.52
C LEU B 30 11.43 20.22 -10.04
N PRO B 31 10.72 21.27 -9.60
CA PRO B 31 9.32 21.63 -9.88
C PRO B 31 9.11 22.15 -11.29
N ASP B 32 7.91 21.98 -11.83
CA ASP B 32 7.55 22.60 -13.09
C ASP B 32 7.27 24.04 -12.71
N ILE B 33 7.69 24.98 -13.56
CA ILE B 33 7.56 26.40 -13.30
C ILE B 33 6.10 26.87 -13.17
N ARG B 34 5.17 26.10 -13.75
CA ARG B 34 3.76 26.50 -13.79
C ARG B 34 2.89 25.95 -12.65
N ASP B 35 2.96 24.65 -12.36
CA ASP B 35 2.12 24.15 -11.28
C ASP B 35 2.88 24.05 -9.97
N GLY B 36 4.21 24.17 -10.06
CA GLY B 36 5.07 24.23 -8.89
C GLY B 36 5.20 22.90 -8.18
N LEU B 37 5.01 21.83 -8.96
CA LEU B 37 5.00 20.48 -8.43
C LEU B 37 6.14 19.66 -9.02
N LYS B 38 6.72 18.79 -8.18
CA LYS B 38 7.60 17.73 -8.67
C LYS B 38 6.70 16.57 -9.10
N PRO B 39 7.15 15.73 -10.06
CA PRO B 39 6.30 14.71 -10.67
C PRO B 39 5.57 13.84 -9.65
N VAL B 40 6.29 13.38 -8.62
CA VAL B 40 5.67 12.56 -7.59
C VAL B 40 4.50 13.32 -6.96
N GLN B 41 4.75 14.56 -6.54
CA GLN B 41 3.68 15.39 -6.01
C GLN B 41 2.48 15.47 -6.95
N ARG B 42 2.73 15.60 -8.26
CA ARG B 42 1.65 15.73 -9.25
C ARG B 42 0.86 14.44 -9.36
N ARG B 43 1.56 13.32 -9.25
CA ARG B 43 0.92 12.02 -9.31
C ARG B 43 0.03 11.73 -8.12
N ILE B 44 0.57 11.92 -6.92
CA ILE B 44 -0.25 11.89 -5.72
C ILE B 44 -1.54 12.69 -5.92
N LEU B 45 -1.40 13.97 -6.32
CA LEU B 45 -2.59 14.80 -6.54
C LEU B 45 -3.51 14.27 -7.61
N TYR B 46 -2.98 14.05 -8.81
CA TYR B 46 -3.82 13.56 -9.89
C TYR B 46 -4.50 12.24 -9.48
N SER B 47 -3.74 11.35 -8.84
CA SER B 47 -4.27 10.03 -8.45
C SER B 47 -5.40 10.16 -7.42
N MET B 48 -5.13 10.77 -6.27
CA MET B 48 -6.18 10.93 -5.27
C MET B 48 -7.42 11.54 -5.92
N ASN B 49 -7.23 12.46 -6.84
CA ASN B 49 -8.38 13.13 -7.42
C ASN B 49 -9.21 12.14 -8.25
N LYS B 50 -8.54 11.33 -9.06
CA LYS B 50 -9.21 10.35 -9.91
C LYS B 50 -10.00 9.40 -9.02
N ASP B 51 -9.38 8.96 -7.93
CA ASP B 51 -9.98 8.04 -6.97
C ASP B 51 -11.01 8.74 -6.07
N SER B 52 -11.39 9.97 -6.45
CA SER B 52 -12.46 10.73 -5.78
C SER B 52 -12.20 11.04 -4.32
N ASN B 53 -10.92 11.13 -3.97
CA ASN B 53 -10.51 11.28 -2.57
C ASN B 53 -10.28 12.74 -2.20
N THR B 54 -11.38 13.47 -2.07
CA THR B 54 -11.32 14.92 -2.04
C THR B 54 -11.85 15.47 -0.73
N PHE B 55 -11.76 16.79 -0.57
CA PHE B 55 -12.05 17.45 0.71
C PHE B 55 -13.50 17.29 1.16
N ASP B 56 -14.38 17.01 0.20
CA ASP B 56 -15.81 16.99 0.47
C ASP B 56 -16.28 15.61 0.86
N LYS B 57 -15.37 14.65 0.78
CA LYS B 57 -15.73 13.24 0.94
C LYS B 57 -14.82 12.62 1.99
N SER B 58 -15.18 11.43 2.45
CA SER B 58 -14.47 10.78 3.55
C SER B 58 -12.96 10.77 3.40
N TYR B 59 -12.27 10.58 4.53
CA TYR B 59 -10.85 10.24 4.51
C TYR B 59 -10.70 8.78 4.06
N ARG B 60 -9.59 8.51 3.39
CA ARG B 60 -9.35 7.20 2.80
C ARG B 60 -8.00 6.70 3.34
N LYS B 61 -7.97 5.45 3.79
CA LYS B 61 -6.78 4.89 4.42
C LYS B 61 -5.57 5.19 3.54
N SER B 62 -4.51 5.73 4.14
CA SER B 62 -3.38 6.24 3.36
C SER B 62 -2.75 5.20 2.45
N ALA B 63 -2.57 4.00 2.97
CA ALA B 63 -1.95 2.92 2.20
C ALA B 63 -2.70 2.63 0.90
N LYS B 64 -4.00 2.92 0.88
CA LYS B 64 -4.81 2.66 -0.29
C LYS B 64 -4.47 3.66 -1.40
N SER B 65 -4.21 4.90 -1.00
CA SER B 65 -3.87 5.94 -1.96
C SER B 65 -2.48 5.69 -2.49
N VAL B 66 -1.55 5.42 -1.58
CA VAL B 66 -0.17 5.17 -1.98
C VAL B 66 -0.06 4.03 -3.00
N GLY B 67 -0.66 2.88 -2.69
CA GLY B 67 -0.58 1.72 -3.53
C GLY B 67 -1.17 1.95 -4.91
N ASN B 68 -2.29 2.67 -4.95
CA ASN B 68 -2.86 3.07 -6.23
C ASN B 68 -1.97 3.99 -7.08
N ILE B 69 -1.35 4.98 -6.43
CA ILE B 69 -0.36 5.83 -7.07
C ILE B 69 0.79 5.01 -7.67
N MET B 70 1.32 4.10 -6.86
CA MET B 70 2.39 3.21 -7.26
C MET B 70 2.02 2.26 -8.40
N GLY B 71 0.77 1.86 -8.49
CA GLY B 71 0.37 0.89 -9.51
C GLY B 71 -0.03 1.55 -10.80
N ASN B 72 -0.42 2.81 -10.71
CA ASN B 72 -0.90 3.51 -11.89
C ASN B 72 0.03 4.58 -12.45
N PHE B 73 0.81 5.26 -11.62
CA PHE B 73 1.57 6.42 -12.12
C PHE B 73 3.05 6.49 -11.75
N HIS B 74 3.36 6.21 -10.51
CA HIS B 74 4.69 6.43 -9.96
C HIS B 74 5.35 5.10 -9.67
N PRO B 75 6.28 4.70 -10.53
CA PRO B 75 6.94 3.40 -10.44
C PRO B 75 8.09 3.43 -9.44
N HIS B 76 7.82 3.83 -8.20
CA HIS B 76 8.88 3.89 -7.21
C HIS B 76 8.46 3.41 -5.85
N GLY B 77 9.26 3.68 -4.84
CA GLY B 77 9.02 3.09 -3.54
C GLY B 77 7.73 3.55 -2.91
N ASP B 78 7.02 2.63 -2.25
CA ASP B 78 5.85 3.02 -1.47
C ASP B 78 6.26 4.07 -0.42
N SER B 79 7.45 3.92 0.15
CA SER B 79 7.89 4.81 1.21
C SER B 79 8.21 6.21 0.70
N SER B 80 8.86 6.33 -0.45
CA SER B 80 9.05 7.66 -1.03
C SER B 80 7.71 8.35 -1.22
N ILE B 81 6.80 7.68 -1.91
CA ILE B 81 5.47 8.22 -2.19
C ILE B 81 4.73 8.68 -0.94
N TYR B 82 4.80 7.90 0.12
CA TYR B 82 4.11 8.25 1.34
C TYR B 82 4.74 9.47 2.01
N ASP B 83 6.07 9.48 2.07
CA ASP B 83 6.81 10.55 2.70
C ASP B 83 6.45 11.88 2.05
N ALA B 84 6.37 11.85 0.73
CA ALA B 84 6.00 13.01 -0.05
C ALA B 84 4.61 13.43 0.33
N MET B 85 3.68 12.48 0.30
CA MET B 85 2.28 12.69 0.67
C MET B 85 2.13 13.27 2.08
N VAL B 86 2.88 12.72 3.04
CA VAL B 86 2.89 13.26 4.39
C VAL B 86 3.30 14.72 4.41
N ARG B 87 4.42 15.05 3.77
CA ARG B 87 4.90 16.44 3.73
C ARG B 87 3.83 17.39 3.21
N MET B 88 3.15 17.02 2.12
CA MET B 88 2.13 17.89 1.55
C MET B 88 1.06 18.24 2.57
N SER B 89 1.03 17.53 3.69
CA SER B 89 -0.04 17.67 4.68
C SER B 89 0.41 18.38 5.95
N GLN B 90 1.70 18.66 6.06
CA GLN B 90 2.23 19.37 7.24
C GLN B 90 2.15 20.89 7.07
N ASN B 91 1.43 21.53 7.97
CA ASN B 91 1.16 22.94 7.80
C ASN B 91 2.28 23.82 8.32
N TRP B 92 3.40 23.20 8.67
CA TRP B 92 4.60 23.94 9.00
C TRP B 92 5.64 23.83 7.90
N LYS B 93 5.31 23.13 6.81
CA LYS B 93 6.17 23.09 5.63
C LYS B 93 5.48 23.74 4.43
N ASN B 94 4.18 23.52 4.30
CA ASN B 94 3.46 24.21 3.23
C ASN B 94 2.66 25.39 3.76
N ARG B 95 2.72 26.50 3.02
CA ARG B 95 1.95 27.69 3.38
C ARG B 95 0.48 27.33 3.27
N GLU B 96 0.18 26.57 2.23
CA GLU B 96 -1.17 26.16 1.91
C GLU B 96 -1.24 24.64 1.64
N ILE B 97 -1.48 23.83 2.67
CA ILE B 97 -1.35 22.36 2.49
C ILE B 97 -2.29 21.77 1.46
N LEU B 98 -1.76 20.83 0.68
CA LEU B 98 -2.46 20.25 -0.46
C LEU B 98 -3.10 18.92 -0.13
N VAL B 99 -2.71 18.35 1.00
CA VAL B 99 -3.28 17.11 1.50
C VAL B 99 -3.64 17.28 2.96
N GLU B 100 -4.87 16.91 3.33
CA GLU B 100 -5.28 16.85 4.73
C GLU B 100 -5.15 15.40 5.22
N MET B 101 -4.63 15.23 6.42
CA MET B 101 -4.37 13.88 6.90
C MET B 101 -4.79 13.67 8.36
N HIS B 102 -5.58 12.62 8.60
CA HIS B 102 -5.94 12.17 9.94
C HIS B 102 -4.85 11.28 10.55
N GLY B 103 -4.50 11.57 11.79
CA GLY B 103 -3.44 10.83 12.47
C GLY B 103 -2.13 11.58 12.62
N ASN B 104 -1.16 10.92 13.24
CA ASN B 104 0.16 11.49 13.42
C ASN B 104 0.89 11.67 12.10
N ASN B 105 0.94 12.92 11.63
CA ASN B 105 1.71 13.24 10.42
C ASN B 105 3.01 13.98 10.74
N GLY B 106 3.48 13.84 11.97
CA GLY B 106 4.70 14.48 12.38
C GLY B 106 4.46 15.73 13.20
N SER B 107 5.52 16.51 13.38
CA SER B 107 5.48 17.70 14.21
C SER B 107 6.70 18.53 13.87
N MET B 108 6.77 19.75 14.40
CA MET B 108 7.95 20.59 14.20
C MET B 108 9.15 20.12 15.01
N ASP B 109 8.94 19.12 15.86
CA ASP B 109 10.02 18.50 16.62
C ASP B 109 10.76 17.43 15.80
N GLY B 110 10.35 17.26 14.54
CA GLY B 110 11.06 16.41 13.62
C GLY B 110 10.81 14.92 13.85
N ASP B 111 9.90 14.59 14.75
CA ASP B 111 9.65 13.19 15.03
C ASP B 111 8.83 12.53 13.91
N PRO B 112 8.86 11.18 13.85
CA PRO B 112 8.36 10.49 12.67
C PRO B 112 6.86 10.46 12.72
N PRO B 113 6.21 10.55 11.53
CA PRO B 113 4.77 10.40 11.40
C PRO B 113 4.39 8.94 11.60
N ALA B 114 3.10 8.70 11.81
CA ALA B 114 2.63 7.33 11.97
C ALA B 114 2.85 6.60 10.65
N ALA B 115 3.12 5.31 10.75
CA ALA B 115 3.29 4.50 9.55
C ALA B 115 2.06 4.53 8.64
N MET B 116 2.28 4.32 7.35
CA MET B 116 1.22 4.45 6.34
C MET B 116 -0.07 3.63 6.61
N ARG B 117 0.01 2.63 7.46
CA ARG B 117 -1.13 1.76 7.74
CA ARG B 117 -1.12 1.76 7.74
C ARG B 117 -2.14 2.40 8.71
N TYR B 118 -1.68 3.41 9.45
CA TYR B 118 -2.46 4.07 10.49
C TYR B 118 -3.22 5.32 10.07
N THR B 119 -2.69 6.03 9.08
CA THR B 119 -3.21 7.35 8.75
C THR B 119 -4.25 7.31 7.64
N GLU B 120 -5.11 8.34 7.62
CA GLU B 120 -6.12 8.52 6.59
C GLU B 120 -5.81 9.86 5.95
N ALA B 121 -6.27 10.06 4.72
CA ALA B 121 -5.98 11.31 4.02
C ALA B 121 -6.96 11.58 2.88
N ARG B 122 -6.95 12.83 2.41
CA ARG B 122 -7.74 13.27 1.27
C ARG B 122 -7.18 14.62 0.80
N LEU B 123 -7.54 15.04 -0.41
CA LEU B 123 -7.08 16.35 -0.89
C LEU B 123 -7.70 17.47 -0.07
N SER B 124 -6.93 18.53 0.15
CA SER B 124 -7.45 19.73 0.80
C SER B 124 -8.34 20.42 -0.20
N GLU B 125 -9.22 21.29 0.28
CA GLU B 125 -10.07 22.02 -0.66
C GLU B 125 -9.25 22.80 -1.69
N ILE B 126 -8.16 23.43 -1.26
CA ILE B 126 -7.40 24.27 -2.17
C ILE B 126 -6.68 23.52 -3.29
N ALA B 127 -6.24 22.30 -3.00
CA ALA B 127 -5.59 21.46 -4.02
C ALA B 127 -6.55 21.18 -5.18
N GLY B 128 -7.82 21.13 -4.87
CA GLY B 128 -8.82 20.98 -5.89
C GLY B 128 -8.75 22.06 -6.93
N TYR B 129 -8.31 23.25 -6.52
CA TYR B 129 -8.14 24.33 -7.47
C TYR B 129 -6.89 24.11 -8.34
N LEU B 130 -5.91 23.38 -7.83
CA LEU B 130 -4.82 22.89 -8.69
C LEU B 130 -5.30 21.94 -9.81
N LEU B 131 -6.44 21.27 -9.59
CA LEU B 131 -6.91 20.29 -10.57
C LEU B 131 -8.08 20.78 -11.40
N GLN B 132 -8.68 21.88 -10.97
CA GLN B 132 -9.87 22.42 -11.62
C GLN B 132 -9.71 22.34 -13.14
N ASP B 133 -10.71 21.78 -13.81
CA ASP B 133 -10.81 21.78 -15.27
C ASP B 133 -9.97 20.72 -15.99
N ILE B 134 -9.50 19.73 -15.24
CA ILE B 134 -8.66 18.69 -15.83
C ILE B 134 -9.46 17.75 -16.72
N GLU B 135 -10.73 17.57 -16.36
CA GLU B 135 -11.64 16.73 -17.13
C GLU B 135 -11.95 17.36 -18.49
N LYS B 136 -11.43 18.56 -18.72
CA LYS B 136 -11.82 19.36 -19.88
C LYS B 136 -10.75 19.55 -20.95
N LYS B 137 -9.85 18.58 -21.08
CA LYS B 137 -8.82 18.64 -22.11
C LYS B 137 -8.12 20.00 -22.14
N THR B 138 -7.63 20.43 -20.97
CA THR B 138 -7.02 21.76 -20.80
C THR B 138 -5.54 21.67 -20.60
N VAL B 139 -4.99 20.48 -20.71
CA VAL B 139 -3.61 20.27 -20.30
C VAL B 139 -3.05 19.00 -20.97
N PRO B 140 -1.79 19.06 -21.43
CA PRO B 140 -1.18 17.96 -22.17
C PRO B 140 -0.99 16.67 -21.34
N PHE B 141 -1.50 15.55 -21.84
CA PHE B 141 -1.30 14.25 -21.18
C PHE B 141 -0.20 13.43 -21.83
N ALA B 142 0.28 12.41 -21.13
CA ALA B 142 1.29 11.49 -21.63
C ALA B 142 0.97 10.08 -21.14
N TRP B 143 1.70 9.08 -21.65
CA TRP B 143 1.51 7.71 -21.19
C TRP B 143 2.35 7.41 -19.93
N ASN B 144 1.78 6.59 -19.04
CA ASN B 144 2.48 6.12 -17.83
C ASN B 144 3.42 4.97 -18.19
N PHE B 145 4.26 4.56 -17.25
CA PHE B 145 5.20 3.46 -17.49
C PHE B 145 4.56 2.19 -18.10
N ASP B 146 3.46 1.71 -17.50
CA ASP B 146 2.64 0.63 -18.06
C ASP B 146 2.33 0.84 -19.53
N ASP B 147 2.14 2.10 -19.91
CA ASP B 147 1.52 2.47 -21.19
C ASP B 147 0.05 2.08 -21.20
N THR B 148 -0.54 2.02 -20.01
CA THR B 148 -1.91 1.57 -19.84
C THR B 148 -2.90 2.68 -19.49
N GLU B 149 -2.39 3.82 -19.09
CA GLU B 149 -3.24 4.91 -18.66
C GLU B 149 -2.50 6.21 -18.93
N LYS B 150 -3.23 7.26 -19.28
CA LYS B 150 -2.60 8.57 -19.46
C LYS B 150 -2.60 9.37 -18.16
N GLU B 151 -1.52 10.15 -17.94
CA GLU B 151 -1.40 11.07 -16.80
C GLU B 151 -1.01 12.44 -17.27
N PRO B 152 -1.41 13.47 -16.51
CA PRO B 152 -1.05 14.85 -16.82
C PRO B 152 0.45 15.13 -16.64
N THR B 153 0.96 16.01 -17.50
CA THR B 153 2.36 16.42 -17.47
C THR B 153 2.50 17.71 -16.67
N VAL B 154 1.40 18.45 -16.59
CA VAL B 154 1.29 19.62 -15.72
C VAL B 154 -0.19 19.72 -15.32
N LEU B 155 -0.50 20.33 -14.17
CA LEU B 155 -1.90 20.55 -13.81
C LEU B 155 -2.37 21.95 -14.17
N PRO B 156 -3.68 22.15 -14.29
CA PRO B 156 -4.30 23.44 -14.64
C PRO B 156 -3.92 24.60 -13.72
N ALA B 157 -3.57 24.33 -12.48
CA ALA B 157 -3.16 25.35 -11.49
C ALA B 157 -3.99 26.63 -11.48
N ALA B 158 -5.14 26.59 -10.82
CA ALA B 158 -5.97 27.80 -10.69
C ALA B 158 -5.40 28.83 -9.70
N PHE B 159 -4.26 28.51 -9.07
CA PHE B 159 -3.42 29.51 -8.40
C PHE B 159 -1.94 29.16 -8.57
N PRO B 160 -1.05 30.13 -8.34
CA PRO B 160 0.41 30.02 -8.58
C PRO B 160 1.16 29.29 -7.45
N ASN B 161 1.21 27.96 -7.56
CA ASN B 161 1.65 27.11 -6.48
C ASN B 161 3.18 27.16 -6.28
N LEU B 162 3.91 27.51 -7.33
CA LEU B 162 5.36 27.58 -7.21
C LEU B 162 5.77 28.60 -6.16
N LEU B 163 5.13 29.76 -6.17
CA LEU B 163 5.46 30.79 -5.21
C LEU B 163 4.79 30.60 -3.86
N VAL B 164 3.53 30.15 -3.87
CA VAL B 164 2.77 30.02 -2.65
C VAL B 164 3.31 28.94 -1.71
N ASN B 165 3.60 27.77 -2.25
CA ASN B 165 4.08 26.67 -1.43
C ASN B 165 5.59 26.50 -1.45
N GLY B 166 6.21 26.88 -2.53
CA GLY B 166 7.66 26.84 -2.58
C GLY B 166 8.12 25.52 -3.12
N SER B 167 9.40 25.21 -2.91
CA SER B 167 10.00 24.01 -3.47
C SER B 167 11.40 23.93 -2.95
N THR B 168 12.03 22.77 -3.12
CA THR B 168 13.30 22.45 -2.45
C THR B 168 13.44 20.93 -2.51
N GLY B 169 14.38 20.34 -3.25
CA GLY B 169 15.23 20.97 -4.26
C GLY B 169 16.68 20.48 -4.32
N ILE B 170 16.92 19.22 -4.70
CA ILE B 170 18.33 18.75 -4.96
C ILE B 170 18.50 17.73 -6.10
N SER B 171 19.17 18.14 -7.16
CA SER B 171 19.25 17.38 -8.38
C SER B 171 20.70 17.06 -8.75
N ALA B 172 21.00 17.05 -10.04
CA ALA B 172 22.36 16.86 -10.54
C ALA B 172 22.76 18.10 -11.30
N GLY B 173 23.70 18.85 -10.75
CA GLY B 173 24.18 20.05 -11.41
C GLY B 173 23.35 21.26 -11.06
N TYR B 174 22.11 21.01 -10.63
CA TYR B 174 21.22 22.07 -10.19
C TYR B 174 20.57 21.71 -8.86
N ALA B 175 20.17 22.72 -8.11
CA ALA B 175 19.39 22.51 -6.90
C ALA B 175 18.37 23.63 -6.84
N THR B 176 17.35 23.50 -6.00
CA THR B 176 16.31 24.53 -5.91
C THR B 176 15.84 24.80 -4.49
N ASP B 177 15.75 26.08 -4.15
CA ASP B 177 15.14 26.53 -2.91
C ASP B 177 14.28 27.74 -3.20
N ILE B 178 12.97 27.55 -3.09
CA ILE B 178 12.01 28.62 -3.28
C ILE B 178 11.16 28.66 -2.03
N PRO B 179 11.12 29.82 -1.36
CA PRO B 179 10.37 29.95 -0.11
C PRO B 179 8.88 30.11 -0.38
N PRO B 180 8.03 29.84 0.62
CA PRO B 180 6.58 30.02 0.41
C PRO B 180 6.23 31.49 0.43
N HIS B 181 5.04 31.79 -0.07
CA HIS B 181 4.57 33.15 -0.17
C HIS B 181 3.10 33.24 0.17
N ASN B 182 2.67 34.41 0.60
CA ASN B 182 1.27 34.62 0.93
C ASN B 182 0.39 34.53 -0.32
N LEU B 183 -0.60 33.63 -0.31
CA LEU B 183 -1.45 33.43 -1.48
C LEU B 183 -1.93 34.75 -2.10
N ALA B 184 -2.60 35.59 -1.31
CA ALA B 184 -3.14 36.86 -1.81
C ALA B 184 -2.08 37.79 -2.39
N GLU B 185 -0.96 37.99 -1.70
CA GLU B 185 0.12 38.78 -2.26
C GLU B 185 0.55 38.30 -3.64
N VAL B 186 0.79 36.99 -3.79
CA VAL B 186 1.17 36.45 -5.09
C VAL B 186 0.12 36.72 -6.15
N ILE B 187 -1.15 36.58 -5.81
CA ILE B 187 -2.20 36.80 -6.79
C ILE B 187 -2.26 38.27 -7.15
N ASP B 188 -2.25 39.13 -6.14
CA ASP B 188 -2.16 40.56 -6.38
C ASP B 188 -1.04 40.91 -7.36
N ALA B 189 0.14 40.36 -7.16
CA ALA B 189 1.22 40.50 -8.14
C ALA B 189 0.78 40.01 -9.52
N ALA B 190 0.54 38.72 -9.66
CA ALA B 190 0.12 38.13 -10.93
C ALA B 190 -0.95 38.97 -11.63
N VAL B 191 -1.95 39.40 -10.88
CA VAL B 191 -3.03 40.16 -11.50
C VAL B 191 -2.50 41.46 -12.11
N TYR B 192 -1.61 42.14 -11.40
CA TYR B 192 -0.99 43.37 -11.90
C TYR B 192 -0.21 43.15 -13.18
N MET B 193 0.58 42.08 -13.20
CA MET B 193 1.38 41.74 -14.36
C MET B 193 0.52 41.35 -15.57
N ILE B 194 -0.72 40.96 -15.31
CA ILE B 194 -1.60 40.61 -16.39
C ILE B 194 -1.96 41.88 -17.15
N ASP B 195 -2.13 42.97 -16.40
CA ASP B 195 -2.44 44.30 -16.91
C ASP B 195 -1.18 44.99 -17.46
N HIS B 196 -0.03 44.54 -17.01
CA HIS B 196 1.21 45.26 -17.22
C HIS B 196 2.34 44.27 -17.47
N PRO B 197 2.34 43.66 -18.65
CA PRO B 197 3.29 42.62 -19.06
C PRO B 197 4.73 42.94 -18.77
N THR B 198 5.05 44.23 -18.76
CA THR B 198 6.44 44.65 -18.63
C THR B 198 6.74 45.21 -17.23
N ALA B 199 5.89 44.87 -16.26
CA ALA B 199 6.14 45.31 -14.88
C ALA B 199 7.56 44.94 -14.48
N LYS B 200 8.16 45.80 -13.66
CA LYS B 200 9.54 45.59 -13.21
C LYS B 200 9.50 45.27 -11.72
N ILE B 201 10.56 44.64 -11.22
CA ILE B 201 10.55 44.07 -9.88
C ILE B 201 10.06 45.02 -8.80
N ASP B 202 10.45 46.29 -8.91
CA ASP B 202 10.08 47.27 -7.91
C ASP B 202 8.57 47.48 -7.76
N LYS B 203 7.84 47.50 -8.87
CA LYS B 203 6.39 47.69 -8.81
C LYS B 203 5.77 46.41 -8.27
N LEU B 204 6.23 45.27 -8.79
CA LEU B 204 5.76 43.98 -8.31
C LEU B 204 5.96 43.86 -6.82
N MET B 205 7.09 44.38 -6.31
CA MET B 205 7.33 44.32 -4.87
C MET B 205 6.40 45.19 -4.04
N GLU B 206 5.63 46.06 -4.67
CA GLU B 206 4.59 46.80 -3.95
C GLU B 206 3.41 45.86 -3.63
N PHE B 207 3.36 44.71 -4.31
CA PHE B 207 2.29 43.74 -4.15
C PHE B 207 2.79 42.46 -3.49
N LEU B 208 3.98 42.02 -3.92
CA LEU B 208 4.64 40.84 -3.39
C LEU B 208 5.93 41.26 -2.71
N PRO B 209 5.83 41.72 -1.46
CA PRO B 209 6.95 42.30 -0.69
C PRO B 209 7.99 41.28 -0.28
N GLY B 210 7.59 40.02 -0.21
CA GLY B 210 8.52 38.98 0.15
C GLY B 210 7.85 37.71 0.65
N PRO B 211 8.68 36.73 1.00
CA PRO B 211 8.22 35.41 1.43
C PRO B 211 7.30 35.51 2.64
N ASP B 212 6.36 34.56 2.77
CA ASP B 212 5.51 34.43 3.95
C ASP B 212 5.60 32.98 4.43
N PHE B 213 6.40 32.75 5.46
CA PHE B 213 6.62 31.39 5.98
C PHE B 213 5.47 30.94 6.86
N PRO B 214 5.08 29.67 6.75
CA PRO B 214 4.03 29.09 7.61
C PRO B 214 4.43 29.11 9.08
N THR B 215 5.72 29.19 9.31
CA THR B 215 6.27 29.15 10.65
C THR B 215 6.33 30.57 11.24
N GLY B 216 6.09 31.57 10.40
CA GLY B 216 6.05 32.95 10.83
C GLY B 216 7.41 33.62 10.97
N ALA B 217 7.55 34.41 12.03
CA ALA B 217 8.81 35.05 12.39
C ALA B 217 9.13 36.28 11.55
N ILE B 218 10.35 36.76 11.70
CA ILE B 218 10.76 38.02 11.12
C ILE B 218 11.73 37.82 9.98
N ILE B 219 11.48 38.51 8.86
CA ILE B 219 12.37 38.44 7.73
C ILE B 219 13.05 39.78 7.52
N GLN B 220 14.38 39.75 7.47
CA GLN B 220 15.19 40.96 7.31
C GLN B 220 16.01 40.90 6.03
N GLY B 221 15.84 41.89 5.16
CA GLY B 221 16.73 42.05 4.03
C GLY B 221 16.10 42.49 2.73
N ARG B 222 15.29 43.55 2.75
CA ARG B 222 14.61 44.05 1.55
C ARG B 222 15.54 44.02 0.32
N ASP B 223 16.72 44.63 0.44
CA ASP B 223 17.69 44.63 -0.66
C ASP B 223 17.94 43.22 -1.26
N GLU B 224 18.16 42.22 -0.40
CA GLU B 224 18.43 40.86 -0.88
C GLU B 224 17.19 40.15 -1.48
N ILE B 225 16.06 40.30 -0.81
CA ILE B 225 14.80 39.89 -1.40
C ILE B 225 14.73 40.38 -2.85
N LYS B 226 15.02 41.67 -3.08
CA LYS B 226 15.01 42.18 -4.45
C LYS B 226 16.04 41.46 -5.32
N LYS B 227 17.27 41.32 -4.83
CA LYS B 227 18.29 40.59 -5.60
C LYS B 227 17.72 39.23 -5.98
N ALA B 228 17.06 38.58 -5.02
CA ALA B 228 16.48 37.26 -5.25
C ALA B 228 15.34 37.28 -6.25
N TYR B 229 14.44 38.24 -6.09
CA TYR B 229 13.30 38.32 -6.99
C TYR B 229 13.73 38.71 -8.40
N GLU B 230 15.01 39.05 -8.55
CA GLU B 230 15.52 39.56 -9.80
C GLU B 230 16.35 38.50 -10.50
N THR B 231 17.14 37.76 -9.73
CA THR B 231 18.08 36.82 -10.29
C THR B 231 17.83 35.36 -9.88
N GLY B 232 16.98 35.16 -8.88
CA GLY B 232 16.72 33.83 -8.38
C GLY B 232 17.58 33.49 -7.18
N LYS B 233 18.67 34.22 -7.00
CA LYS B 233 19.49 34.07 -5.79
C LYS B 233 19.49 35.31 -4.88
N GLY B 234 19.67 35.06 -3.59
CA GLY B 234 19.60 36.09 -2.56
C GLY B 234 19.76 35.45 -1.20
N ARG B 235 20.26 36.23 -0.24
CA ARG B 235 20.49 35.76 1.13
C ARG B 235 19.66 36.68 1.99
N VAL B 236 18.83 36.09 2.83
CA VAL B 236 17.98 36.90 3.69
C VAL B 236 18.06 36.37 5.14
N VAL B 237 17.71 37.20 6.10
CA VAL B 237 17.84 36.77 7.49
C VAL B 237 16.47 36.50 8.05
N VAL B 238 16.30 35.32 8.63
CA VAL B 238 15.08 35.03 9.37
C VAL B 238 15.40 34.91 10.84
N ARG B 239 14.67 35.65 11.67
CA ARG B 239 14.91 35.63 13.11
C ARG B 239 13.63 35.34 13.91
N SER B 240 13.76 34.57 14.97
CA SER B 240 12.62 34.07 15.71
C SER B 240 11.85 35.20 16.35
N LYS B 241 10.55 35.02 16.52
CA LYS B 241 9.74 36.02 17.22
C LYS B 241 9.83 35.81 18.72
N THR B 242 10.29 36.84 19.42
CA THR B 242 10.50 36.73 20.87
C THR B 242 9.65 37.74 21.65
N GLU B 243 9.59 37.54 22.96
CA GLU B 243 8.90 38.44 23.88
C GLU B 243 9.62 38.30 25.23
N ILE B 244 9.49 39.30 26.11
CA ILE B 244 10.08 39.20 27.44
C ILE B 244 9.04 39.25 28.55
N GLU B 245 8.91 38.18 29.31
CA GLU B 245 7.98 38.17 30.43
C GLU B 245 8.75 38.45 31.71
N LYS B 246 8.19 39.32 32.56
CA LYS B 246 8.80 39.56 33.85
C LYS B 246 8.27 38.53 34.85
N LEU B 247 9.11 38.10 35.80
CA LEU B 247 8.71 37.09 36.78
C LEU B 247 8.89 37.54 38.24
N LYS B 248 8.15 36.90 39.14
CA LYS B 248 8.34 37.11 40.57
C LYS B 248 9.80 36.91 40.94
N GLY B 249 10.27 37.62 41.97
CA GLY B 249 11.65 37.46 42.41
C GLY B 249 12.64 38.25 41.58
N GLY B 250 12.13 39.15 40.74
CA GLY B 250 12.97 40.08 40.00
C GLY B 250 13.64 39.49 38.78
N LYS B 251 13.40 38.21 38.55
CA LYS B 251 13.95 37.51 37.39
C LYS B 251 13.08 37.79 36.13
N GLU B 252 13.73 37.96 34.98
CA GLU B 252 13.05 38.14 33.69
C GLU B 252 13.11 36.81 32.89
N GLN B 253 12.38 36.73 31.77
CA GLN B 253 12.27 35.47 31.04
C GLN B 253 11.99 35.67 29.56
N ILE B 254 12.78 35.02 28.70
CA ILE B 254 12.57 35.14 27.25
C ILE B 254 11.65 34.04 26.71
N VAL B 255 10.64 34.44 25.97
CA VAL B 255 9.65 33.51 25.45
C VAL B 255 9.67 33.55 23.93
N ILE B 256 9.81 32.38 23.33
CA ILE B 256 9.87 32.29 21.87
C ILE B 256 8.56 31.72 21.35
N THR B 257 8.01 32.33 20.30
CA THR B 257 6.66 31.97 19.88
C THR B 257 6.55 31.68 18.38
N GLU B 258 7.57 32.09 17.64
CA GLU B 258 7.70 31.74 16.24
C GLU B 258 9.17 31.47 15.95
N ILE B 259 9.47 30.43 15.19
CA ILE B 259 10.85 30.12 14.86
C ILE B 259 11.06 30.09 13.33
N PRO B 260 12.32 30.00 12.90
CA PRO B 260 12.62 30.08 11.46
C PRO B 260 12.22 28.84 10.66
N TYR B 261 11.70 29.08 9.44
CA TYR B 261 11.30 28.03 8.52
C TYR B 261 12.35 26.92 8.39
N GLU B 262 11.91 25.67 8.31
CA GLU B 262 12.82 24.55 8.05
C GLU B 262 13.73 24.23 9.25
N ILE B 263 13.34 24.69 10.43
CA ILE B 263 14.13 24.52 11.66
C ILE B 263 13.41 23.61 12.65
N ASN B 264 14.17 22.69 13.22
CA ASN B 264 13.64 21.65 14.09
C ASN B 264 13.52 22.11 15.54
N LYS B 265 12.30 22.41 15.99
CA LYS B 265 12.09 22.93 17.35
C LYS B 265 12.81 22.14 18.45
N ALA B 266 12.74 20.82 18.36
CA ALA B 266 13.36 19.98 19.37
C ALA B 266 14.86 20.23 19.44
N ASN B 267 15.51 20.18 18.28
CA ASN B 267 16.96 20.41 18.19
C ASN B 267 17.36 21.82 18.61
N LEU B 268 16.65 22.81 18.09
CA LEU B 268 16.82 24.18 18.51
C LEU B 268 16.81 24.27 20.03
N VAL B 269 15.78 23.69 20.67
CA VAL B 269 15.75 23.70 22.13
C VAL B 269 17.00 23.05 22.75
N LYS B 270 17.46 21.92 22.23
CA LYS B 270 18.67 21.32 22.79
C LYS B 270 19.88 22.25 22.66
N LYS B 271 20.11 22.78 21.46
CA LYS B 271 21.27 23.64 21.22
C LYS B 271 21.28 24.92 22.09
N ILE B 272 20.09 25.47 22.36
CA ILE B 272 19.96 26.56 23.35
C ILE B 272 20.28 26.08 24.75
N ASP B 273 19.67 24.99 25.20
CA ASP B 273 20.03 24.41 26.50
C ASP B 273 21.51 24.07 26.57
N ASP B 274 22.08 23.71 25.43
CA ASP B 274 23.51 23.45 25.36
C ASP B 274 24.34 24.68 25.67
N VAL B 275 23.86 25.85 25.24
CA VAL B 275 24.50 27.11 25.59
C VAL B 275 24.52 27.28 27.10
N ARG B 276 23.37 27.10 27.74
CA ARG B 276 23.30 27.15 29.21
C ARG B 276 24.27 26.18 29.90
N VAL B 277 24.21 24.91 29.50
CA VAL B 277 25.09 23.89 30.07
C VAL B 277 26.54 24.31 30.00
N ASN B 278 26.93 24.88 28.86
CA ASN B 278 28.32 25.21 28.66
C ASN B 278 28.61 26.62 29.10
N ASN B 279 27.62 27.26 29.70
CA ASN B 279 27.83 28.60 30.21
C ASN B 279 28.52 29.45 29.17
N LYS B 280 28.12 29.32 27.91
CA LYS B 280 28.72 30.07 26.81
C LYS B 280 28.32 31.55 26.90
N VAL B 281 27.14 31.82 27.42
CA VAL B 281 26.76 33.17 27.76
C VAL B 281 26.29 33.18 29.19
N ALA B 282 26.54 34.26 29.89
CA ALA B 282 26.19 34.32 31.30
C ALA B 282 24.70 34.56 31.52
N GLY B 283 24.08 33.71 32.34
CA GLY B 283 22.79 34.07 32.93
C GLY B 283 21.56 33.29 32.54
N ILE B 284 21.74 32.13 31.94
CA ILE B 284 20.58 31.29 31.64
C ILE B 284 20.28 30.32 32.79
N ALA B 285 19.06 30.43 33.31
CA ALA B 285 18.61 29.61 34.43
C ALA B 285 18.18 28.20 34.00
N GLU B 286 17.24 28.12 33.08
CA GLU B 286 16.70 26.83 32.65
C GLU B 286 16.03 26.99 31.30
N VAL B 287 16.12 25.99 30.43
CA VAL B 287 15.35 26.08 29.19
C VAL B 287 14.20 25.09 29.18
N ARG B 288 13.02 25.55 28.78
CA ARG B 288 11.83 24.70 28.75
C ARG B 288 11.05 24.82 27.45
N ASP B 289 10.86 23.72 26.74
CA ASP B 289 9.84 23.73 25.69
C ASP B 289 8.47 23.65 26.37
N GLU B 290 7.68 24.71 26.23
CA GLU B 290 6.40 24.77 26.91
C GLU B 290 5.29 24.65 25.89
N SER B 291 5.66 24.34 24.65
CA SER B 291 4.70 24.14 23.59
C SER B 291 3.64 23.08 23.97
N ASP B 292 2.42 23.31 23.51
CA ASP B 292 1.38 22.30 23.66
C ASP B 292 0.49 22.26 22.42
N ARG B 293 -0.54 21.41 22.46
CA ARG B 293 -1.34 21.10 21.29
C ARG B 293 -1.85 22.34 20.53
N ASP B 294 -1.86 23.49 21.19
CA ASP B 294 -2.35 24.70 20.52
C ASP B 294 -1.52 25.96 20.77
N GLY B 295 -0.22 25.85 20.54
CA GLY B 295 0.67 27.00 20.64
C GLY B 295 2.11 26.60 20.80
N LEU B 296 2.98 27.24 20.02
CA LEU B 296 4.40 27.06 20.22
C LEU B 296 4.92 28.04 21.29
N ARG B 297 5.70 27.52 22.24
CA ARG B 297 6.21 28.34 23.33
C ARG B 297 7.50 27.78 23.91
N ILE B 298 8.61 28.48 23.72
CA ILE B 298 9.88 28.13 24.36
C ILE B 298 10.26 29.21 25.38
N ALA B 299 10.21 28.84 26.66
CA ALA B 299 10.53 29.74 27.77
C ALA B 299 12.01 29.56 28.02
N ILE B 300 12.78 30.65 27.93
CA ILE B 300 14.17 30.65 28.38
C ILE B 300 14.33 31.55 29.60
N GLU B 301 14.26 30.92 30.77
CA GLU B 301 14.26 31.65 32.03
C GLU B 301 15.68 32.04 32.41
N LEU B 302 15.89 33.31 32.67
CA LEU B 302 17.20 33.82 33.01
C LEU B 302 17.39 33.91 34.52
N LYS B 303 18.59 34.24 34.94
CA LYS B 303 18.88 34.36 36.36
C LYS B 303 18.62 35.79 36.81
N LYS B 304 18.61 36.03 38.12
CA LYS B 304 18.46 37.38 38.66
C LYS B 304 19.68 38.21 38.30
N ASP B 305 19.50 39.51 38.12
CA ASP B 305 20.62 40.39 37.79
C ASP B 305 21.41 39.83 36.57
N ALA B 306 20.71 39.49 35.50
CA ALA B 306 21.35 38.95 34.28
C ALA B 306 21.05 39.79 33.03
N ASN B 307 22.05 39.97 32.16
CA ASN B 307 21.88 40.87 31.02
C ASN B 307 20.97 40.29 29.95
N THR B 308 19.68 40.59 30.01
CA THR B 308 18.77 39.93 29.10
C THR B 308 19.05 40.23 27.61
N GLU B 309 19.42 41.46 27.28
CA GLU B 309 19.81 41.74 25.89
C GLU B 309 21.11 41.00 25.49
N LEU B 310 22.01 40.79 26.45
CA LEU B 310 23.24 40.07 26.17
C LEU B 310 22.97 38.63 25.73
N VAL B 311 22.04 37.99 26.44
CA VAL B 311 21.66 36.59 26.21
C VAL B 311 20.91 36.40 24.89
N LEU B 312 20.08 37.37 24.55
CA LEU B 312 19.27 37.27 23.36
C LEU B 312 20.15 37.48 22.14
N ASN B 313 21.17 38.30 22.27
CA ASN B 313 22.02 38.55 21.13
C ASN B 313 22.88 37.34 20.81
N TYR B 314 23.32 36.67 21.87
CA TYR B 314 24.12 35.46 21.72
C TYR B 314 23.31 34.32 21.10
N LEU B 315 22.09 34.11 21.59
CA LEU B 315 21.26 33.07 21.02
C LEU B 315 21.03 33.31 19.53
N PHE B 316 20.74 34.55 19.14
CA PHE B 316 20.61 34.90 17.71
C PHE B 316 21.90 34.59 16.94
N LYS B 317 23.04 35.12 17.38
CA LYS B 317 24.26 34.90 16.61
C LYS B 317 24.62 33.42 16.54
N TYR B 318 24.68 32.75 17.70
CA TYR B 318 25.27 31.42 17.77
C TYR B 318 24.33 30.19 17.73
N THR B 319 23.02 30.43 17.73
CA THR B 319 22.11 29.34 17.42
C THR B 319 21.25 29.62 16.18
N ASP B 320 20.18 28.85 16.06
CA ASP B 320 19.33 28.91 14.89
C ASP B 320 18.09 29.68 15.23
N LEU B 321 18.09 30.25 16.44
CA LEU B 321 17.07 31.21 16.85
C LEU B 321 17.02 32.23 15.74
N GLN B 322 18.15 32.36 15.05
CA GLN B 322 18.21 33.17 13.86
C GLN B 322 19.18 32.59 12.85
N ILE B 323 18.72 32.52 11.60
CA ILE B 323 19.41 31.87 10.50
C ILE B 323 19.34 32.68 9.22
N ASN B 324 20.10 32.23 8.20
CA ASN B 324 20.02 32.76 6.82
C ASN B 324 19.24 31.85 5.87
N TYR B 325 18.17 32.36 5.29
CA TYR B 325 17.50 31.66 4.20
C TYR B 325 18.16 32.03 2.88
N ASN B 326 18.45 31.05 2.04
CA ASN B 326 19.04 31.34 0.73
C ASN B 326 18.14 31.04 -0.46
N PHE B 327 17.59 32.09 -1.05
CA PHE B 327 16.84 31.92 -2.27
C PHE B 327 17.75 31.27 -3.29
N ASN B 328 17.29 30.18 -3.88
CA ASN B 328 17.92 29.62 -5.06
C ASN B 328 16.84 29.09 -6.01
N MET B 329 16.02 30.00 -6.50
CA MET B 329 14.87 29.66 -7.31
C MET B 329 15.23 29.08 -8.66
N VAL B 330 15.30 27.77 -8.75
CA VAL B 330 15.38 27.08 -10.01
C VAL B 330 14.15 26.22 -10.19
N ALA B 331 13.75 26.03 -11.45
CA ALA B 331 12.52 25.32 -11.78
C ALA B 331 12.62 24.87 -13.24
N ILE B 332 11.60 24.16 -13.71
CA ILE B 332 11.70 23.52 -15.02
C ILE B 332 10.79 24.23 -16.00
N ASP B 333 11.43 24.95 -16.93
CA ASP B 333 10.75 25.74 -17.94
C ASP B 333 11.09 25.18 -19.30
N ASN B 334 10.07 24.93 -20.10
CA ASN B 334 10.28 24.25 -21.37
C ASN B 334 11.33 23.14 -21.26
N PHE B 335 11.02 22.13 -20.45
CA PHE B 335 11.85 20.93 -20.31
C PHE B 335 13.27 21.12 -19.79
N THR B 336 13.61 22.31 -19.32
CA THR B 336 15.00 22.61 -18.99
C THR B 336 15.13 23.27 -17.62
N PRO B 337 16.22 22.98 -16.91
CA PRO B 337 16.35 23.65 -15.63
C PRO B 337 16.74 25.09 -15.88
N ARG B 338 16.14 26.01 -15.14
CA ARG B 338 16.37 27.42 -15.40
C ARG B 338 16.32 28.24 -14.11
N GLN B 339 17.40 28.94 -13.81
CA GLN B 339 17.40 29.85 -12.66
C GLN B 339 16.53 31.05 -13.01
N VAL B 340 15.57 31.35 -12.15
CA VAL B 340 14.51 32.29 -12.50
C VAL B 340 14.15 33.18 -11.34
N GLY B 341 13.66 34.37 -11.65
CA GLY B 341 13.21 35.29 -10.62
C GLY B 341 11.72 35.54 -10.78
N ILE B 342 11.19 36.44 -9.94
CA ILE B 342 9.76 36.67 -9.89
C ILE B 342 9.08 36.84 -11.25
N VAL B 343 9.84 37.25 -12.25
CA VAL B 343 9.20 37.63 -13.52
C VAL B 343 8.97 36.49 -14.52
N PRO B 344 10.03 35.74 -14.86
CA PRO B 344 9.83 34.49 -15.59
C PRO B 344 8.81 33.54 -14.91
N ILE B 345 8.82 33.51 -13.57
CA ILE B 345 7.83 32.73 -12.85
C ILE B 345 6.43 33.22 -13.19
N LEU B 346 6.08 34.42 -12.73
CA LEU B 346 4.74 34.93 -12.97
C LEU B 346 4.33 34.94 -14.46
N SER B 347 5.27 35.20 -15.35
CA SER B 347 4.91 35.23 -16.75
C SER B 347 4.56 33.82 -17.19
N SER B 348 5.45 32.87 -16.91
CA SER B 348 5.20 31.46 -17.20
C SER B 348 3.84 30.98 -16.71
N TYR B 349 3.44 31.47 -15.54
CA TYR B 349 2.15 31.15 -14.93
C TYR B 349 0.97 31.70 -15.73
N ILE B 350 1.01 32.99 -15.94
CA ILE B 350 0.06 33.66 -16.81
C ILE B 350 0.01 32.98 -18.17
N ALA B 351 1.19 32.71 -18.72
CA ALA B 351 1.32 31.98 -19.99
C ALA B 351 0.46 30.74 -19.97
N HIS B 352 0.68 29.95 -18.91
CA HIS B 352 0.03 28.67 -18.72
C HIS B 352 -1.48 28.82 -18.47
N ARG B 353 -1.85 29.69 -17.53
CA ARG B 353 -3.25 29.96 -17.29
C ARG B 353 -3.99 30.42 -18.55
N ARG B 354 -3.27 31.01 -19.49
CA ARG B 354 -3.88 31.38 -20.75
C ARG B 354 -4.22 30.14 -21.58
N GLU B 355 -3.21 29.34 -21.86
CA GLU B 355 -3.39 28.06 -22.54
C GLU B 355 -4.56 27.21 -21.98
N VAL B 356 -4.58 27.07 -20.66
CA VAL B 356 -5.66 26.36 -19.95
C VAL B 356 -7.05 26.96 -20.21
N ILE B 357 -7.23 28.25 -19.92
CA ILE B 357 -8.51 28.91 -20.11
C ILE B 357 -9.02 28.82 -21.56
N LEU B 358 -8.11 29.00 -22.51
CA LEU B 358 -8.47 28.88 -23.91
C LEU B 358 -8.91 27.46 -24.23
N ALA B 359 -8.05 26.50 -23.88
CA ALA B 359 -8.36 25.10 -24.04
C ALA B 359 -9.71 24.75 -23.42
N ARG B 360 -9.92 25.22 -22.20
CA ARG B 360 -11.17 24.98 -21.52
C ARG B 360 -12.32 25.47 -22.36
N SER B 361 -12.27 26.72 -22.78
CA SER B 361 -13.38 27.34 -23.50
C SER B 361 -13.68 26.67 -24.85
N ARG B 362 -12.65 26.11 -25.48
CA ARG B 362 -12.88 25.41 -26.73
C ARG B 362 -13.69 24.17 -26.42
N PHE B 363 -13.29 23.48 -25.36
CA PHE B 363 -13.95 22.26 -24.92
C PHE B 363 -15.41 22.52 -24.67
N ASP B 364 -15.69 23.55 -23.89
CA ASP B 364 -17.06 23.85 -23.48
C ASP B 364 -17.89 24.34 -24.65
N LYS B 365 -17.24 25.03 -25.57
CA LYS B 365 -17.94 25.58 -26.71
C LYS B 365 -18.42 24.41 -27.54
N GLU B 366 -17.52 23.47 -27.82
CA GLU B 366 -17.86 22.29 -28.60
C GLU B 366 -19.02 21.49 -27.97
N LYS B 367 -18.94 21.24 -26.66
CA LYS B 367 -20.04 20.64 -25.93
C LYS B 367 -21.34 21.37 -26.17
N ALA B 368 -21.31 22.70 -26.08
CA ALA B 368 -22.53 23.50 -26.18
C ALA B 368 -23.06 23.54 -27.59
N GLU B 369 -22.16 23.55 -28.57
CA GLU B 369 -22.56 23.59 -29.97
C GLU B 369 -23.35 22.31 -30.27
N LYS B 370 -22.77 21.18 -29.88
CA LYS B 370 -23.34 19.87 -30.15
C LYS B 370 -24.74 19.82 -29.57
N ARG B 371 -24.88 20.29 -28.34
CA ARG B 371 -26.15 20.21 -27.65
C ARG B 371 -27.18 21.14 -28.26
N LEU B 372 -26.77 22.37 -28.55
CA LEU B 372 -27.61 23.33 -29.26
C LEU B 372 -28.15 22.68 -30.52
N HIS B 373 -27.29 21.96 -31.22
CA HIS B 373 -27.66 21.36 -32.49
C HIS B 373 -28.79 20.37 -32.29
N ILE B 374 -28.70 19.57 -31.23
CA ILE B 374 -29.73 18.59 -30.93
C ILE B 374 -31.00 19.32 -30.46
N VAL B 375 -30.82 20.28 -29.57
CA VAL B 375 -31.96 21.04 -29.10
C VAL B 375 -32.72 21.76 -30.22
N GLU B 376 -32.01 22.13 -31.28
CA GLU B 376 -32.64 22.83 -32.42
C GLU B 376 -33.57 21.89 -33.14
N GLY B 377 -33.09 20.67 -33.37
CA GLY B 377 -33.85 19.62 -34.02
C GLY B 377 -35.06 19.19 -33.22
N LEU B 378 -34.91 19.09 -31.89
CA LEU B 378 -36.03 18.70 -31.02
C LEU B 378 -37.14 19.73 -31.04
N ILE B 379 -36.77 21.01 -31.12
CA ILE B 379 -37.79 22.04 -31.27
C ILE B 379 -38.60 21.81 -32.54
N ARG B 380 -37.92 21.53 -33.64
CA ARG B 380 -38.59 21.22 -34.92
C ARG B 380 -39.47 19.99 -34.85
N VAL B 381 -39.04 19.01 -34.06
CA VAL B 381 -39.66 17.71 -34.11
C VAL B 381 -41.02 17.80 -33.45
N ILE B 382 -41.13 18.72 -32.49
CA ILE B 382 -42.37 18.89 -31.74
C ILE B 382 -43.51 19.31 -32.63
N SER B 383 -43.25 20.17 -33.60
CA SER B 383 -44.33 20.66 -34.44
C SER B 383 -44.76 19.59 -35.44
N ILE B 384 -43.90 18.59 -35.63
CA ILE B 384 -44.25 17.48 -36.50
C ILE B 384 -44.27 16.13 -35.76
N LEU B 385 -44.53 16.18 -34.46
CA LEU B 385 -44.46 15.00 -33.59
C LEU B 385 -45.12 13.78 -34.20
N ASP B 386 -46.38 13.93 -34.57
CA ASP B 386 -47.18 12.83 -35.08
C ASP B 386 -46.64 12.29 -36.40
N GLU B 387 -46.34 13.19 -37.34
CA GLU B 387 -45.74 12.82 -38.62
C GLU B 387 -44.44 12.06 -38.42
N VAL B 388 -43.69 12.45 -37.40
CA VAL B 388 -42.41 11.81 -37.12
C VAL B 388 -42.60 10.41 -36.57
N ILE B 389 -43.57 10.26 -35.66
CA ILE B 389 -43.91 8.93 -35.16
C ILE B 389 -44.37 8.07 -36.34
N ALA B 390 -45.33 8.57 -37.10
CA ALA B 390 -45.83 7.85 -38.26
C ALA B 390 -44.70 7.39 -39.17
N LEU B 391 -43.74 8.28 -39.38
CA LEU B 391 -42.61 8.00 -40.25
C LEU B 391 -41.73 6.90 -39.69
N ILE B 392 -41.43 6.98 -38.39
CA ILE B 392 -40.64 5.95 -37.76
C ILE B 392 -41.36 4.59 -37.79
N ARG B 393 -42.65 4.57 -37.42
CA ARG B 393 -43.47 3.36 -37.59
C ARG B 393 -43.37 2.80 -39.00
N ALA B 394 -43.28 3.69 -39.99
CA ALA B 394 -43.28 3.26 -41.37
C ALA B 394 -41.93 2.69 -41.79
N SER B 395 -40.87 3.04 -41.05
CA SER B 395 -39.52 2.56 -41.37
C SER B 395 -39.32 1.08 -40.98
N GLU B 396 -38.33 0.42 -41.60
CA GLU B 396 -38.11 -1.02 -41.36
C GLU B 396 -37.23 -1.27 -40.13
N ASN B 397 -36.21 -0.44 -39.95
CA ASN B 397 -35.36 -0.55 -38.78
C ASN B 397 -34.79 0.81 -38.39
N LYS B 398 -33.90 0.83 -37.41
CA LYS B 398 -33.33 2.08 -36.93
C LYS B 398 -32.57 2.88 -37.99
N ALA B 399 -31.70 2.23 -38.74
CA ALA B 399 -30.95 2.97 -39.76
C ALA B 399 -31.91 3.58 -40.78
N ASP B 400 -32.82 2.76 -41.29
CA ASP B 400 -33.83 3.24 -42.23
C ASP B 400 -34.67 4.40 -41.68
N ALA B 401 -35.04 4.32 -40.41
CA ALA B 401 -35.74 5.41 -39.78
C ALA B 401 -34.92 6.71 -39.90
N LYS B 402 -33.60 6.63 -39.69
CA LYS B 402 -32.80 7.85 -39.80
C LYS B 402 -32.74 8.40 -41.21
N GLU B 403 -32.39 7.56 -42.20
CA GLU B 403 -32.41 8.04 -43.59
C GLU B 403 -33.78 8.68 -43.90
N ASN B 404 -34.85 8.08 -43.42
CA ASN B 404 -36.15 8.72 -43.61
C ASN B 404 -36.25 10.10 -42.96
N LEU B 405 -35.74 10.23 -41.74
CA LEU B 405 -35.81 11.49 -41.05
C LEU B 405 -35.02 12.57 -41.76
N LYS B 406 -33.88 12.16 -42.33
CA LYS B 406 -33.01 13.09 -43.04
C LYS B 406 -33.70 13.49 -44.33
N VAL B 407 -33.92 12.51 -45.19
CA VAL B 407 -34.50 12.76 -46.49
C VAL B 407 -35.79 13.56 -46.45
N SER B 408 -36.64 13.27 -45.48
CA SER B 408 -37.98 13.83 -45.48
C SER B 408 -38.09 15.14 -44.71
N TYR B 409 -37.15 15.40 -43.82
CA TYR B 409 -37.28 16.56 -42.96
C TYR B 409 -35.97 17.30 -42.79
N ASP B 410 -34.95 16.85 -43.49
CA ASP B 410 -33.65 17.50 -43.48
C ASP B 410 -33.02 17.61 -42.11
N PHE B 411 -33.33 16.66 -41.24
CA PHE B 411 -32.55 16.52 -40.03
C PHE B 411 -31.15 16.03 -40.41
N THR B 412 -30.20 16.24 -39.51
CA THR B 412 -28.83 15.79 -39.73
C THR B 412 -28.69 14.46 -39.04
N GLU B 413 -27.69 13.68 -39.44
CA GLU B 413 -27.34 12.46 -38.75
C GLU B 413 -27.47 12.59 -37.24
N GLU B 414 -26.74 13.53 -36.66
CA GLU B 414 -26.70 13.69 -35.21
C GLU B 414 -28.08 13.98 -34.64
N GLN B 415 -28.88 14.74 -35.38
CA GLN B 415 -30.22 15.04 -34.94
C GLN B 415 -31.08 13.80 -35.05
N ALA B 416 -30.94 13.09 -36.17
CA ALA B 416 -31.80 11.93 -36.41
C ALA B 416 -31.52 10.87 -35.36
N GLU B 417 -30.24 10.63 -35.09
CA GLU B 417 -29.88 9.68 -34.04
C GLU B 417 -30.50 10.06 -32.69
N ALA B 418 -30.44 11.34 -32.37
CA ALA B 418 -31.00 11.85 -31.12
C ALA B 418 -32.48 11.51 -31.00
N ILE B 419 -33.21 11.75 -32.08
CA ILE B 419 -34.66 11.61 -32.10
C ILE B 419 -35.02 10.13 -31.98
N VAL B 420 -34.43 9.36 -32.87
CA VAL B 420 -34.68 7.95 -32.97
C VAL B 420 -34.38 7.16 -31.69
N THR B 421 -33.53 7.73 -30.83
CA THR B 421 -33.16 7.03 -29.61
C THR B 421 -33.78 7.66 -28.35
N LEU B 422 -34.71 8.58 -28.58
CA LEU B 422 -35.57 9.09 -27.50
C LEU B 422 -36.42 7.95 -26.94
N GLN B 423 -36.60 7.91 -25.61
CA GLN B 423 -37.44 6.89 -25.00
C GLN B 423 -38.92 7.28 -25.11
N LEU B 424 -39.82 6.31 -25.33
CA LEU B 424 -41.23 6.64 -25.54
C LEU B 424 -41.79 7.72 -24.59
N TYR B 425 -41.55 7.60 -23.29
CA TYR B 425 -42.19 8.52 -22.36
C TYR B 425 -41.93 10.00 -22.70
N ARG B 426 -40.88 10.26 -23.45
CA ARG B 426 -40.56 11.62 -23.86
C ARG B 426 -41.68 12.25 -24.72
N LEU B 427 -42.53 11.42 -25.32
CA LEU B 427 -43.65 11.91 -26.10
C LEU B 427 -44.72 12.57 -25.22
N THR B 428 -44.40 12.73 -23.93
CA THR B 428 -45.32 13.34 -22.99
C THR B 428 -44.81 14.73 -22.57
N ASN B 429 -43.50 14.96 -22.71
CA ASN B 429 -42.92 16.28 -22.46
C ASN B 429 -42.82 17.06 -23.76
N THR B 430 -43.98 17.37 -24.32
CA THR B 430 -44.02 18.04 -25.60
C THR B 430 -44.19 19.55 -25.39
N ASP B 431 -43.16 20.22 -24.86
CA ASP B 431 -43.27 21.64 -24.58
C ASP B 431 -42.06 22.47 -25.08
N VAL B 432 -42.32 23.25 -26.12
CA VAL B 432 -41.30 23.99 -26.84
C VAL B 432 -40.59 25.03 -25.99
N VAL B 433 -41.33 25.68 -25.09
CA VAL B 433 -40.78 26.83 -24.37
C VAL B 433 -39.53 26.55 -23.53
N VAL B 434 -39.45 25.40 -22.85
CA VAL B 434 -38.22 25.10 -22.10
C VAL B 434 -37.08 24.73 -23.03
N LEU B 435 -37.39 24.15 -24.18
CA LEU B 435 -36.36 23.93 -25.16
C LEU B 435 -35.90 25.26 -25.71
N GLN B 436 -36.84 26.17 -25.95
CA GLN B 436 -36.47 27.49 -26.45
C GLN B 436 -35.66 28.29 -25.43
N GLU B 437 -35.85 28.02 -24.14
CA GLU B 437 -35.06 28.63 -23.08
C GLU B 437 -33.66 28.03 -23.02
N GLU B 438 -33.54 26.74 -23.27
CA GLU B 438 -32.23 26.09 -23.29
C GLU B 438 -31.47 26.56 -24.52
N GLU B 439 -32.16 26.62 -25.65
CA GLU B 439 -31.57 27.14 -26.87
C GLU B 439 -30.96 28.52 -26.62
N ALA B 440 -31.66 29.34 -25.85
CA ALA B 440 -31.21 30.70 -25.59
C ALA B 440 -30.00 30.72 -24.67
N GLU B 441 -30.07 29.95 -23.58
CA GLU B 441 -28.94 29.85 -22.67
C GLU B 441 -27.73 29.37 -23.45
N LEU B 442 -27.97 28.46 -24.38
CA LEU B 442 -26.87 27.84 -25.11
C LEU B 442 -26.23 28.83 -26.04
N ARG B 443 -27.05 29.57 -26.77
CA ARG B 443 -26.56 30.61 -27.66
C ARG B 443 -25.69 31.62 -26.92
N GLU B 444 -26.24 32.24 -25.88
CA GLU B 444 -25.49 33.11 -24.97
C GLU B 444 -24.14 32.49 -24.55
N LYS B 445 -24.17 31.25 -24.07
CA LYS B 445 -22.98 30.58 -23.58
C LYS B 445 -21.93 30.48 -24.66
N ILE B 446 -22.36 30.17 -25.87
CA ILE B 446 -21.44 30.03 -26.98
C ILE B 446 -20.83 31.38 -27.31
N ALA B 447 -21.67 32.41 -27.29
CA ALA B 447 -21.24 33.77 -27.58
C ALA B 447 -20.14 34.20 -26.63
N MET B 448 -20.33 33.89 -25.34
CA MET B 448 -19.38 34.28 -24.29
C MET B 448 -18.03 33.57 -24.49
N LEU B 449 -18.08 32.34 -24.97
CA LEU B 449 -16.88 31.54 -25.08
C LEU B 449 -16.14 31.91 -26.35
N ALA B 450 -16.90 32.17 -27.40
CA ALA B 450 -16.29 32.54 -28.66
C ALA B 450 -15.49 33.80 -28.40
N ALA B 451 -16.10 34.72 -27.66
CA ALA B 451 -15.45 35.98 -27.30
C ALA B 451 -14.13 35.77 -26.55
N ILE B 452 -14.13 34.86 -25.57
CA ILE B 452 -12.90 34.50 -24.89
C ILE B 452 -11.87 33.99 -25.88
N ILE B 453 -12.30 33.11 -26.77
CA ILE B 453 -11.40 32.44 -27.68
C ILE B 453 -10.76 33.42 -28.67
N GLY B 454 -11.55 34.39 -29.11
CA GLY B 454 -11.08 35.29 -30.15
C GLY B 454 -10.71 36.69 -29.71
N ASP B 455 -10.38 36.88 -28.44
CA ASP B 455 -9.93 38.18 -27.93
C ASP B 455 -9.08 38.11 -26.66
N GLU B 456 -7.76 38.25 -26.82
CA GLU B 456 -6.81 38.25 -25.72
C GLU B 456 -7.24 39.10 -24.53
N ARG B 457 -7.75 40.31 -24.78
CA ARG B 457 -8.20 41.13 -23.66
C ARG B 457 -9.33 40.45 -22.89
N THR B 458 -10.31 39.90 -23.60
CA THR B 458 -11.40 39.21 -22.95
C THR B 458 -10.93 37.94 -22.17
N MET B 459 -10.00 37.20 -22.75
CA MET B 459 -9.40 36.05 -22.08
C MET B 459 -8.60 36.43 -20.81
N TYR B 460 -7.83 37.51 -20.84
CA TYR B 460 -7.10 37.92 -19.64
C TYR B 460 -8.03 38.44 -18.57
N ASN B 461 -9.16 38.99 -18.97
CA ASN B 461 -10.09 39.55 -18.01
C ASN B 461 -10.79 38.46 -17.26
N LEU B 462 -10.96 37.33 -17.94
CA LEU B 462 -11.44 36.11 -17.32
C LEU B 462 -10.42 35.61 -16.31
N MET B 463 -9.17 35.55 -16.75
CA MET B 463 -8.04 35.13 -15.93
C MET B 463 -7.93 36.00 -14.67
N LYS B 464 -8.24 37.29 -14.80
CA LYS B 464 -8.22 38.15 -13.64
C LYS B 464 -9.44 37.90 -12.75
N LYS B 465 -10.65 37.83 -13.31
CA LYS B 465 -11.85 37.51 -12.52
C LYS B 465 -11.62 36.30 -11.66
N GLU B 466 -11.02 35.28 -12.27
CA GLU B 466 -10.87 34.00 -11.64
C GLU B 466 -9.82 34.02 -10.52
N LEU B 467 -8.66 34.61 -10.79
CA LEU B 467 -7.64 34.68 -9.76
C LEU B 467 -8.14 35.41 -8.55
N ARG B 468 -9.02 36.39 -8.76
CA ARG B 468 -9.51 37.18 -7.65
C ARG B 468 -10.50 36.39 -6.80
N GLU B 469 -11.37 35.62 -7.46
CA GLU B 469 -12.23 34.65 -6.77
C GLU B 469 -11.43 33.71 -5.85
N VAL B 470 -10.32 33.17 -6.35
CA VAL B 470 -9.44 32.32 -5.55
C VAL B 470 -8.84 33.07 -4.36
N LYS B 471 -8.38 34.31 -4.60
CA LYS B 471 -7.92 35.14 -3.51
C LYS B 471 -9.02 35.34 -2.48
N LYS B 472 -10.21 35.73 -2.91
CA LYS B 472 -11.28 36.01 -1.95
C LYS B 472 -11.51 34.78 -1.13
N LYS B 473 -11.37 33.62 -1.77
CA LYS B 473 -11.78 32.37 -1.12
C LYS B 473 -10.74 31.77 -0.17
N PHE B 474 -9.45 31.89 -0.51
CA PHE B 474 -8.41 31.22 0.26
C PHE B 474 -7.41 32.17 0.92
N ALA B 475 -7.63 33.46 0.72
CA ALA B 475 -6.70 34.47 1.21
C ALA B 475 -6.57 34.41 2.72
N THR B 476 -5.35 34.55 3.20
CA THR B 476 -5.12 34.65 4.64
C THR B 476 -4.01 35.63 4.95
N PRO B 477 -4.01 36.14 6.18
CA PRO B 477 -3.08 37.13 6.71
C PRO B 477 -1.61 36.68 6.65
N ARG B 478 -0.69 37.63 6.51
CA ARG B 478 0.73 37.34 6.59
C ARG B 478 1.03 36.70 7.92
N LEU B 479 2.04 35.86 7.94
CA LEU B 479 2.49 35.27 9.18
C LEU B 479 3.86 35.83 9.51
N SER B 480 4.72 35.88 8.50
CA SER B 480 6.05 36.46 8.62
C SER B 480 6.01 37.97 8.40
N SER B 481 6.61 38.72 9.32
CA SER B 481 6.73 40.17 9.18
C SER B 481 8.06 40.57 8.54
N LEU B 482 8.11 41.75 7.91
CA LEU B 482 9.33 42.16 7.21
C LEU B 482 10.08 43.38 7.83
N GLU B 483 11.37 43.49 7.52
CA GLU B 483 12.23 44.59 8.01
C GLU B 483 13.42 44.68 7.06
N ASP B 484 14.12 45.81 7.04
CA ASP B 484 15.38 45.90 6.27
C ASP B 484 16.60 46.33 7.11
N LYS C 36 13.92 5.47 25.75
CA LYS C 36 12.74 4.79 25.21
C LYS C 36 11.48 5.62 25.45
N LEU C 37 11.35 6.18 26.65
CA LEU C 37 10.17 6.95 27.07
C LEU C 37 10.29 8.48 27.00
N THR C 38 9.17 9.16 26.76
CA THR C 38 9.08 10.61 26.81
C THR C 38 8.53 11.02 28.17
N PRO C 39 9.38 11.68 28.98
CA PRO C 39 9.11 11.98 30.39
C PRO C 39 8.38 13.29 30.65
N ALA C 40 7.82 13.43 31.85
CA ALA C 40 7.21 14.68 32.28
C ALA C 40 8.29 15.74 32.52
N GLN C 41 7.90 17.01 32.57
CA GLN C 41 8.90 18.06 32.77
C GLN C 41 9.34 18.17 34.23
N SER C 42 8.39 18.12 35.17
CA SER C 42 8.69 18.14 36.59
C SER C 42 8.45 16.77 37.25
N LYS C 43 9.38 16.36 38.11
CA LYS C 43 9.23 15.15 38.93
C LYS C 43 8.26 15.43 40.06
N ASN C 44 7.16 14.67 40.12
CA ASN C 44 6.09 14.95 41.08
C ASN C 44 5.18 13.74 41.35
N PRO C 45 5.72 12.74 42.07
CA PRO C 45 5.04 11.52 42.51
C PRO C 45 3.64 11.71 43.13
N ALA C 46 2.96 12.81 42.85
CA ALA C 46 1.63 13.04 43.43
C ALA C 46 0.59 13.43 42.38
N LYS C 47 1.08 13.97 41.26
CA LYS C 47 0.24 14.32 40.12
C LYS C 47 0.66 13.47 38.94
N ASN C 48 1.97 13.44 38.68
CA ASN C 48 2.55 12.71 37.55
C ASN C 48 1.87 11.39 37.17
N GLU C 49 1.61 11.23 35.86
CA GLU C 49 0.93 10.05 35.32
C GLU C 49 1.81 9.35 34.28
N LEU C 50 1.77 8.03 34.26
CA LEU C 50 2.47 7.27 33.23
C LEU C 50 1.44 6.74 32.24
N TYR C 51 1.62 7.06 30.97
CA TYR C 51 0.74 6.54 29.94
C TYR C 51 1.44 5.41 29.20
N LEU C 52 0.96 4.19 29.40
CA LEU C 52 1.41 3.06 28.62
C LEU C 52 0.57 2.95 27.35
N VAL C 53 1.16 3.34 26.22
CA VAL C 53 0.40 3.37 24.99
C VAL C 53 0.77 2.20 24.08
N GLU C 54 -0.26 1.57 23.53
CA GLU C 54 -0.13 0.48 22.55
C GLU C 54 0.33 1.04 21.22
N GLY C 55 1.62 0.86 20.91
CA GLY C 55 2.15 1.17 19.60
C GLY C 55 2.86 2.50 19.49
N ASP C 56 3.80 2.60 18.56
CA ASP C 56 4.47 3.87 18.31
C ASP C 56 3.53 4.89 17.71
N SER C 57 2.62 4.41 16.86
CA SER C 57 1.63 5.28 16.23
C SER C 57 0.91 6.14 17.26
N ALA C 58 0.16 5.49 18.15
CA ALA C 58 -0.50 6.20 19.24
C ALA C 58 0.49 6.83 20.22
N GLY C 59 1.60 6.14 20.49
CA GLY C 59 2.63 6.70 21.34
C GLY C 59 2.99 8.12 20.93
N GLY C 60 3.04 8.36 19.62
CA GLY C 60 3.36 9.65 19.05
C GLY C 60 2.24 10.68 19.11
N SER C 61 1.00 10.24 18.92
CA SER C 61 -0.17 11.11 19.03
C SER C 61 -0.40 11.55 20.48
N ALA C 62 0.10 10.77 21.43
CA ALA C 62 0.00 11.09 22.86
C ALA C 62 1.04 12.11 23.27
N LYS C 63 2.28 11.93 22.81
CA LYS C 63 3.35 12.92 23.00
C LYS C 63 2.85 14.30 22.58
N GLN C 64 2.18 14.38 21.43
CA GLN C 64 1.61 15.62 20.90
C GLN C 64 0.39 16.12 21.67
N GLY C 65 -0.53 15.21 21.94
CA GLY C 65 -1.79 15.56 22.57
C GLY C 65 -1.71 15.91 24.05
N ARG C 66 -0.65 15.47 24.72
CA ARG C 66 -0.58 15.49 26.19
C ARG C 66 -0.39 16.87 26.84
N ASP C 67 -0.26 16.84 28.16
CA ASP C 67 0.23 17.97 28.93
C ASP C 67 1.59 17.57 29.49
N ARG C 68 2.66 18.17 28.95
CA ARG C 68 4.01 17.72 29.25
C ARG C 68 4.47 17.93 30.72
N LYS C 69 3.77 18.80 31.44
CA LYS C 69 4.19 19.11 32.80
C LYS C 69 4.17 17.87 33.68
N PHE C 70 3.05 17.16 33.70
CA PHE C 70 2.90 16.03 34.61
C PHE C 70 2.57 14.72 33.89
N GLN C 71 2.72 14.69 32.57
CA GLN C 71 2.34 13.50 31.79
C GLN C 71 3.49 12.94 30.97
N ALA C 72 3.86 11.69 31.27
CA ALA C 72 4.89 10.99 30.51
C ALA C 72 4.27 9.94 29.57
N ILE C 73 5.01 9.58 28.53
CA ILE C 73 4.55 8.58 27.59
C ILE C 73 5.55 7.45 27.50
N LEU C 74 5.06 6.22 27.62
CA LEU C 74 5.91 5.05 27.44
C LEU C 74 5.24 4.13 26.43
N PRO C 75 5.73 4.17 25.19
CA PRO C 75 5.22 3.26 24.16
C PRO C 75 5.53 1.79 24.45
N LEU C 76 4.54 0.95 24.17
CA LEU C 76 4.74 -0.49 24.17
C LEU C 76 4.73 -0.96 22.73
N ARG C 77 5.89 -1.30 22.20
CA ARG C 77 5.99 -1.60 20.78
C ARG C 77 5.97 -3.10 20.56
N GLY C 78 4.77 -3.61 20.28
CA GLY C 78 4.57 -5.05 20.13
C GLY C 78 3.70 -5.59 21.26
N LYS C 79 3.32 -6.86 21.13
CA LYS C 79 2.51 -7.50 22.17
C LYS C 79 3.40 -7.75 23.37
N VAL C 80 2.96 -7.26 24.53
CA VAL C 80 3.69 -7.43 25.78
C VAL C 80 3.86 -8.89 26.13
N ILE C 81 5.00 -9.25 26.70
CA ILE C 81 5.23 -10.63 27.14
C ILE C 81 4.16 -11.09 28.14
N ASN C 82 3.93 -12.40 28.23
CA ASN C 82 3.02 -12.95 29.23
C ASN C 82 3.80 -13.40 30.45
N THR C 83 3.59 -12.71 31.57
CA THR C 83 4.35 -12.93 32.80
C THR C 83 3.78 -14.05 33.67
N ALA C 84 2.75 -14.74 33.18
CA ALA C 84 2.22 -15.92 33.84
C ALA C 84 2.73 -17.21 33.20
N LYS C 85 3.28 -17.08 32.00
CA LYS C 85 3.69 -18.23 31.20
C LYS C 85 5.20 -18.33 31.04
N ALA C 86 5.89 -17.21 31.10
CA ALA C 86 7.31 -17.18 30.73
C ALA C 86 8.19 -17.45 31.93
N LYS C 87 9.39 -17.96 31.68
CA LYS C 87 10.39 -18.19 32.72
C LYS C 87 10.88 -16.83 33.23
N MET C 88 11.01 -16.67 34.54
CA MET C 88 11.41 -15.38 35.11
C MET C 88 12.81 -14.99 34.62
N ALA C 89 13.49 -15.94 33.99
CA ALA C 89 14.76 -15.69 33.30
C ALA C 89 14.52 -14.70 32.15
N ASP C 90 13.77 -15.17 31.16
CA ASP C 90 13.36 -14.31 30.05
C ASP C 90 12.52 -13.11 30.52
N ILE C 91 11.53 -13.35 31.38
CA ILE C 91 10.66 -12.27 31.87
C ILE C 91 11.43 -10.99 32.19
N LEU C 92 12.65 -11.14 32.71
CA LEU C 92 13.44 -9.99 33.14
C LEU C 92 14.38 -9.46 32.04
N LYS C 93 14.77 -10.33 31.10
CA LYS C 93 15.58 -9.92 29.96
C LYS C 93 14.72 -9.29 28.84
N ASN C 94 13.58 -8.71 29.21
CA ASN C 94 12.64 -8.17 28.22
C ASN C 94 12.53 -6.64 28.24
N GLU C 95 12.86 -6.02 27.10
CA GLU C 95 12.92 -4.58 26.99
C GLU C 95 11.69 -3.84 27.56
N GLU C 96 10.49 -4.20 27.08
CA GLU C 96 9.30 -3.52 27.57
C GLU C 96 9.16 -3.65 29.09
N ILE C 97 9.47 -4.85 29.59
CA ILE C 97 9.40 -5.13 31.02
C ILE C 97 10.50 -4.42 31.84
N ASN C 98 11.72 -4.38 31.34
CA ASN C 98 12.82 -3.64 32.00
C ASN C 98 12.54 -2.15 32.13
N THR C 99 12.09 -1.53 31.04
CA THR C 99 11.90 -0.08 31.06
C THR C 99 10.63 0.34 31.81
N MET C 100 9.83 -0.62 32.26
CA MET C 100 8.71 -0.32 33.15
C MET C 100 9.17 -0.42 34.61
N ILE C 101 9.86 -1.52 34.95
CA ILE C 101 10.40 -1.67 36.29
C ILE C 101 11.26 -0.45 36.56
N TYR C 102 11.99 -0.03 35.53
CA TYR C 102 12.99 1.03 35.64
C TYR C 102 12.48 2.46 35.39
N THR C 103 11.29 2.59 34.80
CA THR C 103 10.71 3.90 34.53
C THR C 103 9.73 4.26 35.65
N ILE C 104 9.33 3.26 36.41
CA ILE C 104 8.40 3.44 37.52
C ILE C 104 9.22 3.56 38.79
N GLY C 105 10.45 3.04 38.71
CA GLY C 105 11.42 3.16 39.77
C GLY C 105 10.99 2.72 41.15
N ALA C 106 10.52 1.48 41.25
CA ALA C 106 10.15 0.89 42.54
C ALA C 106 10.60 -0.55 42.63
N GLY C 107 11.12 -1.09 41.52
CA GLY C 107 11.60 -2.47 41.49
C GLY C 107 10.50 -3.51 41.48
N VAL C 108 10.86 -4.79 41.33
CA VAL C 108 9.84 -5.79 41.05
C VAL C 108 9.69 -6.91 42.10
N GLY C 109 8.48 -7.47 42.18
CA GLY C 109 8.19 -8.55 43.10
C GLY C 109 7.89 -8.05 44.50
N ALA C 110 8.67 -8.52 45.47
CA ALA C 110 8.57 -8.03 46.84
C ALA C 110 9.67 -7.00 47.16
N ASP C 111 10.72 -6.98 46.34
CA ASP C 111 11.73 -5.92 46.38
C ASP C 111 11.09 -4.58 46.00
N PHE C 112 9.75 -4.58 45.97
CA PHE C 112 8.95 -3.48 45.41
C PHE C 112 8.41 -2.51 46.48
N SER C 113 8.92 -1.28 46.44
CA SER C 113 8.53 -0.24 47.38
C SER C 113 7.56 0.78 46.76
N ILE C 114 6.27 0.66 47.08
CA ILE C 114 5.25 1.58 46.56
C ILE C 114 5.54 3.02 46.97
N GLU C 115 6.20 3.18 48.11
CA GLU C 115 6.53 4.48 48.68
C GLU C 115 7.56 5.24 47.84
N ASP C 116 8.42 4.50 47.13
CA ASP C 116 9.46 5.11 46.29
C ASP C 116 9.04 5.18 44.81
N ALA C 117 7.73 5.16 44.57
CA ALA C 117 7.16 5.21 43.21
C ALA C 117 7.47 6.52 42.48
N ASN C 118 7.09 6.61 41.21
CA ASN C 118 7.37 7.81 40.40
C ASN C 118 6.12 8.49 39.85
N TYR C 119 4.98 7.83 39.98
CA TYR C 119 3.74 8.32 39.40
C TYR C 119 2.56 8.08 40.33
N ASP C 120 1.67 9.06 40.44
CA ASP C 120 0.43 8.90 41.20
C ASP C 120 -0.51 7.94 40.46
N LYS C 121 -0.57 8.11 39.14
CA LYS C 121 -1.42 7.28 38.29
C LYS C 121 -0.59 6.55 37.26
N ILE C 122 -1.11 5.41 36.82
CA ILE C 122 -0.49 4.66 35.73
C ILE C 122 -1.60 4.29 34.77
N ILE C 123 -1.53 4.85 33.58
CA ILE C 123 -2.63 4.69 32.63
C ILE C 123 -2.28 3.79 31.43
N ILE C 124 -3.05 2.72 31.25
CA ILE C 124 -2.93 1.84 30.10
C ILE C 124 -3.87 2.29 28.99
N MET C 125 -3.30 2.90 27.96
CA MET C 125 -4.09 3.45 26.88
C MET C 125 -3.88 2.61 25.63
N THR C 126 -4.87 1.78 25.28
CA THR C 126 -4.78 0.95 24.07
C THR C 126 -5.84 1.29 23.04
N ASP C 127 -5.70 0.71 21.86
CA ASP C 127 -6.72 0.82 20.82
C ASP C 127 -7.99 0.19 21.36
N ALA C 128 -9.13 0.71 20.92
CA ALA C 128 -10.41 0.13 21.30
C ALA C 128 -10.72 -1.10 20.44
N ASP C 129 -9.69 -1.78 19.96
CA ASP C 129 -9.90 -3.05 19.29
C ASP C 129 -9.67 -4.26 20.21
N THR C 130 -9.66 -5.45 19.62
CA THR C 130 -9.51 -6.65 20.38
C THR C 130 -8.08 -6.84 20.87
N ASP C 131 -7.11 -6.61 19.99
CA ASP C 131 -5.70 -6.67 20.37
C ASP C 131 -5.40 -5.61 21.41
N GLY C 132 -6.16 -4.52 21.40
CA GLY C 132 -6.04 -3.53 22.44
C GLY C 132 -6.41 -4.21 23.74
N ALA C 133 -7.56 -4.85 23.72
CA ALA C 133 -8.04 -5.63 24.84
C ALA C 133 -6.97 -6.62 25.32
N HIS C 134 -6.37 -7.32 24.37
CA HIS C 134 -5.36 -8.33 24.67
C HIS C 134 -4.15 -7.72 25.37
N ILE C 135 -3.79 -6.51 24.98
CA ILE C 135 -2.63 -5.86 25.58
C ILE C 135 -2.98 -5.41 26.98
N GLN C 136 -4.17 -4.87 27.17
CA GLN C 136 -4.62 -4.49 28.51
C GLN C 136 -4.50 -5.71 29.41
N THR C 137 -4.84 -6.86 28.84
CA THR C 137 -4.86 -8.13 29.55
C THR C 137 -3.47 -8.57 30.02
N LEU C 138 -2.47 -8.43 29.16
CA LEU C 138 -1.11 -8.84 29.50
C LEU C 138 -0.43 -7.88 30.48
N LEU C 139 -0.69 -6.58 30.30
CA LEU C 139 -0.20 -5.60 31.24
C LEU C 139 -0.77 -5.87 32.62
N LEU C 140 -2.09 -5.97 32.71
CA LEU C 140 -2.75 -6.26 33.99
C LEU C 140 -2.16 -7.46 34.73
N THR C 141 -1.91 -8.57 34.03
CA THR C 141 -1.36 -9.74 34.71
C THR C 141 0.04 -9.46 35.23
N PHE C 142 0.80 -8.66 34.51
CA PHE C 142 2.13 -8.28 34.98
C PHE C 142 2.08 -7.41 36.24
N PHE C 143 1.10 -6.51 36.31
CA PHE C 143 0.98 -5.59 37.44
C PHE C 143 0.42 -6.30 38.66
N TYR C 144 -0.31 -7.39 38.42
CA TYR C 144 -0.84 -8.20 39.50
C TYR C 144 0.22 -9.20 39.98
N ARG C 145 0.88 -9.86 39.04
CA ARG C 145 1.91 -10.83 39.39
C ARG C 145 3.14 -10.18 40.04
N TYR C 146 3.45 -8.94 39.67
CA TYR C 146 4.77 -8.38 40.01
C TYR C 146 4.80 -6.97 40.62
N MET C 147 3.64 -6.40 40.91
CA MET C 147 3.55 -5.08 41.54
C MET C 147 2.17 -4.92 42.15
N ARG C 148 1.75 -5.91 42.93
CA ARG C 148 0.39 -5.93 43.47
C ARG C 148 0.04 -4.62 44.18
N PRO C 149 0.96 -4.13 45.05
CA PRO C 149 0.81 -2.87 45.78
C PRO C 149 0.11 -1.82 44.93
N LEU C 150 0.56 -1.70 43.68
CA LEU C 150 0.00 -0.76 42.71
C LEU C 150 -1.46 -1.03 42.34
N VAL C 151 -1.82 -2.29 42.09
CA VAL C 151 -3.20 -2.60 41.72
C VAL C 151 -4.12 -2.53 42.93
N GLU C 152 -3.63 -2.98 44.09
CA GLU C 152 -4.39 -2.94 45.35
C GLU C 152 -4.43 -1.54 45.97
N ALA C 153 -3.55 -0.67 45.49
CA ALA C 153 -3.54 0.73 45.91
C ALA C 153 -4.43 1.61 45.02
N GLY C 154 -4.89 1.05 43.90
CA GLY C 154 -5.78 1.77 43.00
C GLY C 154 -5.09 2.82 42.14
N HIS C 155 -3.82 2.59 41.85
CA HIS C 155 -3.01 3.50 41.06
C HIS C 155 -3.02 3.12 39.56
N VAL C 156 -3.47 1.91 39.26
CA VAL C 156 -3.47 1.43 37.89
C VAL C 156 -4.83 1.63 37.25
N TYR C 157 -4.85 2.34 36.13
CA TYR C 157 -6.09 2.72 35.46
C TYR C 157 -6.08 2.26 34.01
N ILE C 158 -7.23 2.38 33.35
CA ILE C 158 -7.30 2.08 31.93
C ILE C 158 -8.11 3.14 31.21
N ALA C 159 -7.50 3.75 30.21
CA ALA C 159 -8.13 4.82 29.45
C ALA C 159 -9.31 4.31 28.64
N LEU C 160 -10.30 5.16 28.43
CA LEU C 160 -11.42 4.81 27.59
C LEU C 160 -11.50 5.79 26.43
N PRO C 161 -10.89 5.44 25.28
CA PRO C 161 -10.97 6.29 24.09
C PRO C 161 -12.38 6.23 23.55
N PRO C 162 -12.83 7.27 22.82
CA PRO C 162 -14.16 7.24 22.21
C PRO C 162 -14.18 6.25 21.03
N LEU C 163 -15.36 5.71 20.73
CA LEU C 163 -15.51 4.79 19.60
C LEU C 163 -16.10 5.50 18.37
N TYR C 164 -16.74 6.65 18.59
CA TYR C 164 -17.42 7.36 17.51
C TYR C 164 -17.33 8.89 17.62
N LYS C 165 -17.53 9.57 16.49
CA LYS C 165 -17.65 11.04 16.46
C LYS C 165 -18.86 11.50 15.63
N ALA C 177 -19.80 16.11 18.66
CA ALA C 177 -19.84 15.32 19.90
C ALA C 177 -19.15 13.96 19.76
N TYR C 178 -18.94 13.28 20.88
CA TYR C 178 -18.30 11.96 20.87
C TYR C 178 -19.13 10.93 21.62
N ALA C 179 -19.10 9.69 21.14
CA ALA C 179 -19.83 8.59 21.77
C ALA C 179 -18.92 7.40 22.06
N TRP C 180 -19.16 6.73 23.19
CA TRP C 180 -18.37 5.58 23.61
C TRP C 180 -19.07 4.24 23.39
N THR C 181 -20.39 4.27 23.31
CA THR C 181 -21.20 3.06 23.15
C THR C 181 -22.15 3.17 21.96
N ASP C 182 -22.34 2.06 21.25
CA ASP C 182 -23.34 2.00 20.20
C ASP C 182 -24.71 2.38 20.77
N GLY C 183 -24.79 2.42 22.10
CA GLY C 183 -25.99 2.84 22.79
C GLY C 183 -26.12 4.36 22.86
N GLU C 184 -25.05 5.04 23.25
CA GLU C 184 -25.07 6.51 23.31
C GLU C 184 -24.84 7.17 21.95
N LEU C 185 -24.78 6.35 20.90
CA LEU C 185 -24.60 6.85 19.54
C LEU C 185 -25.93 7.36 18.96
N GLU C 186 -26.84 6.44 18.67
CA GLU C 186 -28.14 6.80 18.08
C GLU C 186 -28.86 7.84 18.95
N GLU C 187 -28.44 7.95 20.20
CA GLU C 187 -28.91 9.00 21.09
C GLU C 187 -28.22 10.31 20.75
N LEU C 188 -27.07 10.20 20.07
CA LEU C 188 -26.33 11.36 19.57
C LEU C 188 -26.76 11.68 18.13
N ARG C 189 -27.60 10.81 17.57
CA ARG C 189 -28.14 11.02 16.23
C ARG C 189 -29.15 12.18 16.22
N LYS C 190 -29.29 12.83 17.37
CA LYS C 190 -30.13 14.00 17.51
C LYS C 190 -29.35 15.27 17.21
N LEU C 198 -20.87 9.89 11.21
CA LEU C 198 -20.15 9.09 12.19
C LEU C 198 -18.72 8.78 11.71
N GLN C 199 -17.73 9.02 12.56
CA GLN C 199 -16.35 8.69 12.24
C GLN C 199 -15.81 7.60 13.17
N ARG C 200 -16.15 6.34 12.88
CA ARG C 200 -15.76 5.20 13.72
C ARG C 200 -14.24 5.05 13.87
N TYR C 201 -13.73 5.19 15.09
CA TYR C 201 -12.28 5.17 15.32
C TYR C 201 -11.68 3.78 15.25
N LYS C 202 -11.03 3.48 14.12
CA LYS C 202 -10.37 2.20 13.90
C LYS C 202 -9.20 1.98 14.88
N GLY C 203 -8.83 3.05 15.60
CA GLY C 203 -7.75 2.97 16.57
C GLY C 203 -7.26 4.34 16.94
N LEU C 204 -6.43 4.45 18.00
CA LEU C 204 -5.95 5.74 18.48
C LEU C 204 -5.23 6.49 17.37
N GLY C 205 -4.61 5.72 16.47
CA GLY C 205 -3.95 6.26 15.29
C GLY C 205 -4.64 7.48 14.72
N GLU C 206 -5.79 7.27 14.08
CA GLU C 206 -6.49 8.33 13.34
C GLU C 206 -7.21 9.37 14.21
N MET C 207 -6.86 9.44 15.49
CA MET C 207 -7.35 10.55 16.30
C MET C 207 -6.29 11.66 16.28
N ASN C 208 -6.72 12.91 16.41
CA ASN C 208 -5.80 14.03 16.34
C ASN C 208 -5.64 14.74 17.69
N ALA C 209 -4.39 14.97 18.09
CA ALA C 209 -4.03 15.52 19.41
C ALA C 209 -5.06 16.44 20.06
N ASP C 210 -5.66 17.33 19.28
CA ASP C 210 -6.74 18.15 19.81
C ASP C 210 -7.81 17.25 20.42
N GLN C 211 -8.29 16.29 19.61
CA GLN C 211 -9.34 15.35 20.01
C GLN C 211 -8.92 14.42 21.15
N LEU C 212 -7.75 13.79 21.00
CA LEU C 212 -7.26 12.86 22.02
C LEU C 212 -7.18 13.50 23.40
N TRP C 213 -6.75 14.75 23.45
CA TRP C 213 -6.66 15.47 24.71
C TRP C 213 -8.03 15.64 25.35
N GLU C 214 -8.92 16.35 24.64
CA GLU C 214 -10.26 16.64 25.14
C GLU C 214 -11.02 15.36 25.55
N THR C 215 -10.94 14.35 24.68
CA THR C 215 -11.69 13.11 24.86
C THR C 215 -11.15 12.14 25.90
N THR C 216 -9.83 11.93 25.94
CA THR C 216 -9.31 10.86 26.79
C THR C 216 -8.06 11.14 27.66
N MET C 217 -7.37 12.25 27.44
CA MET C 217 -6.19 12.53 28.25
C MET C 217 -6.40 13.69 29.23
N ASN C 218 -7.39 14.52 28.93
CA ASN C 218 -7.70 15.65 29.78
C ASN C 218 -8.28 15.18 31.12
N PRO C 219 -7.53 15.38 32.21
CA PRO C 219 -7.98 14.91 33.53
C PRO C 219 -9.36 15.44 33.88
N GLU C 220 -9.75 16.57 33.28
CA GLU C 220 -11.04 17.18 33.56
C GLU C 220 -12.18 16.67 32.64
N THR C 221 -11.83 16.15 31.47
CA THR C 221 -12.82 15.73 30.49
C THR C 221 -12.85 14.20 30.22
N ARG C 222 -11.96 13.46 30.87
CA ARG C 222 -11.76 12.05 30.50
C ARG C 222 -12.48 11.05 31.41
N THR C 223 -13.00 9.99 30.81
CA THR C 223 -13.46 8.82 31.56
C THR C 223 -12.25 7.93 31.78
N LEU C 224 -12.24 7.20 32.89
CA LEU C 224 -10.99 6.56 33.31
C LEU C 224 -11.24 5.42 34.30
N ILE C 225 -11.00 4.17 33.86
CA ILE C 225 -11.29 3.00 34.70
C ILE C 225 -10.22 2.73 35.75
N ARG C 226 -10.67 2.49 36.97
CA ARG C 226 -9.77 2.23 38.07
C ARG C 226 -9.73 0.75 38.37
N VAL C 227 -8.55 0.15 38.29
CA VAL C 227 -8.41 -1.29 38.49
C VAL C 227 -8.25 -1.60 39.95
N THR C 228 -9.10 -2.49 40.45
CA THR C 228 -9.26 -2.72 41.87
C THR C 228 -9.43 -4.20 42.18
N ILE C 229 -8.48 -4.77 42.92
CA ILE C 229 -8.64 -6.14 43.41
C ILE C 229 -9.77 -6.22 44.45
N GLU C 230 -10.89 -6.86 44.08
CA GLU C 230 -12.03 -7.05 44.99
C GLU C 230 -11.93 -8.33 45.84
N ASP C 231 -11.72 -9.48 45.20
CA ASP C 231 -11.49 -10.74 45.91
C ASP C 231 -10.13 -11.35 45.52
N LEU C 232 -9.14 -11.19 46.39
CA LEU C 232 -7.80 -11.65 46.08
C LEU C 232 -7.77 -13.05 45.47
N ALA C 233 -8.56 -13.96 46.04
CA ALA C 233 -8.56 -15.36 45.62
C ALA C 233 -9.35 -15.61 44.33
N ARG C 234 -10.46 -14.89 44.13
CA ARG C 234 -11.23 -15.00 42.90
C ARG C 234 -10.45 -14.35 41.74
N ALA C 235 -9.53 -13.43 42.08
CA ALA C 235 -8.69 -12.75 41.10
C ALA C 235 -7.50 -13.59 40.65
N GLU C 236 -6.86 -14.28 41.59
CA GLU C 236 -5.74 -15.16 41.25
C GLU C 236 -6.19 -16.33 40.36
N ARG C 237 -7.39 -16.85 40.63
CA ARG C 237 -7.94 -17.97 39.86
C ARG C 237 -8.18 -17.47 38.45
N ARG C 238 -8.94 -16.39 38.34
CA ARG C 238 -9.22 -15.79 37.03
C ARG C 238 -7.96 -15.60 36.18
N VAL C 239 -6.99 -14.85 36.71
CA VAL C 239 -5.75 -14.58 35.99
C VAL C 239 -5.03 -15.84 35.54
N ASN C 240 -4.95 -16.83 36.43
CA ASN C 240 -4.16 -18.03 36.17
C ASN C 240 -4.82 -18.97 35.16
N VAL C 241 -6.13 -18.79 34.94
CA VAL C 241 -6.85 -19.62 33.96
C VAL C 241 -6.68 -19.04 32.57
N LEU C 242 -6.89 -17.73 32.47
CA LEU C 242 -6.79 -17.01 31.21
C LEU C 242 -5.36 -16.92 30.70
N MET C 243 -4.41 -16.74 31.61
CA MET C 243 -3.05 -16.42 31.21
C MET C 243 -1.96 -17.46 31.57
N GLY C 244 -2.36 -18.56 32.20
CA GLY C 244 -1.40 -19.55 32.67
C GLY C 244 -0.93 -20.60 31.68
N ASP C 245 0.07 -21.38 32.08
CA ASP C 245 0.67 -22.40 31.19
C ASP C 245 -0.32 -23.46 30.69
N LYS C 246 -1.37 -23.73 31.47
CA LYS C 246 -2.28 -24.83 31.16
C LYS C 246 -3.41 -24.46 30.20
N VAL C 247 -3.46 -25.11 29.04
CA VAL C 247 -4.45 -24.80 28.01
C VAL C 247 -5.87 -25.25 28.33
N GLU C 248 -6.02 -26.48 28.83
CA GLU C 248 -7.34 -27.11 28.94
C GLU C 248 -8.39 -26.32 29.75
N PRO C 249 -8.01 -25.77 30.92
CA PRO C 249 -8.95 -24.96 31.72
C PRO C 249 -9.37 -23.66 31.04
N ARG C 250 -8.44 -23.04 30.33
CA ARG C 250 -8.73 -21.89 29.48
C ARG C 250 -9.78 -22.24 28.44
N ARG C 251 -9.55 -23.33 27.70
CA ARG C 251 -10.52 -23.78 26.71
C ARG C 251 -11.88 -23.94 27.35
N LYS C 252 -11.90 -24.67 28.47
CA LYS C 252 -13.11 -24.87 29.26
C LYS C 252 -13.77 -23.54 29.54
N TRP C 253 -12.99 -22.61 30.12
CA TRP C 253 -13.48 -21.27 30.45
C TRP C 253 -14.10 -20.63 29.23
N ILE C 254 -13.39 -20.74 28.11
CA ILE C 254 -13.83 -20.12 26.87
C ILE C 254 -15.17 -20.69 26.44
N GLU C 255 -15.32 -22.01 26.51
CA GLU C 255 -16.58 -22.66 26.15
C GLU C 255 -17.72 -22.24 27.07
N ASP C 256 -17.43 -22.18 28.37
CA ASP C 256 -18.44 -21.86 29.37
C ASP C 256 -18.91 -20.41 29.24
N ASN C 257 -18.00 -19.52 28.83
CA ASN C 257 -18.26 -18.08 28.94
C ASN C 257 -18.41 -17.31 27.64
N VAL C 258 -17.75 -17.75 26.58
CA VAL C 258 -17.83 -17.08 25.31
C VAL C 258 -19.05 -17.53 24.48
N LYS C 259 -19.90 -16.58 24.12
CA LYS C 259 -21.11 -16.89 23.35
C LYS C 259 -20.93 -16.67 21.84
N PHE C 260 -20.66 -17.75 21.12
CA PHE C 260 -20.46 -17.67 19.67
C PHE C 260 -21.77 -17.45 18.89
N THR C 261 -22.89 -17.75 19.54
CA THR C 261 -24.23 -17.71 18.92
C THR C 261 -24.28 -18.64 17.70
N LYS D 36 26.42 -11.33 4.48
CA LYS D 36 26.04 -10.41 3.40
C LYS D 36 26.15 -11.08 2.02
N LEU D 37 27.32 -11.64 1.74
CA LEU D 37 27.64 -12.27 0.46
C LEU D 37 27.25 -13.75 0.37
N THR D 38 26.61 -14.13 -0.74
CA THR D 38 26.35 -15.52 -1.04
C THR D 38 27.51 -16.10 -1.89
N PRO D 39 28.37 -16.90 -1.25
CA PRO D 39 29.59 -17.40 -1.92
C PRO D 39 29.33 -18.50 -2.94
N ALA D 40 30.27 -18.69 -3.86
CA ALA D 40 30.22 -19.82 -4.78
C ALA D 40 30.62 -21.13 -4.06
N GLN D 41 30.03 -22.24 -4.45
CA GLN D 41 30.23 -23.49 -3.73
C GLN D 41 31.65 -24.05 -3.88
N SER D 42 32.42 -23.48 -4.79
CA SER D 42 33.78 -23.96 -5.03
C SER D 42 34.72 -22.84 -5.46
N LYS D 43 35.77 -22.61 -4.67
CA LYS D 43 36.80 -21.61 -4.99
C LYS D 43 37.51 -21.92 -6.30
N ASN D 44 37.81 -20.89 -7.07
CA ASN D 44 38.38 -21.05 -8.41
C ASN D 44 38.58 -19.71 -9.10
N PRO D 45 39.57 -18.92 -8.62
CA PRO D 45 39.83 -17.58 -9.17
C PRO D 45 40.03 -17.59 -10.69
N ALA D 46 39.47 -18.57 -11.39
CA ALA D 46 39.66 -18.68 -12.83
C ALA D 46 38.34 -18.82 -13.58
N LYS D 47 37.30 -19.26 -12.87
CA LYS D 47 35.97 -19.41 -13.44
C LYS D 47 34.97 -18.56 -12.66
N ASN D 48 35.11 -18.57 -11.33
CA ASN D 48 34.19 -17.88 -10.44
C ASN D 48 33.85 -16.44 -10.86
N GLU D 49 32.61 -16.04 -10.60
CA GLU D 49 32.11 -14.70 -10.93
C GLU D 49 31.47 -14.00 -9.74
N LEU D 50 31.67 -12.69 -9.65
CA LEU D 50 31.00 -11.92 -8.62
C LEU D 50 29.88 -11.09 -9.23
N TYR D 51 28.65 -11.35 -8.79
CA TYR D 51 27.51 -10.53 -9.18
C TYR D 51 27.22 -9.46 -8.13
N LEU D 52 27.42 -8.20 -8.50
CA LEU D 52 27.07 -7.06 -7.65
C LEU D 52 25.68 -6.56 -8.03
N VAL D 53 24.72 -6.84 -7.19
CA VAL D 53 23.33 -6.66 -7.55
C VAL D 53 22.72 -5.48 -6.79
N GLU D 54 21.96 -4.67 -7.51
CA GLU D 54 21.23 -3.57 -6.92
C GLU D 54 20.10 -4.12 -6.06
N GLY D 55 20.21 -3.93 -4.75
CA GLY D 55 19.12 -4.26 -3.83
C GLY D 55 18.97 -5.72 -3.48
N ASP D 56 18.29 -5.98 -2.36
CA ASP D 56 18.13 -7.33 -1.85
C ASP D 56 17.16 -8.16 -2.67
N SER D 57 16.02 -7.57 -3.02
CA SER D 57 15.02 -8.28 -3.81
C SER D 57 15.66 -8.98 -5.02
N ALA D 58 16.29 -8.21 -5.90
CA ALA D 58 16.98 -8.77 -7.06
C ALA D 58 18.19 -9.62 -6.65
N GLY D 59 18.86 -9.24 -5.56
CA GLY D 59 19.91 -10.08 -5.00
C GLY D 59 19.36 -11.43 -4.57
N GLY D 60 18.09 -11.47 -4.19
CA GLY D 60 17.43 -12.70 -3.78
C GLY D 60 17.08 -13.55 -4.98
N SER D 61 16.51 -12.93 -6.00
CA SER D 61 16.26 -13.58 -7.26
C SER D 61 17.57 -14.09 -7.90
N ALA D 62 18.65 -13.34 -7.72
CA ALA D 62 19.96 -13.78 -8.21
C ALA D 62 20.47 -15.00 -7.45
N LYS D 63 20.38 -14.99 -6.12
CA LYS D 63 20.70 -16.17 -5.32
C LYS D 63 19.99 -17.39 -5.93
N GLN D 64 18.67 -17.27 -6.07
CA GLN D 64 17.82 -18.30 -6.65
C GLN D 64 18.16 -18.71 -8.10
N GLY D 65 18.35 -17.75 -8.99
CA GLY D 65 18.63 -18.04 -10.39
C GLY D 65 20.03 -18.50 -10.79
N ARG D 66 21.01 -18.34 -9.89
CA ARG D 66 22.43 -18.55 -10.26
C ARG D 66 22.80 -20.01 -10.53
N ASP D 67 24.10 -20.25 -10.69
CA ASP D 67 24.67 -21.60 -10.70
C ASP D 67 25.63 -21.72 -9.51
N ARG D 68 25.13 -22.28 -8.41
CA ARG D 68 25.86 -22.26 -7.13
C ARG D 68 27.35 -22.53 -7.30
N LYS D 69 27.68 -23.38 -8.27
CA LYS D 69 29.03 -23.93 -8.39
C LYS D 69 30.11 -22.88 -8.68
N PHE D 70 29.75 -21.82 -9.41
CA PHE D 70 30.76 -20.82 -9.80
C PHE D 70 30.30 -19.35 -9.76
N GLN D 71 29.08 -19.09 -9.32
CA GLN D 71 28.56 -17.74 -9.29
C GLN D 71 28.21 -17.25 -7.88
N ALA D 72 28.92 -16.22 -7.44
CA ALA D 72 28.64 -15.60 -6.14
C ALA D 72 27.76 -14.36 -6.28
N ILE D 73 27.07 -13.98 -5.21
CA ILE D 73 26.22 -12.81 -5.25
C ILE D 73 26.60 -11.88 -4.10
N LEU D 74 26.82 -10.60 -4.42
CA LEU D 74 27.03 -9.61 -3.38
C LEU D 74 26.09 -8.45 -3.58
N PRO D 75 24.94 -8.48 -2.89
CA PRO D 75 23.95 -7.40 -2.95
C PRO D 75 24.50 -6.07 -2.47
N LEU D 76 24.32 -5.04 -3.30
CA LEU D 76 24.61 -3.66 -2.92
C LEU D 76 23.30 -3.00 -2.52
N ARG D 77 23.09 -2.88 -1.20
CA ARG D 77 21.83 -2.39 -0.68
C ARG D 77 21.91 -0.87 -0.51
N GLY D 78 21.36 -0.14 -1.48
CA GLY D 78 21.32 1.32 -1.41
C GLY D 78 22.26 1.95 -2.42
N LYS D 79 22.29 3.28 -2.46
CA LYS D 79 23.17 3.99 -3.38
C LYS D 79 24.62 3.96 -2.88
N VAL D 80 25.55 3.63 -3.76
CA VAL D 80 26.94 3.41 -3.37
C VAL D 80 27.72 4.70 -3.18
N ILE D 81 28.56 4.72 -2.15
CA ILE D 81 29.32 5.92 -1.81
C ILE D 81 30.12 6.47 -2.99
N ASN D 82 30.21 7.78 -3.08
CA ASN D 82 30.97 8.40 -4.16
C ASN D 82 32.45 8.50 -3.80
N THR D 83 33.26 7.70 -4.47
CA THR D 83 34.68 7.61 -4.13
C THR D 83 35.52 8.72 -4.78
N ALA D 84 34.87 9.56 -5.57
CA ALA D 84 35.53 10.73 -6.16
C ALA D 84 35.25 12.00 -5.35
N LYS D 85 34.17 11.98 -4.57
CA LYS D 85 33.77 13.15 -3.79
C LYS D 85 34.18 13.04 -2.33
N ALA D 86 34.10 11.83 -1.78
CA ALA D 86 34.23 11.64 -0.33
C ALA D 86 35.67 11.42 0.12
N LYS D 87 35.89 11.66 1.43
CA LYS D 87 37.22 11.58 2.04
C LYS D 87 37.60 10.14 2.39
N MET D 88 38.78 9.70 1.95
CA MET D 88 39.22 8.31 2.12
C MET D 88 38.96 7.72 3.52
N ALA D 89 38.71 8.60 4.48
CA ALA D 89 38.34 8.21 5.84
C ALA D 89 36.95 7.58 5.83
N ASP D 90 35.95 8.39 5.47
CA ASP D 90 34.59 7.92 5.30
C ASP D 90 34.51 6.74 4.31
N ILE D 91 35.36 6.74 3.29
CA ILE D 91 35.40 5.68 2.28
C ILE D 91 35.79 4.31 2.83
N LEU D 92 36.78 4.27 3.70
CA LEU D 92 37.23 3.00 4.27
C LEU D 92 36.27 2.56 5.39
N LYS D 93 35.41 3.48 5.80
CA LYS D 93 34.42 3.23 6.85
C LYS D 93 33.05 2.82 6.28
N ASN D 94 32.94 2.83 4.95
CA ASN D 94 31.69 2.49 4.26
C ASN D 94 31.48 0.99 4.12
N GLU D 95 30.43 0.46 4.76
CA GLU D 95 30.17 -0.97 4.80
C GLU D 95 30.37 -1.67 3.46
N GLU D 96 29.62 -1.24 2.44
CA GLU D 96 29.68 -1.90 1.13
C GLU D 96 31.08 -1.94 0.53
N ILE D 97 31.77 -0.80 0.50
CA ILE D 97 33.15 -0.72 0.02
C ILE D 97 34.06 -1.74 0.70
N ASN D 98 34.09 -1.71 2.03
CA ASN D 98 34.90 -2.65 2.80
C ASN D 98 34.56 -4.10 2.46
N THR D 99 33.28 -4.39 2.22
CA THR D 99 32.86 -5.75 1.92
C THR D 99 32.84 -6.08 0.42
N MET D 100 33.61 -5.32 -0.36
CA MET D 100 33.91 -5.72 -1.74
C MET D 100 35.41 -5.93 -1.80
N ILE D 101 36.14 -5.02 -1.14
CA ILE D 101 37.58 -5.16 -1.01
C ILE D 101 37.90 -6.50 -0.33
N TYR D 102 37.25 -6.75 0.81
CA TYR D 102 37.51 -7.97 1.60
C TYR D 102 36.75 -9.20 1.09
N THR D 103 36.23 -9.10 -0.13
CA THR D 103 35.43 -10.14 -0.78
C THR D 103 36.12 -10.58 -2.05
N ILE D 104 36.60 -9.60 -2.80
CA ILE D 104 37.41 -9.84 -3.99
C ILE D 104 38.81 -10.23 -3.55
N GLY D 105 39.13 -9.88 -2.31
CA GLY D 105 40.37 -10.28 -1.68
C GLY D 105 41.61 -9.91 -2.47
N ALA D 106 41.86 -8.61 -2.59
CA ALA D 106 43.10 -8.17 -3.21
C ALA D 106 43.48 -6.80 -2.67
N GLY D 107 42.82 -6.39 -1.59
CA GLY D 107 43.06 -5.07 -1.02
C GLY D 107 42.72 -3.95 -2.00
N VAL D 108 43.03 -2.71 -1.62
CA VAL D 108 42.64 -1.56 -2.40
C VAL D 108 43.84 -0.68 -2.79
N GLY D 109 43.66 0.15 -3.81
CA GLY D 109 44.67 1.12 -4.19
C GLY D 109 45.92 0.52 -4.81
N ALA D 110 47.06 1.14 -4.53
CA ALA D 110 48.33 0.70 -5.09
C ALA D 110 48.86 -0.53 -4.35
N ASP D 111 48.17 -0.87 -3.26
CA ASP D 111 48.48 -2.10 -2.54
C ASP D 111 47.61 -3.23 -3.11
N PHE D 112 47.23 -3.09 -4.37
CA PHE D 112 46.28 -3.99 -5.03
C PHE D 112 46.92 -5.07 -5.92
N SER D 113 46.84 -6.32 -5.46
CA SER D 113 47.46 -7.44 -6.16
C SER D 113 46.49 -8.20 -7.08
N ILE D 114 46.50 -7.90 -8.38
CA ILE D 114 45.58 -8.54 -9.34
C ILE D 114 45.62 -10.07 -9.29
N GLU D 115 46.82 -10.63 -9.28
CA GLU D 115 47.03 -12.08 -9.28
C GLU D 115 46.33 -12.80 -8.12
N ASP D 116 45.83 -12.03 -7.17
CA ASP D 116 45.22 -12.60 -5.98
C ASP D 116 43.69 -12.39 -5.95
N ALA D 117 43.13 -11.87 -7.05
CA ALA D 117 41.68 -11.75 -7.18
C ALA D 117 41.02 -13.11 -6.99
N ASN D 118 39.73 -13.13 -6.69
CA ASN D 118 39.03 -14.39 -6.43
C ASN D 118 38.09 -14.78 -7.55
N TYR D 119 37.91 -13.86 -8.48
CA TYR D 119 36.97 -14.04 -9.57
C TYR D 119 37.64 -13.46 -10.80
N ASP D 120 37.50 -14.13 -11.93
CA ASP D 120 38.07 -13.60 -13.17
C ASP D 120 37.02 -12.76 -13.91
N LYS D 121 35.82 -12.69 -13.33
CA LYS D 121 34.71 -11.95 -13.91
C LYS D 121 33.86 -11.28 -12.82
N ILE D 122 33.92 -9.95 -12.75
CA ILE D 122 33.10 -9.20 -11.80
C ILE D 122 31.93 -8.50 -12.50
N ILE D 123 30.73 -9.01 -12.28
CA ILE D 123 29.57 -8.57 -13.05
C ILE D 123 28.63 -7.60 -12.30
N ILE D 124 28.40 -6.42 -12.90
CA ILE D 124 27.51 -5.44 -12.32
C ILE D 124 26.11 -5.60 -12.88
N MET D 125 25.16 -5.92 -12.01
CA MET D 125 23.79 -6.21 -12.41
C MET D 125 22.81 -5.23 -11.74
N THR D 126 22.33 -4.28 -12.51
CA THR D 126 21.41 -3.26 -12.00
C THR D 126 20.11 -3.31 -12.77
N ASP D 127 19.08 -2.69 -12.23
CA ASP D 127 17.85 -2.49 -12.97
C ASP D 127 18.24 -1.74 -14.24
N ALA D 128 17.36 -1.74 -15.23
CA ALA D 128 17.58 -0.93 -16.42
C ALA D 128 17.08 0.52 -16.23
N ASP D 129 16.61 0.86 -15.03
CA ASP D 129 16.17 2.24 -14.75
C ASP D 129 17.33 3.23 -14.60
N THR D 130 17.01 4.50 -14.37
CA THR D 130 18.03 5.54 -14.31
C THR D 130 18.90 5.41 -13.07
N ASP D 131 18.28 5.11 -11.94
CA ASP D 131 19.03 4.87 -10.71
C ASP D 131 19.92 3.64 -10.84
N GLY D 132 19.59 2.75 -11.76
CA GLY D 132 20.48 1.65 -12.09
C GLY D 132 21.68 2.19 -12.85
N ALA D 133 21.41 3.02 -13.83
CA ALA D 133 22.45 3.71 -14.54
C ALA D 133 23.33 4.51 -13.58
N HIS D 134 22.73 4.97 -12.48
CA HIS D 134 23.50 5.74 -11.50
C HIS D 134 24.46 4.85 -10.74
N ILE D 135 23.94 3.77 -10.17
CA ILE D 135 24.76 2.81 -9.42
C ILE D 135 25.98 2.36 -10.23
N GLN D 136 25.79 2.12 -11.52
CA GLN D 136 26.88 1.68 -12.39
C GLN D 136 27.94 2.76 -12.42
N THR D 137 27.49 3.97 -12.68
CA THR D 137 28.33 5.15 -12.62
C THR D 137 29.20 5.24 -11.36
N LEU D 138 28.63 4.87 -10.22
CA LEU D 138 29.33 5.00 -8.96
C LEU D 138 30.29 3.84 -8.72
N LEU D 139 29.84 2.63 -9.05
CA LEU D 139 30.68 1.43 -8.95
C LEU D 139 31.91 1.55 -9.82
N LEU D 140 31.70 1.91 -11.09
CA LEU D 140 32.81 2.11 -12.02
C LEU D 140 33.85 3.10 -11.49
N THR D 141 33.42 4.28 -11.03
CA THR D 141 34.40 5.24 -10.51
C THR D 141 35.15 4.70 -9.28
N PHE D 142 34.58 3.69 -8.62
CA PHE D 142 35.32 3.02 -7.54
C PHE D 142 36.45 2.16 -8.09
N PHE D 143 36.11 1.21 -8.96
CA PHE D 143 37.10 0.31 -9.53
C PHE D 143 38.17 1.06 -10.28
N TYR D 144 37.76 2.11 -10.99
CA TYR D 144 38.71 2.95 -11.69
C TYR D 144 39.67 3.53 -10.67
N ARG D 145 39.14 4.23 -9.68
CA ARG D 145 39.98 4.93 -8.71
C ARG D 145 40.74 3.98 -7.75
N TYR D 146 40.22 2.79 -7.49
CA TYR D 146 40.81 1.97 -6.43
C TYR D 146 41.17 0.53 -6.82
N MET D 147 40.97 0.20 -8.08
CA MET D 147 41.34 -1.10 -8.62
C MET D 147 41.54 -0.99 -10.14
N ARG D 148 42.31 0.01 -10.56
CA ARG D 148 42.55 0.24 -11.98
C ARG D 148 43.02 -1.04 -12.67
N PRO D 149 43.95 -1.78 -12.01
CA PRO D 149 44.47 -3.07 -12.49
C PRO D 149 43.36 -4.03 -12.95
N LEU D 150 42.20 -3.92 -12.31
CA LEU D 150 41.08 -4.83 -12.55
C LEU D 150 40.28 -4.45 -13.78
N VAL D 151 39.94 -3.17 -13.89
CA VAL D 151 39.17 -2.70 -15.04
C VAL D 151 40.06 -2.87 -16.28
N GLU D 152 41.33 -2.55 -16.13
CA GLU D 152 42.25 -2.50 -17.27
C GLU D 152 42.66 -3.88 -17.78
N ALA D 153 42.39 -4.91 -17.00
CA ALA D 153 42.64 -6.28 -17.44
C ALA D 153 41.38 -6.90 -18.03
N GLY D 154 40.39 -6.03 -18.32
CA GLY D 154 39.14 -6.47 -18.91
C GLY D 154 38.33 -7.43 -18.05
N HIS D 155 38.44 -7.25 -16.73
CA HIS D 155 37.82 -8.14 -15.75
C HIS D 155 36.51 -7.57 -15.17
N VAL D 156 36.24 -6.30 -15.45
CA VAL D 156 35.05 -5.65 -14.88
C VAL D 156 33.94 -5.48 -15.93
N TYR D 157 32.82 -6.14 -15.69
CA TYR D 157 31.71 -6.25 -16.66
C TYR D 157 30.41 -5.56 -16.22
N ILE D 158 29.53 -5.34 -17.17
CA ILE D 158 28.18 -4.87 -16.85
C ILE D 158 27.15 -5.75 -17.54
N ALA D 159 26.25 -6.33 -16.76
CA ALA D 159 25.23 -7.21 -17.33
C ALA D 159 24.09 -6.40 -17.93
N LEU D 160 23.72 -6.76 -19.14
CA LEU D 160 22.59 -6.15 -19.81
C LEU D 160 21.38 -7.08 -19.66
N PRO D 161 20.42 -6.71 -18.81
CA PRO D 161 19.16 -7.45 -18.66
C PRO D 161 18.23 -7.02 -19.77
N PRO D 162 17.17 -7.79 -20.00
CA PRO D 162 16.19 -7.49 -21.07
C PRO D 162 15.17 -6.45 -20.62
N LEU D 163 14.77 -5.58 -21.53
CA LEU D 163 13.72 -4.62 -21.21
C LEU D 163 12.35 -5.23 -21.47
N TYR D 164 12.26 -6.15 -22.43
CA TYR D 164 10.96 -6.64 -22.91
C TYR D 164 10.79 -8.16 -23.00
N LYS D 165 9.52 -8.60 -22.99
CA LYS D 165 9.15 -10.00 -23.24
C LYS D 165 7.70 -10.03 -23.76
N MET D 166 7.46 -10.70 -24.89
CA MET D 166 6.14 -10.63 -25.56
C MET D 166 5.40 -11.98 -25.61
N ALA D 177 9.69 -14.90 -26.20
CA ALA D 177 11.05 -14.43 -26.42
C ALA D 177 11.36 -13.10 -25.69
N TYR D 178 12.54 -12.54 -25.95
CA TYR D 178 13.00 -11.33 -25.27
C TYR D 178 13.61 -10.30 -26.22
N ALA D 179 13.50 -9.03 -25.86
CA ALA D 179 14.10 -7.93 -26.62
C ALA D 179 14.81 -6.94 -25.70
N TRP D 180 15.95 -6.43 -26.15
CA TRP D 180 16.81 -5.61 -25.31
C TRP D 180 16.73 -4.12 -25.62
N THR D 181 16.41 -3.78 -26.87
CA THR D 181 16.30 -2.38 -27.29
C THR D 181 15.03 -2.19 -28.10
N ASP D 182 14.33 -1.09 -27.88
CA ASP D 182 13.09 -0.78 -28.61
C ASP D 182 13.15 -1.24 -30.07
N GLY D 183 14.32 -1.10 -30.68
CA GLY D 183 14.55 -1.56 -32.04
C GLY D 183 14.49 -3.08 -32.17
N GLU D 184 15.36 -3.77 -31.44
CA GLU D 184 15.31 -5.23 -31.38
C GLU D 184 13.90 -5.70 -31.02
N LEU D 185 13.14 -4.82 -30.38
CA LEU D 185 11.78 -5.15 -29.92
C LEU D 185 10.79 -5.29 -31.06
N GLU D 186 10.52 -4.18 -31.75
CA GLU D 186 9.51 -4.12 -32.79
C GLU D 186 9.63 -5.22 -33.85
N GLU D 187 10.84 -5.78 -33.99
CA GLU D 187 11.07 -6.87 -34.93
C GLU D 187 10.41 -8.17 -34.45
N LEU D 188 10.26 -8.30 -33.14
CA LEU D 188 9.59 -9.45 -32.53
C LEU D 188 8.07 -9.30 -32.55
N ARG D 189 7.62 -8.04 -32.70
CA ARG D 189 6.19 -7.73 -32.75
C ARG D 189 5.57 -8.20 -34.07
N LYS D 190 6.44 -8.51 -35.03
CA LYS D 190 6.00 -9.10 -36.28
C LYS D 190 5.60 -10.56 -36.04
N GLN D 191 6.23 -11.46 -36.79
CA GLN D 191 5.94 -12.89 -36.67
C GLN D 191 6.81 -13.55 -35.58
N LEU D 198 3.69 -7.45 -24.60
CA LEU D 198 4.99 -6.91 -24.19
C LEU D 198 5.08 -6.62 -22.68
N GLN D 199 5.59 -7.58 -21.92
CA GLN D 199 5.84 -7.35 -20.49
C GLN D 199 7.05 -6.45 -20.32
N ARG D 200 6.81 -5.16 -20.10
CA ARG D 200 7.90 -4.19 -19.89
C ARG D 200 8.54 -4.37 -18.51
N TYR D 201 9.62 -5.15 -18.42
CA TYR D 201 10.25 -5.42 -17.14
C TYR D 201 10.59 -4.12 -16.42
N LYS D 202 9.80 -3.81 -15.39
CA LYS D 202 9.94 -2.57 -14.64
C LYS D 202 11.27 -2.51 -13.89
N GLY D 203 11.91 -3.66 -13.74
CA GLY D 203 13.19 -3.76 -13.06
C GLY D 203 13.49 -5.22 -12.78
N LEU D 204 14.59 -5.49 -12.08
CA LEU D 204 15.03 -6.88 -11.82
C LEU D 204 14.08 -7.69 -10.91
N GLY D 205 13.53 -7.03 -9.91
CA GLY D 205 12.70 -7.68 -8.91
C GLY D 205 11.37 -8.17 -9.42
N GLU D 206 11.12 -7.95 -10.71
CA GLU D 206 9.88 -8.41 -11.35
C GLU D 206 10.12 -9.59 -12.31
N MET D 207 11.39 -9.98 -12.47
CA MET D 207 11.72 -11.17 -13.23
C MET D 207 11.78 -12.38 -12.29
N ASN D 208 11.47 -13.58 -12.81
CA ASN D 208 11.43 -14.81 -12.00
C ASN D 208 12.64 -15.71 -12.25
N ALA D 209 13.31 -16.09 -11.17
CA ALA D 209 14.61 -16.80 -11.21
C ALA D 209 14.97 -17.65 -12.44
N ASP D 210 14.01 -18.36 -13.03
CA ASP D 210 14.31 -19.17 -14.21
C ASP D 210 14.52 -18.26 -15.44
N GLN D 211 13.80 -17.13 -15.45
CA GLN D 211 13.93 -16.14 -16.52
C GLN D 211 15.25 -15.39 -16.40
N LEU D 212 15.57 -14.95 -15.19
CA LEU D 212 16.84 -14.29 -14.92
C LEU D 212 18.00 -15.11 -15.48
N TRP D 213 18.02 -16.39 -15.13
CA TRP D 213 19.12 -17.26 -15.50
C TRP D 213 19.32 -17.31 -16.99
N GLU D 214 18.21 -17.46 -17.71
CA GLU D 214 18.22 -17.67 -19.16
C GLU D 214 18.70 -16.46 -19.95
N THR D 215 18.36 -15.27 -19.47
CA THR D 215 18.58 -14.02 -20.19
C THR D 215 19.85 -13.25 -19.78
N THR D 216 20.19 -13.30 -18.49
CA THR D 216 21.28 -12.46 -18.00
C THR D 216 22.41 -13.24 -17.31
N MET D 217 22.08 -14.28 -16.57
CA MET D 217 23.09 -14.98 -15.76
C MET D 217 23.77 -16.16 -16.46
N ASN D 218 23.05 -16.88 -17.31
CA ASN D 218 23.63 -18.00 -18.04
C ASN D 218 24.71 -17.57 -19.04
N PRO D 219 25.96 -17.99 -18.81
CA PRO D 219 27.12 -17.51 -19.59
C PRO D 219 26.97 -17.78 -21.07
N GLU D 220 26.12 -18.75 -21.40
CA GLU D 220 25.85 -19.07 -22.79
C GLU D 220 24.80 -18.13 -23.41
N THR D 221 23.61 -18.07 -22.81
CA THR D 221 22.50 -17.31 -23.37
C THR D 221 22.46 -15.81 -23.00
N ARG D 222 23.60 -15.22 -22.64
CA ARG D 222 23.58 -13.87 -22.07
C ARG D 222 24.41 -12.84 -22.84
N THR D 223 23.88 -11.62 -22.92
CA THR D 223 24.66 -10.50 -23.43
C THR D 223 25.38 -9.86 -22.24
N LEU D 224 26.58 -9.34 -22.49
CA LEU D 224 27.47 -8.86 -21.42
C LEU D 224 28.43 -7.77 -21.92
N ILE D 225 28.36 -6.58 -21.35
CA ILE D 225 29.31 -5.51 -21.71
C ILE D 225 30.64 -5.73 -21.01
N ARG D 226 31.73 -5.57 -21.75
CA ARG D 226 33.06 -5.58 -21.12
C ARG D 226 33.55 -4.14 -21.06
N VAL D 227 34.01 -3.70 -19.88
CA VAL D 227 34.45 -2.32 -19.71
C VAL D 227 35.96 -2.19 -19.93
N THR D 228 36.32 -1.67 -21.12
CA THR D 228 37.71 -1.44 -21.50
C THR D 228 38.09 0.04 -21.43
N ILE D 229 39.29 0.34 -20.97
CA ILE D 229 39.83 1.70 -21.05
C ILE D 229 40.57 1.91 -22.38
N GLU D 230 40.24 3.00 -23.07
CA GLU D 230 40.86 3.29 -24.38
C GLU D 230 41.79 4.51 -24.35
N ASP D 231 41.59 5.38 -23.37
CA ASP D 231 42.36 6.62 -23.26
C ASP D 231 42.47 7.06 -21.80
N LEU D 232 43.48 6.52 -21.11
CA LEU D 232 43.74 6.84 -19.71
C LEU D 232 43.37 8.27 -19.35
N ALA D 233 43.98 9.22 -20.05
CA ALA D 233 43.76 10.65 -19.78
C ALA D 233 42.36 11.13 -20.13
N ARG D 234 41.79 10.61 -21.22
CA ARG D 234 40.46 11.03 -21.67
C ARG D 234 39.37 10.35 -20.86
N ALA D 235 39.77 9.33 -20.09
CA ALA D 235 38.85 8.65 -19.20
C ALA D 235 39.12 9.02 -17.75
N GLU D 236 40.13 9.86 -17.52
CA GLU D 236 40.28 10.47 -16.21
C GLU D 236 39.50 11.76 -16.20
N ARG D 237 39.54 12.50 -17.31
CA ARG D 237 38.83 13.76 -17.44
C ARG D 237 37.32 13.54 -17.32
N ARG D 238 36.81 12.52 -17.98
CA ARG D 238 35.37 12.24 -17.93
C ARG D 238 34.86 11.84 -16.55
N VAL D 239 35.69 11.16 -15.76
CA VAL D 239 35.28 10.75 -14.42
C VAL D 239 35.20 11.93 -13.43
N ASN D 240 36.13 12.88 -13.50
CA ASN D 240 36.11 14.04 -12.61
C ASN D 240 35.04 15.06 -12.94
N VAL D 241 34.84 15.34 -14.22
CA VAL D 241 33.76 16.24 -14.59
C VAL D 241 32.49 15.70 -13.92
N LEU D 242 32.25 14.39 -14.07
CA LEU D 242 30.97 13.79 -13.68
C LEU D 242 30.82 13.46 -12.19
N MET D 243 31.88 12.98 -11.56
CA MET D 243 31.76 12.46 -10.20
C MET D 243 32.51 13.24 -9.12
N GLY D 244 33.23 14.29 -9.52
CA GLY D 244 34.14 15.00 -8.62
C GLY D 244 33.59 16.20 -7.88
N ASP D 245 34.34 16.69 -6.89
CA ASP D 245 33.87 17.76 -6.01
C ASP D 245 33.31 18.99 -6.75
N LYS D 246 34.06 19.53 -7.69
CA LYS D 246 33.65 20.81 -8.32
C LYS D 246 32.35 20.68 -9.15
N VAL D 247 31.34 21.48 -8.79
CA VAL D 247 30.02 21.43 -9.44
C VAL D 247 29.91 22.12 -10.79
N GLU D 248 30.65 23.21 -10.98
CA GLU D 248 30.52 24.01 -12.20
C GLU D 248 30.80 23.22 -13.48
N PRO D 249 31.97 22.55 -13.57
CA PRO D 249 32.27 21.74 -14.75
C PRO D 249 31.16 20.73 -15.08
N ARG D 250 30.65 20.04 -14.05
CA ARG D 250 29.55 19.09 -14.23
C ARG D 250 28.29 19.75 -14.79
N ARG D 251 27.91 20.90 -14.23
CA ARG D 251 26.74 21.64 -14.74
C ARG D 251 26.97 21.94 -16.22
N LYS D 252 28.19 22.41 -16.55
CA LYS D 252 28.55 22.69 -17.93
C LYS D 252 28.39 21.45 -18.82
N TRP D 253 29.08 20.38 -18.49
CA TRP D 253 29.02 19.12 -19.24
C TRP D 253 27.59 18.68 -19.57
N ILE D 254 26.70 18.78 -18.59
CA ILE D 254 25.28 18.50 -18.82
C ILE D 254 24.68 19.41 -19.89
N GLU D 255 24.89 20.72 -19.77
CA GLU D 255 24.34 21.68 -20.72
C GLU D 255 24.86 21.43 -22.14
N ASP D 256 26.09 20.95 -22.23
CA ASP D 256 26.75 20.69 -23.51
C ASP D 256 26.36 19.36 -24.11
N ASN D 257 26.13 18.36 -23.27
CA ASN D 257 25.88 17.01 -23.75
C ASN D 257 24.46 16.44 -23.59
N VAL D 258 23.64 17.00 -22.71
CA VAL D 258 22.29 16.46 -22.52
C VAL D 258 21.24 17.25 -23.29
N LYS D 259 20.56 16.57 -24.21
CA LYS D 259 19.48 17.22 -24.97
C LYS D 259 18.13 17.09 -24.25
N PHE D 260 17.73 18.18 -23.60
CA PHE D 260 16.42 18.29 -22.97
C PHE D 260 15.31 18.43 -24.03
N THR D 261 15.69 18.56 -25.30
CA THR D 261 14.79 18.81 -26.44
C THR D 261 13.78 19.91 -26.14
#